data_3QDP
# 
_entry.id   3QDP 
# 
_audit_conform.dict_name       mmcif_pdbx.dic 
_audit_conform.dict_version    5.403 
_audit_conform.dict_location   http://mmcif.pdb.org/dictionaries/ascii/mmcif_pdbx.dic 
# 
loop_
_database_2.database_id 
_database_2.database_code 
_database_2.pdbx_database_accession 
_database_2.pdbx_DOI 
PDB   3QDP         pdb_00003qdp 10.2210/pdb3qdp/pdb 
RCSB  RCSB063514   ?            ?                   
WWPDB D_1000063514 ?            ?                   
# 
loop_
_pdbx_audit_revision_history.ordinal 
_pdbx_audit_revision_history.data_content_type 
_pdbx_audit_revision_history.major_revision 
_pdbx_audit_revision_history.minor_revision 
_pdbx_audit_revision_history.revision_date 
_pdbx_audit_revision_history.part_number 
1 'Structure model' 1 0 2012-01-25 ? 
2 'Structure model' 1 1 2012-05-09 ? 
3 'Structure model' 1 2 2012-06-20 ? 
4 'Structure model' 1 3 2025-03-26 ? 
# 
_pdbx_audit_revision_details.ordinal             1 
_pdbx_audit_revision_details.revision_ordinal    1 
_pdbx_audit_revision_details.data_content_type   'Structure model' 
_pdbx_audit_revision_details.provider            repository 
_pdbx_audit_revision_details.type                'Initial release' 
_pdbx_audit_revision_details.description         ? 
_pdbx_audit_revision_details.details             ? 
# 
loop_
_pdbx_audit_revision_group.ordinal 
_pdbx_audit_revision_group.revision_ordinal 
_pdbx_audit_revision_group.data_content_type 
_pdbx_audit_revision_group.group 
1 2 'Structure model' 'Database references'  
2 3 'Structure model' 'Database references'  
3 4 'Structure model' 'Data collection'      
4 4 'Structure model' 'Database references'  
5 4 'Structure model' 'Derived calculations' 
6 4 'Structure model' 'Structure summary'    
# 
loop_
_pdbx_audit_revision_category.ordinal 
_pdbx_audit_revision_category.revision_ordinal 
_pdbx_audit_revision_category.data_content_type 
_pdbx_audit_revision_category.category 
1 4 'Structure model' chem_comp_atom            
2 4 'Structure model' chem_comp_bond            
3 4 'Structure model' database_2                
4 4 'Structure model' pdbx_entry_details        
5 4 'Structure model' pdbx_modification_feature 
6 4 'Structure model' struct_conn               
7 4 'Structure model' struct_ref_seq_dif        
8 4 'Structure model' struct_site               
# 
loop_
_pdbx_audit_revision_item.ordinal 
_pdbx_audit_revision_item.revision_ordinal 
_pdbx_audit_revision_item.data_content_type 
_pdbx_audit_revision_item.item 
1 4 'Structure model' '_database_2.pdbx_DOI'                
2 4 'Structure model' '_database_2.pdbx_database_accession' 
3 4 'Structure model' '_struct_conn.pdbx_leaving_atom_flag' 
4 4 'Structure model' '_struct_ref_seq_dif.details'         
5 4 'Structure model' '_struct_site.pdbx_auth_asym_id'      
6 4 'Structure model' '_struct_site.pdbx_auth_comp_id'      
7 4 'Structure model' '_struct_site.pdbx_auth_seq_id'       
# 
_pdbx_database_status.status_code                     REL 
_pdbx_database_status.entry_id                        3QDP 
_pdbx_database_status.recvd_initial_deposition_date   2011-01-19 
_pdbx_database_status.deposit_site                    RCSB 
_pdbx_database_status.process_site                    RCSB 
_pdbx_database_status.status_code_sf                  REL 
_pdbx_database_status.status_code_mr                  ? 
_pdbx_database_status.SG_entry                        ? 
_pdbx_database_status.status_code_cs                  ? 
_pdbx_database_status.methods_development_category    ? 
_pdbx_database_status.pdb_format_compatible           Y 
_pdbx_database_status.status_code_nmr_data            ? 
# 
_pdbx_database_related.db_name        PDB 
_pdbx_database_related.db_id          3QDR 
_pdbx_database_related.details        . 
_pdbx_database_related.content_type   unspecified 
# 
_audit_author.name           'Li, C.' 
_audit_author.pdbx_ordinal   1 
# 
_citation.id                        primary 
_citation.title                     
'Structural Evidence That Colicin A Protein Binds to a Novel Binding Site of TolA Protein in Escherichia coli Periplasm.' 
_citation.journal_abbrev            J.Biol.Chem. 
_citation.journal_volume            287 
_citation.page_first                19048 
_citation.page_last                 19057 
_citation.year                      2012 
_citation.journal_id_ASTM           JBCHA3 
_citation.country                   US 
_citation.journal_id_ISSN           0021-9258 
_citation.journal_id_CSD            0071 
_citation.book_publisher            ? 
_citation.pdbx_database_id_PubMed   22493500 
_citation.pdbx_database_id_DOI      10.1074/jbc.M112.342246 
# 
loop_
_citation_author.citation_id 
_citation_author.name 
_citation_author.ordinal 
_citation_author.identifier_ORCID 
primary 'Li, C.'            1 ? 
primary 'Zhang, Y.'         2 ? 
primary 'Vankemmelbeke, M.' 3 ? 
primary 'Hecht, O.'         4 ? 
primary 'Aleanizy, F.S.'    5 ? 
primary 'Macdonald, C.'     6 ? 
primary 'Moore, G.R.'       7 ? 
primary 'James, R.'         8 ? 
primary 'Penfold, C.N.'     9 ? 
# 
loop_
_entity.id 
_entity.type 
_entity.src_method 
_entity.pdbx_description 
_entity.formula_weight 
_entity.pdbx_number_of_molecules 
_entity.pdbx_ec 
_entity.pdbx_mutation 
_entity.pdbx_fragment 
_entity.details 
1 polymer     man 'Protein tolA' 13180.879 1  ? ? 'TolA domain III, residues 302-421' ? 
2 non-polymer syn 'NITRATE ION'  62.005    2  ? ? ?                                   ? 
3 water       nat water          18.015    43 ? ? ?                                   ? 
# 
_entity_poly.entity_id                      1 
_entity_poly.type                           'polypeptide(L)' 
_entity_poly.nstd_linkage                   no 
_entity_poly.nstd_monomer                   yes 
_entity_poly.pdbx_seq_one_letter_code       
;HHHHHHMSSGKNAPKTGGGAKGNNASPAGSGNTKNNGASGADINNYAGQI(MLY)SAIES(MLZ)FYDASSYAGKTCTLR
IKLAPDGMLLDIKPEGGDPALCQAALAAAKLAKIPKPPSQAVYEVF(MLY)NAPLDFKP
;
_entity_poly.pdbx_seq_one_letter_code_can   
;HHHHHHMSSGKNAPKTGGGAKGNNASPAGSGNTKNNGASGADINNYAGQIKSAIESKFYDASSYAGKTCTLRIKLAPDGM
LLDIKPEGGDPALCQAALAAAKLAKIPKPPSQAVYEVFKNAPLDFKP
;
_entity_poly.pdbx_strand_id                 A 
_entity_poly.pdbx_target_identifier         ? 
# 
loop_
_pdbx_entity_nonpoly.entity_id 
_pdbx_entity_nonpoly.name 
_pdbx_entity_nonpoly.comp_id 
2 'NITRATE ION' NO3 
3 water         HOH 
# 
loop_
_entity_poly_seq.entity_id 
_entity_poly_seq.num 
_entity_poly_seq.mon_id 
_entity_poly_seq.hetero 
1 1   HIS n 
1 2   HIS n 
1 3   HIS n 
1 4   HIS n 
1 5   HIS n 
1 6   HIS n 
1 7   MET n 
1 8   SER n 
1 9   SER n 
1 10  GLY n 
1 11  LYS n 
1 12  ASN n 
1 13  ALA n 
1 14  PRO n 
1 15  LYS n 
1 16  THR n 
1 17  GLY n 
1 18  GLY n 
1 19  GLY n 
1 20  ALA n 
1 21  LYS n 
1 22  GLY n 
1 23  ASN n 
1 24  ASN n 
1 25  ALA n 
1 26  SER n 
1 27  PRO n 
1 28  ALA n 
1 29  GLY n 
1 30  SER n 
1 31  GLY n 
1 32  ASN n 
1 33  THR n 
1 34  LYS n 
1 35  ASN n 
1 36  ASN n 
1 37  GLY n 
1 38  ALA n 
1 39  SER n 
1 40  GLY n 
1 41  ALA n 
1 42  ASP n 
1 43  ILE n 
1 44  ASN n 
1 45  ASN n 
1 46  TYR n 
1 47  ALA n 
1 48  GLY n 
1 49  GLN n 
1 50  ILE n 
1 51  MLY n 
1 52  SER n 
1 53  ALA n 
1 54  ILE n 
1 55  GLU n 
1 56  SER n 
1 57  MLZ n 
1 58  PHE n 
1 59  TYR n 
1 60  ASP n 
1 61  ALA n 
1 62  SER n 
1 63  SER n 
1 64  TYR n 
1 65  ALA n 
1 66  GLY n 
1 67  LYS n 
1 68  THR n 
1 69  CYS n 
1 70  THR n 
1 71  LEU n 
1 72  ARG n 
1 73  ILE n 
1 74  LYS n 
1 75  LEU n 
1 76  ALA n 
1 77  PRO n 
1 78  ASP n 
1 79  GLY n 
1 80  MET n 
1 81  LEU n 
1 82  LEU n 
1 83  ASP n 
1 84  ILE n 
1 85  LYS n 
1 86  PRO n 
1 87  GLU n 
1 88  GLY n 
1 89  GLY n 
1 90  ASP n 
1 91  PRO n 
1 92  ALA n 
1 93  LEU n 
1 94  CYS n 
1 95  GLN n 
1 96  ALA n 
1 97  ALA n 
1 98  LEU n 
1 99  ALA n 
1 100 ALA n 
1 101 ALA n 
1 102 LYS n 
1 103 LEU n 
1 104 ALA n 
1 105 LYS n 
1 106 ILE n 
1 107 PRO n 
1 108 LYS n 
1 109 PRO n 
1 110 PRO n 
1 111 SER n 
1 112 GLN n 
1 113 ALA n 
1 114 VAL n 
1 115 TYR n 
1 116 GLU n 
1 117 VAL n 
1 118 PHE n 
1 119 MLY n 
1 120 ASN n 
1 121 ALA n 
1 122 PRO n 
1 123 LEU n 
1 124 ASP n 
1 125 PHE n 
1 126 LYS n 
1 127 PRO n 
# 
_entity_src_gen.entity_id                          1 
_entity_src_gen.pdbx_src_id                        1 
_entity_src_gen.pdbx_alt_source_flag               sample 
_entity_src_gen.pdbx_seq_type                      ? 
_entity_src_gen.pdbx_beg_seq_num                   ? 
_entity_src_gen.pdbx_end_seq_num                   ? 
_entity_src_gen.gene_src_common_name               ? 
_entity_src_gen.gene_src_genus                     ? 
_entity_src_gen.pdbx_gene_src_gene                 'tolA, cim, excC, lky, b0739, JW0729' 
_entity_src_gen.gene_src_species                   ? 
_entity_src_gen.gene_src_strain                    K-12 
_entity_src_gen.gene_src_tissue                    ? 
_entity_src_gen.gene_src_tissue_fraction           ? 
_entity_src_gen.gene_src_details                   ? 
_entity_src_gen.pdbx_gene_src_fragment             ? 
_entity_src_gen.pdbx_gene_src_scientific_name      'Escherichia coli' 
_entity_src_gen.pdbx_gene_src_ncbi_taxonomy_id     83333 
_entity_src_gen.pdbx_gene_src_variant              ? 
_entity_src_gen.pdbx_gene_src_cell_line            ? 
_entity_src_gen.pdbx_gene_src_atcc                 ? 
_entity_src_gen.pdbx_gene_src_organ                ? 
_entity_src_gen.pdbx_gene_src_organelle            ? 
_entity_src_gen.pdbx_gene_src_cell                 ? 
_entity_src_gen.pdbx_gene_src_cellular_location    ? 
_entity_src_gen.host_org_common_name               ? 
_entity_src_gen.pdbx_host_org_scientific_name      'Escherichia coli' 
_entity_src_gen.pdbx_host_org_ncbi_taxonomy_id     469008 
_entity_src_gen.host_org_genus                     ? 
_entity_src_gen.pdbx_host_org_gene                 ? 
_entity_src_gen.pdbx_host_org_organ                ? 
_entity_src_gen.host_org_species                   ? 
_entity_src_gen.pdbx_host_org_tissue               ? 
_entity_src_gen.pdbx_host_org_tissue_fraction      ? 
_entity_src_gen.pdbx_host_org_strain               'BL21(DE3)' 
_entity_src_gen.pdbx_host_org_variant              ? 
_entity_src_gen.pdbx_host_org_cell_line            ? 
_entity_src_gen.pdbx_host_org_atcc                 ? 
_entity_src_gen.pdbx_host_org_culture_collection   ? 
_entity_src_gen.pdbx_host_org_cell                 ? 
_entity_src_gen.pdbx_host_org_organelle            ? 
_entity_src_gen.pdbx_host_org_cellular_location    ? 
_entity_src_gen.pdbx_host_org_vector_type          plasmid 
_entity_src_gen.pdbx_host_org_vector               ? 
_entity_src_gen.host_org_details                   ? 
_entity_src_gen.expression_system_id               ? 
_entity_src_gen.plasmid_name                       pET21A 
_entity_src_gen.plasmid_details                    ? 
_entity_src_gen.pdbx_description                   ? 
# 
loop_
_chem_comp.id 
_chem_comp.type 
_chem_comp.mon_nstd_flag 
_chem_comp.name 
_chem_comp.pdbx_synonyms 
_chem_comp.formula 
_chem_comp.formula_weight 
ALA 'L-peptide linking' y ALANINE           ? 'C3 H7 N O2'     89.093  
ARG 'L-peptide linking' y ARGININE          ? 'C6 H15 N4 O2 1' 175.209 
ASN 'L-peptide linking' y ASPARAGINE        ? 'C4 H8 N2 O3'    132.118 
ASP 'L-peptide linking' y 'ASPARTIC ACID'   ? 'C4 H7 N O4'     133.103 
CYS 'L-peptide linking' y CYSTEINE          ? 'C3 H7 N O2 S'   121.158 
GLN 'L-peptide linking' y GLUTAMINE         ? 'C5 H10 N2 O3'   146.144 
GLU 'L-peptide linking' y 'GLUTAMIC ACID'   ? 'C5 H9 N O4'     147.129 
GLY 'peptide linking'   y GLYCINE           ? 'C2 H5 N O2'     75.067  
HIS 'L-peptide linking' y HISTIDINE         ? 'C6 H10 N3 O2 1' 156.162 
HOH non-polymer         . WATER             ? 'H2 O'           18.015  
ILE 'L-peptide linking' y ISOLEUCINE        ? 'C6 H13 N O2'    131.173 
LEU 'L-peptide linking' y LEUCINE           ? 'C6 H13 N O2'    131.173 
LYS 'L-peptide linking' y LYSINE            ? 'C6 H15 N2 O2 1' 147.195 
MET 'L-peptide linking' y METHIONINE        ? 'C5 H11 N O2 S'  149.211 
MLY 'L-peptide linking' n N-DIMETHYL-LYSINE ? 'C8 H18 N2 O2'   174.241 
MLZ 'L-peptide linking' n N-METHYL-LYSINE   ? 'C7 H16 N2 O2'   160.214 
NO3 non-polymer         . 'NITRATE ION'     ? 'N O3 -1'        62.005  
PHE 'L-peptide linking' y PHENYLALANINE     ? 'C9 H11 N O2'    165.189 
PRO 'L-peptide linking' y PROLINE           ? 'C5 H9 N O2'     115.130 
SER 'L-peptide linking' y SERINE            ? 'C3 H7 N O3'     105.093 
THR 'L-peptide linking' y THREONINE         ? 'C4 H9 N O3'     119.119 
TYR 'L-peptide linking' y TYROSINE          ? 'C9 H11 N O3'    181.189 
VAL 'L-peptide linking' y VALINE            ? 'C5 H11 N O2'    117.146 
# 
loop_
_pdbx_poly_seq_scheme.asym_id 
_pdbx_poly_seq_scheme.entity_id 
_pdbx_poly_seq_scheme.seq_id 
_pdbx_poly_seq_scheme.mon_id 
_pdbx_poly_seq_scheme.ndb_seq_num 
_pdbx_poly_seq_scheme.pdb_seq_num 
_pdbx_poly_seq_scheme.auth_seq_num 
_pdbx_poly_seq_scheme.pdb_mon_id 
_pdbx_poly_seq_scheme.auth_mon_id 
_pdbx_poly_seq_scheme.pdb_strand_id 
_pdbx_poly_seq_scheme.pdb_ins_code 
_pdbx_poly_seq_scheme.hetero 
A 1 1   HIS 1   295 ?   ?   ?   A . n 
A 1 2   HIS 2   296 ?   ?   ?   A . n 
A 1 3   HIS 3   297 ?   ?   ?   A . n 
A 1 4   HIS 4   298 ?   ?   ?   A . n 
A 1 5   HIS 5   299 ?   ?   ?   A . n 
A 1 6   HIS 6   300 ?   ?   ?   A . n 
A 1 7   MET 7   301 ?   ?   ?   A . n 
A 1 8   SER 8   302 ?   ?   ?   A . n 
A 1 9   SER 9   303 ?   ?   ?   A . n 
A 1 10  GLY 10  304 ?   ?   ?   A . n 
A 1 11  LYS 11  305 ?   ?   ?   A . n 
A 1 12  ASN 12  306 ?   ?   ?   A . n 
A 1 13  ALA 13  307 ?   ?   ?   A . n 
A 1 14  PRO 14  308 ?   ?   ?   A . n 
A 1 15  LYS 15  309 ?   ?   ?   A . n 
A 1 16  THR 16  310 ?   ?   ?   A . n 
A 1 17  GLY 17  311 ?   ?   ?   A . n 
A 1 18  GLY 18  312 ?   ?   ?   A . n 
A 1 19  GLY 19  313 ?   ?   ?   A . n 
A 1 20  ALA 20  314 ?   ?   ?   A . n 
A 1 21  LYS 21  315 ?   ?   ?   A . n 
A 1 22  GLY 22  316 ?   ?   ?   A . n 
A 1 23  ASN 23  317 ?   ?   ?   A . n 
A 1 24  ASN 24  318 ?   ?   ?   A . n 
A 1 25  ALA 25  319 ?   ?   ?   A . n 
A 1 26  SER 26  320 ?   ?   ?   A . n 
A 1 27  PRO 27  321 ?   ?   ?   A . n 
A 1 28  ALA 28  322 ?   ?   ?   A . n 
A 1 29  GLY 29  323 ?   ?   ?   A . n 
A 1 30  SER 30  324 ?   ?   ?   A . n 
A 1 31  GLY 31  325 ?   ?   ?   A . n 
A 1 32  ASN 32  326 ?   ?   ?   A . n 
A 1 33  THR 33  327 ?   ?   ?   A . n 
A 1 34  LYS 34  328 ?   ?   ?   A . n 
A 1 35  ASN 35  329 ?   ?   ?   A . n 
A 1 36  ASN 36  330 ?   ?   ?   A . n 
A 1 37  GLY 37  331 ?   ?   ?   A . n 
A 1 38  ALA 38  332 ?   ?   ?   A . n 
A 1 39  SER 39  333 ?   ?   ?   A . n 
A 1 40  GLY 40  334 334 GLY GLY A . n 
A 1 41  ALA 41  335 335 ALA ALA A . n 
A 1 42  ASP 42  336 336 ASP ASP A . n 
A 1 43  ILE 43  337 337 ILE ILE A . n 
A 1 44  ASN 44  338 338 ASN ASN A . n 
A 1 45  ASN 45  339 339 ASN ASN A . n 
A 1 46  TYR 46  340 340 TYR TYR A . n 
A 1 47  ALA 47  341 341 ALA ALA A . n 
A 1 48  GLY 48  342 342 GLY GLY A . n 
A 1 49  GLN 49  343 343 GLN GLN A . n 
A 1 50  ILE 50  344 344 ILE ILE A . n 
A 1 51  MLY 51  345 345 MLY MLY A . n 
A 1 52  SER 52  346 346 SER SER A . n 
A 1 53  ALA 53  347 347 ALA ALA A . n 
A 1 54  ILE 54  348 348 ILE ILE A . n 
A 1 55  GLU 55  349 349 GLU GLU A . n 
A 1 56  SER 56  350 350 SER SER A . n 
A 1 57  MLZ 57  351 351 MLZ MLZ A . n 
A 1 58  PHE 58  352 352 PHE PHE A . n 
A 1 59  TYR 59  353 353 TYR TYR A . n 
A 1 60  ASP 60  354 354 ASP ASP A . n 
A 1 61  ALA 61  355 355 ALA ALA A . n 
A 1 62  SER 62  356 356 SER SER A . n 
A 1 63  SER 63  357 357 SER SER A . n 
A 1 64  TYR 64  358 358 TYR TYR A . n 
A 1 65  ALA 65  359 359 ALA ALA A . n 
A 1 66  GLY 66  360 360 GLY GLY A . n 
A 1 67  LYS 67  361 361 LYS LYS A . n 
A 1 68  THR 68  362 362 THR THR A . n 
A 1 69  CYS 69  363 363 CYS CYS A . n 
A 1 70  THR 70  364 364 THR THR A . n 
A 1 71  LEU 71  365 365 LEU LEU A . n 
A 1 72  ARG 72  366 366 ARG ARG A . n 
A 1 73  ILE 73  367 367 ILE ILE A . n 
A 1 74  LYS 74  368 368 LYS LYS A . n 
A 1 75  LEU 75  369 369 LEU LEU A . n 
A 1 76  ALA 76  370 370 ALA ALA A . n 
A 1 77  PRO 77  371 371 PRO PRO A . n 
A 1 78  ASP 78  372 372 ASP ASP A . n 
A 1 79  GLY 79  373 373 GLY GLY A . n 
A 1 80  MET 80  374 374 MET MET A . n 
A 1 81  LEU 81  375 375 LEU LEU A . n 
A 1 82  LEU 82  376 376 LEU LEU A . n 
A 1 83  ASP 83  377 377 ASP ASP A . n 
A 1 84  ILE 84  378 378 ILE ILE A . n 
A 1 85  LYS 85  379 379 LYS LYS A . n 
A 1 86  PRO 86  380 380 PRO PRO A . n 
A 1 87  GLU 87  381 381 GLU GLU A . n 
A 1 88  GLY 88  382 382 GLY GLY A . n 
A 1 89  GLY 89  383 383 GLY GLY A . n 
A 1 90  ASP 90  384 384 ASP ASP A . n 
A 1 91  PRO 91  385 385 PRO PRO A . n 
A 1 92  ALA 92  386 386 ALA ALA A . n 
A 1 93  LEU 93  387 387 LEU LEU A . n 
A 1 94  CYS 94  388 388 CYS CYS A . n 
A 1 95  GLN 95  389 389 GLN GLN A . n 
A 1 96  ALA 96  390 390 ALA ALA A . n 
A 1 97  ALA 97  391 391 ALA ALA A . n 
A 1 98  LEU 98  392 392 LEU LEU A . n 
A 1 99  ALA 99  393 393 ALA ALA A . n 
A 1 100 ALA 100 394 394 ALA ALA A . n 
A 1 101 ALA 101 395 395 ALA ALA A . n 
A 1 102 LYS 102 396 396 LYS LYS A . n 
A 1 103 LEU 103 397 397 LEU LEU A . n 
A 1 104 ALA 104 398 398 ALA ALA A . n 
A 1 105 LYS 105 399 399 LYS LYS A . n 
A 1 106 ILE 106 400 400 ILE ILE A . n 
A 1 107 PRO 107 401 401 PRO PRO A . n 
A 1 108 LYS 108 402 402 LYS LYS A . n 
A 1 109 PRO 109 403 403 PRO PRO A . n 
A 1 110 PRO 110 404 404 PRO PRO A . n 
A 1 111 SER 111 405 405 SER SER A . n 
A 1 112 GLN 112 406 406 GLN GLN A . n 
A 1 113 ALA 113 407 407 ALA ALA A . n 
A 1 114 VAL 114 408 408 VAL VAL A . n 
A 1 115 TYR 115 409 409 TYR TYR A . n 
A 1 116 GLU 116 410 410 GLU GLU A . n 
A 1 117 VAL 117 411 411 VAL VAL A . n 
A 1 118 PHE 118 412 412 PHE PHE A . n 
A 1 119 MLY 119 413 413 MLY MLY A . n 
A 1 120 ASN 120 414 414 ASN ASN A . n 
A 1 121 ALA 121 415 415 ALA ALA A . n 
A 1 122 PRO 122 416 416 PRO PRO A . n 
A 1 123 LEU 123 417 417 LEU LEU A . n 
A 1 124 ASP 124 418 418 ASP ASP A . n 
A 1 125 PHE 125 419 419 PHE PHE A . n 
A 1 126 LYS 126 420 420 LYS LYS A . n 
A 1 127 PRO 127 421 421 PRO PRO A . n 
# 
loop_
_pdbx_nonpoly_scheme.asym_id 
_pdbx_nonpoly_scheme.entity_id 
_pdbx_nonpoly_scheme.mon_id 
_pdbx_nonpoly_scheme.ndb_seq_num 
_pdbx_nonpoly_scheme.pdb_seq_num 
_pdbx_nonpoly_scheme.auth_seq_num 
_pdbx_nonpoly_scheme.pdb_mon_id 
_pdbx_nonpoly_scheme.auth_mon_id 
_pdbx_nonpoly_scheme.pdb_strand_id 
_pdbx_nonpoly_scheme.pdb_ins_code 
B 2 NO3 1  501 501 NO3 NO3 A . 
C 2 NO3 1  502 502 NO3 NO3 A . 
D 3 HOH 1  1   1   HOH HOH A . 
D 3 HOH 2  2   2   HOH HOH A . 
D 3 HOH 3  3   3   HOH HOH A . 
D 3 HOH 4  4   4   HOH HOH A . 
D 3 HOH 5  5   5   HOH HOH A . 
D 3 HOH 6  6   6   HOH HOH A . 
D 3 HOH 7  7   7   HOH HOH A . 
D 3 HOH 8  8   8   HOH HOH A . 
D 3 HOH 9  9   9   HOH HOH A . 
D 3 HOH 10 10  10  HOH HOH A . 
D 3 HOH 11 11  11  HOH HOH A . 
D 3 HOH 12 12  12  HOH HOH A . 
D 3 HOH 13 13  13  HOH HOH A . 
D 3 HOH 14 14  14  HOH HOH A . 
D 3 HOH 15 15  15  HOH HOH A . 
D 3 HOH 16 16  16  HOH HOH A . 
D 3 HOH 17 17  17  HOH HOH A . 
D 3 HOH 18 18  18  HOH HOH A . 
D 3 HOH 19 19  19  HOH HOH A . 
D 3 HOH 20 20  20  HOH HOH A . 
D 3 HOH 21 21  21  HOH HOH A . 
D 3 HOH 22 22  22  HOH HOH A . 
D 3 HOH 23 23  23  HOH HOH A . 
D 3 HOH 24 24  24  HOH HOH A . 
D 3 HOH 25 25  25  HOH HOH A . 
D 3 HOH 26 26  26  HOH HOH A . 
D 3 HOH 27 27  27  HOH HOH A . 
D 3 HOH 28 28  28  HOH HOH A . 
D 3 HOH 29 29  29  HOH HOH A . 
D 3 HOH 30 30  30  HOH HOH A . 
D 3 HOH 31 31  31  HOH HOH A . 
D 3 HOH 32 32  32  HOH HOH A . 
D 3 HOH 33 33  33  HOH HOH A . 
D 3 HOH 34 34  34  HOH HOH A . 
D 3 HOH 35 35  35  HOH HOH A . 
D 3 HOH 36 36  36  HOH HOH A . 
D 3 HOH 37 37  37  HOH HOH A . 
D 3 HOH 38 38  38  HOH HOH A . 
D 3 HOH 39 39  39  HOH HOH A . 
D 3 HOH 40 40  40  HOH HOH A . 
D 3 HOH 41 41  41  HOH HOH A . 
D 3 HOH 42 42  42  HOH HOH A . 
D 3 HOH 43 43  43  HOH HOH A . 
# 
loop_
_software.name 
_software.classification 
_software.version 
_software.citation_id 
_software.pdbx_ordinal 
REFMAC refinement       5.5.0109 ? 1 
XDS    'data reduction' .        ? 2 
SCALA  'data scaling'   .        ? 3 
# 
_cell.entry_id           3QDP 
_cell.length_a           70.283 
_cell.length_b           70.283 
_cell.length_c           53.820 
_cell.angle_alpha        90.00 
_cell.angle_beta         90.00 
_cell.angle_gamma        120.00 
_cell.Z_PDB              6 
_cell.pdbx_unique_axis   ? 
_cell.length_a_esd       ? 
_cell.length_b_esd       ? 
_cell.length_c_esd       ? 
_cell.angle_alpha_esd    ? 
_cell.angle_beta_esd     ? 
_cell.angle_gamma_esd    ? 
# 
_symmetry.entry_id                         3QDP 
_symmetry.space_group_name_H-M             'P 31 2 1' 
_symmetry.pdbx_full_space_group_name_H-M   ? 
_symmetry.cell_setting                     ? 
_symmetry.Int_Tables_number                152 
_symmetry.space_group_name_Hall            ? 
# 
_exptl.entry_id          3QDP 
_exptl.method            'X-RAY DIFFRACTION' 
_exptl.crystals_number   1 
# 
_exptl_crystal.id                    1 
_exptl_crystal.density_meas          ? 
_exptl_crystal.density_Matthews      2.91 
_exptl_crystal.density_percent_sol   57.75 
_exptl_crystal.description           ? 
_exptl_crystal.F_000                 ? 
_exptl_crystal.preparation           ? 
# 
_exptl_crystal_grow.crystal_id      1 
_exptl_crystal_grow.method          'VAPOR DIFFUSION, SITTING DROP' 
_exptl_crystal_grow.temp            293 
_exptl_crystal_grow.temp_details    ? 
_exptl_crystal_grow.pH              5.28 
_exptl_crystal_grow.pdbx_details    
'0.2 M NaNO3, 2.2 M ammonium sulphate, pH 5.28, VAPOR DIFFUSION, SITTING DROP, temperature 293K' 
_exptl_crystal_grow.pdbx_pH_range   ? 
# 
_diffrn.id                     1 
_diffrn.ambient_temp           298 
_diffrn.ambient_temp_details   ? 
_diffrn.crystal_id             1 
# 
_diffrn_detector.diffrn_id              1 
_diffrn_detector.detector               CCD 
_diffrn_detector.type                   'PILATUS 6M' 
_diffrn_detector.pdbx_collection_date   2010-10-29 
_diffrn_detector.details                ? 
# 
_diffrn_radiation.diffrn_id                        1 
_diffrn_radiation.wavelength_id                    1 
_diffrn_radiation.pdbx_monochromatic_or_laue_m_l   M 
_diffrn_radiation.monochromator                    'Si 111 CHANNEL' 
_diffrn_radiation.pdbx_diffrn_protocol             'SINGLE WAVELENGTH' 
_diffrn_radiation.pdbx_scattering_type             x-ray 
# 
_diffrn_radiation_wavelength.id           1 
_diffrn_radiation_wavelength.wavelength   0.97919 
_diffrn_radiation_wavelength.wt           1.0 
# 
_diffrn_source.diffrn_id                   1 
_diffrn_source.source                      SYNCHROTRON 
_diffrn_source.type                        'ESRF BEAMLINE ID29' 
_diffrn_source.pdbx_synchrotron_site       ESRF 
_diffrn_source.pdbx_synchrotron_beamline   ID29 
_diffrn_source.pdbx_wavelength             ? 
_diffrn_source.pdbx_wavelength_list        0.97919 
# 
_reflns.entry_id                     3QDP 
_reflns.observed_criterion_sigma_I   ? 
_reflns.observed_criterion_sigma_F   ? 
_reflns.d_resolution_low             40.32 
_reflns.d_resolution_high            2.15 
_reflns.number_obs                   8641 
_reflns.number_all                   8641 
_reflns.percent_possible_obs         100 
_reflns.pdbx_Rmerge_I_obs            0.056 
_reflns.pdbx_Rsym_value              0.059 
_reflns.pdbx_netI_over_sigmaI        25.7 
_reflns.B_iso_Wilson_estimate        38.6 
_reflns.pdbx_redundancy              9.7 
_reflns.R_free_details               ? 
_reflns.limit_h_max                  ? 
_reflns.limit_h_min                  ? 
_reflns.limit_k_max                  ? 
_reflns.limit_k_min                  ? 
_reflns.limit_l_max                  ? 
_reflns.limit_l_min                  ? 
_reflns.observed_criterion_F_max     ? 
_reflns.observed_criterion_F_min     ? 
_reflns.pdbx_chi_squared             ? 
_reflns.pdbx_scaling_rejects         ? 
_reflns.pdbx_ordinal                 1 
_reflns.pdbx_diffrn_id               1 
# 
_reflns_shell.d_res_high             2.15 
_reflns_shell.d_res_low              2.27 
_reflns_shell.percent_possible_all   100 
_reflns_shell.Rmerge_I_obs           0.433 
_reflns_shell.pdbx_Rsym_value        0.456 
_reflns_shell.meanI_over_sigI_obs    5 
_reflns_shell.pdbx_redundancy        9.9 
_reflns_shell.percent_possible_obs   ? 
_reflns_shell.number_unique_all      1234 
_reflns_shell.number_measured_all    ? 
_reflns_shell.number_measured_obs    ? 
_reflns_shell.number_unique_obs      ? 
_reflns_shell.pdbx_chi_squared       ? 
_reflns_shell.pdbx_ordinal           1 
_reflns_shell.pdbx_diffrn_id         1 
# 
_refine.entry_id                                 3QDP 
_refine.ls_number_reflns_obs                     8209 
_refine.ls_number_reflns_all                     ? 
_refine.pdbx_ls_sigma_I                          ? 
_refine.pdbx_ls_sigma_F                          . 
_refine.pdbx_data_cutoff_high_absF               ? 
_refine.pdbx_data_cutoff_low_absF                ? 
_refine.pdbx_data_cutoff_high_rms_absF           ? 
_refine.ls_d_res_low                             40.32 
_refine.ls_d_res_high                            2.15 
_refine.ls_percent_reflns_obs                    99.83 
_refine.ls_R_factor_obs                          0.19374 
_refine.ls_R_factor_all                          ? 
_refine.ls_R_factor_R_work                       0.19211 
_refine.ls_R_factor_R_free                       0.22520 
_refine.ls_R_factor_R_free_error                 ? 
_refine.ls_R_factor_R_free_error_details         ? 
_refine.ls_percent_reflns_R_free                 4.7 
_refine.ls_number_reflns_R_free                  407 
_refine.ls_number_parameters                     ? 
_refine.ls_number_restraints                     ? 
_refine.occupancy_min                            ? 
_refine.occupancy_max                            ? 
_refine.correlation_coeff_Fo_to_Fc               0.960 
_refine.correlation_coeff_Fo_to_Fc_free          0.951 
_refine.B_iso_mean                               20.249 
_refine.aniso_B[1][1]                            -0.64 
_refine.aniso_B[2][2]                            -0.64 
_refine.aniso_B[3][3]                            0.95 
_refine.aniso_B[1][2]                            -0.32 
_refine.aniso_B[1][3]                            0.00 
_refine.aniso_B[2][3]                            0.00 
_refine.solvent_model_details                    MASK 
_refine.solvent_model_param_ksol                 ? 
_refine.solvent_model_param_bsol                 ? 
_refine.pdbx_solvent_vdw_probe_radii             1.40 
_refine.pdbx_solvent_ion_probe_radii             0.80 
_refine.pdbx_solvent_shrinkage_radii             0.80 
_refine.pdbx_ls_cross_valid_method               THROUGHOUT 
_refine.details                                  ? 
_refine.pdbx_starting_model                      ? 
_refine.pdbx_method_to_determine_struct          'MOLECULAR REPLACEMENT' 
_refine.pdbx_isotropic_thermal_model             ? 
_refine.pdbx_stereochemistry_target_values       'MAXIMUM LIKELIHOOD' 
_refine.pdbx_stereochem_target_val_spec_case     ? 
_refine.pdbx_R_Free_selection_details            RANDOM 
_refine.pdbx_overall_ESU_R_Free                  0.148 
_refine.overall_SU_ML                            0.122 
_refine.overall_SU_B                             10.676 
_refine.overall_SU_R_Cruickshank_DPI             ? 
_refine.ls_redundancy_reflns_obs                 ? 
_refine.B_iso_min                                ? 
_refine.B_iso_max                                ? 
_refine.overall_SU_R_free                        ? 
_refine.ls_wR_factor_R_free                      ? 
_refine.ls_wR_factor_R_work                      ? 
_refine.overall_FOM_free_R_set                   ? 
_refine.overall_FOM_work_R_set                   ? 
_refine.pdbx_overall_phase_error                 ? 
_refine.pdbx_refine_id                           'X-RAY DIFFRACTION' 
_refine.pdbx_overall_ESU_R                       ? 
_refine.pdbx_diffrn_id                           1 
_refine.pdbx_TLS_residual_ADP_flag               ? 
_refine.pdbx_overall_SU_R_free_Cruickshank_DPI   ? 
_refine.pdbx_overall_SU_R_Blow_DPI               ? 
_refine.pdbx_overall_SU_R_free_Blow_DPI          ? 
# 
_refine_hist.pdbx_refine_id                   'X-RAY DIFFRACTION' 
_refine_hist.cycle_id                         LAST 
_refine_hist.pdbx_number_atoms_protein        659 
_refine_hist.pdbx_number_atoms_nucleic_acid   0 
_refine_hist.pdbx_number_atoms_ligand         8 
_refine_hist.number_atoms_solvent             43 
_refine_hist.number_atoms_total               710 
_refine_hist.d_res_high                       2.15 
_refine_hist.d_res_low                        40.32 
# 
loop_
_refine_ls_restr.type 
_refine_ls_restr.dev_ideal 
_refine_ls_restr.dev_ideal_target 
_refine_ls_restr.weight 
_refine_ls_restr.number 
_refine_ls_restr.pdbx_refine_id 
_refine_ls_restr.pdbx_restraint_function 
r_bond_refined_d             0.029  0.022  ? 712 'X-RAY DIFFRACTION' ? 
r_bond_other_d               ?      ?      ? ?   'X-RAY DIFFRACTION' ? 
r_angle_refined_deg          2.371  2.040  ? 973 'X-RAY DIFFRACTION' ? 
r_angle_other_deg            ?      ?      ? ?   'X-RAY DIFFRACTION' ? 
r_dihedral_angle_1_deg       7.091  5.000  ? 98  'X-RAY DIFFRACTION' ? 
r_dihedral_angle_2_deg       37.748 26.400 ? 25  'X-RAY DIFFRACTION' ? 
r_dihedral_angle_3_deg       17.785 15.000 ? 110 'X-RAY DIFFRACTION' ? 
r_dihedral_angle_4_deg       24.421 15.000 ? 1   'X-RAY DIFFRACTION' ? 
r_chiral_restr               0.162  0.200  ? 107 'X-RAY DIFFRACTION' ? 
r_gen_planes_refined         0.012  0.022  ? 550 'X-RAY DIFFRACTION' ? 
r_gen_planes_other           ?      ?      ? ?   'X-RAY DIFFRACTION' ? 
r_nbd_refined                ?      ?      ? ?   'X-RAY DIFFRACTION' ? 
r_nbd_other                  ?      ?      ? ?   'X-RAY DIFFRACTION' ? 
r_nbtor_refined              ?      ?      ? ?   'X-RAY DIFFRACTION' ? 
r_nbtor_other                ?      ?      ? ?   'X-RAY DIFFRACTION' ? 
r_xyhbond_nbd_refined        ?      ?      ? ?   'X-RAY DIFFRACTION' ? 
r_xyhbond_nbd_other          ?      ?      ? ?   'X-RAY DIFFRACTION' ? 
r_metal_ion_refined          ?      ?      ? ?   'X-RAY DIFFRACTION' ? 
r_metal_ion_other            ?      ?      ? ?   'X-RAY DIFFRACTION' ? 
r_symmetry_vdw_refined       ?      ?      ? ?   'X-RAY DIFFRACTION' ? 
r_symmetry_vdw_other         ?      ?      ? ?   'X-RAY DIFFRACTION' ? 
r_symmetry_hbond_refined     ?      ?      ? ?   'X-RAY DIFFRACTION' ? 
r_symmetry_hbond_other       ?      ?      ? ?   'X-RAY DIFFRACTION' ? 
r_symmetry_metal_ion_refined ?      ?      ? ?   'X-RAY DIFFRACTION' ? 
r_symmetry_metal_ion_other   ?      ?      ? ?   'X-RAY DIFFRACTION' ? 
r_mcbond_it                  1.234  1.500  ? 466 'X-RAY DIFFRACTION' ? 
r_mcbond_other               ?      ?      ? ?   'X-RAY DIFFRACTION' ? 
r_mcangle_it                 2.014  2.000  ? 741 'X-RAY DIFFRACTION' ? 
r_scbond_it                  3.498  3.000  ? 246 'X-RAY DIFFRACTION' ? 
r_scangle_it                 5.473  4.500  ? 226 'X-RAY DIFFRACTION' ? 
r_rigid_bond_restr           ?      ?      ? ?   'X-RAY DIFFRACTION' ? 
r_sphericity_free            ?      ?      ? ?   'X-RAY DIFFRACTION' ? 
r_sphericity_bonded          ?      ?      ? ?   'X-RAY DIFFRACTION' ? 
# 
_refine_ls_shell.pdbx_total_number_of_bins_used   20 
_refine_ls_shell.d_res_high                       2.150 
_refine_ls_shell.d_res_low                        2.206 
_refine_ls_shell.number_reflns_R_work             577 
_refine_ls_shell.R_factor_R_work                  0.300 
_refine_ls_shell.percent_reflns_obs               100.00 
_refine_ls_shell.R_factor_R_free                  0.469 
_refine_ls_shell.R_factor_R_free_error            ? 
_refine_ls_shell.percent_reflns_R_free            ? 
_refine_ls_shell.number_reflns_R_free             41 
_refine_ls_shell.number_reflns_all                ? 
_refine_ls_shell.R_factor_all                     ? 
_refine_ls_shell.number_reflns_obs                ? 
_refine_ls_shell.redundancy_reflns_obs            ? 
_refine_ls_shell.pdbx_refine_id                   'X-RAY DIFFRACTION' 
# 
_struct.entry_id                  3QDP 
_struct.title                     
'Structural characterization of the interaction of colicin A, colicin N, and TolB with TolAIII translocon' 
_struct.pdbx_model_details        ? 
_struct.pdbx_CASP_flag            ? 
_struct.pdbx_model_type_details   ? 
# 
_struct_keywords.entry_id        3QDP 
_struct_keywords.pdbx_keywords   'PROTEIN TRANSPORT' 
_struct_keywords.text            'TolA, Translocation, colicin, TolB, ColA, ColN, methylation, PROTEIN TRANSPORT' 
# 
loop_
_struct_asym.id 
_struct_asym.pdbx_blank_PDB_chainid_flag 
_struct_asym.pdbx_modified 
_struct_asym.entity_id 
_struct_asym.details 
A N N 1 ? 
B N N 2 ? 
C N N 2 ? 
D N N 3 ? 
# 
_struct_ref.id                         1 
_struct_ref.db_name                    UNP 
_struct_ref.db_code                    TOLA_ECOLI 
_struct_ref.pdbx_db_accession          P19934 
_struct_ref.entity_id                  1 
_struct_ref.pdbx_seq_one_letter_code   
;SSGKNAPKTGGGAKGNNASPAGSGNTKNNGASGADINNYAGQIKSAIESKFYDASSYAGKTCTLRIKLAPDGMLLDIKPE
GGDPALCQAALAAAKLAKIPKPPSQAVYEVFKNAPLDFKP
;
_struct_ref.pdbx_align_begin           302 
_struct_ref.pdbx_db_isoform            ? 
# 
_struct_ref_seq.align_id                      1 
_struct_ref_seq.ref_id                        1 
_struct_ref_seq.pdbx_PDB_id_code              3QDP 
_struct_ref_seq.pdbx_strand_id                A 
_struct_ref_seq.seq_align_beg                 8 
_struct_ref_seq.pdbx_seq_align_beg_ins_code   ? 
_struct_ref_seq.seq_align_end                 127 
_struct_ref_seq.pdbx_seq_align_end_ins_code   ? 
_struct_ref_seq.pdbx_db_accession             Q8FJT1 
_struct_ref_seq.db_align_beg                  302 
_struct_ref_seq.pdbx_db_align_beg_ins_code    ? 
_struct_ref_seq.db_align_end                  421 
_struct_ref_seq.pdbx_db_align_end_ins_code    ? 
_struct_ref_seq.pdbx_auth_seq_align_beg       302 
_struct_ref_seq.pdbx_auth_seq_align_end       421 
# 
loop_
_struct_ref_seq_dif.align_id 
_struct_ref_seq_dif.pdbx_pdb_id_code 
_struct_ref_seq_dif.mon_id 
_struct_ref_seq_dif.pdbx_pdb_strand_id 
_struct_ref_seq_dif.seq_num 
_struct_ref_seq_dif.pdbx_pdb_ins_code 
_struct_ref_seq_dif.pdbx_seq_db_name 
_struct_ref_seq_dif.pdbx_seq_db_accession_code 
_struct_ref_seq_dif.db_mon_id 
_struct_ref_seq_dif.pdbx_seq_db_seq_num 
_struct_ref_seq_dif.details 
_struct_ref_seq_dif.pdbx_auth_seq_num 
_struct_ref_seq_dif.pdbx_ordinal 
1 3QDP HIS A 1 ? UNP Q8FJT1 ? ? 'expression tag' 295 1 
1 3QDP HIS A 2 ? UNP Q8FJT1 ? ? 'expression tag' 296 2 
1 3QDP HIS A 3 ? UNP Q8FJT1 ? ? 'expression tag' 297 3 
1 3QDP HIS A 4 ? UNP Q8FJT1 ? ? 'expression tag' 298 4 
1 3QDP HIS A 5 ? UNP Q8FJT1 ? ? 'expression tag' 299 5 
1 3QDP HIS A 6 ? UNP Q8FJT1 ? ? 'expression tag' 300 6 
1 3QDP MET A 7 ? UNP Q8FJT1 ? ? 'expression tag' 301 7 
# 
_pdbx_struct_assembly.id                   1 
_pdbx_struct_assembly.details              author_and_software_defined_assembly 
_pdbx_struct_assembly.method_details       PISA 
_pdbx_struct_assembly.oligomeric_details   monomeric 
_pdbx_struct_assembly.oligomeric_count     1 
# 
_pdbx_struct_assembly_gen.assembly_id       1 
_pdbx_struct_assembly_gen.oper_expression   1 
_pdbx_struct_assembly_gen.asym_id_list      A,B,C,D 
# 
_pdbx_struct_oper_list.id                   1 
_pdbx_struct_oper_list.type                 'identity operation' 
_pdbx_struct_oper_list.name                 1_555 
_pdbx_struct_oper_list.symmetry_operation   x,y,z 
_pdbx_struct_oper_list.matrix[1][1]         1.0000000000 
_pdbx_struct_oper_list.matrix[1][2]         0.0000000000 
_pdbx_struct_oper_list.matrix[1][3]         0.0000000000 
_pdbx_struct_oper_list.vector[1]            0.0000000000 
_pdbx_struct_oper_list.matrix[2][1]         0.0000000000 
_pdbx_struct_oper_list.matrix[2][2]         1.0000000000 
_pdbx_struct_oper_list.matrix[2][3]         0.0000000000 
_pdbx_struct_oper_list.vector[2]            0.0000000000 
_pdbx_struct_oper_list.matrix[3][1]         0.0000000000 
_pdbx_struct_oper_list.matrix[3][2]         0.0000000000 
_pdbx_struct_oper_list.matrix[3][3]         1.0000000000 
_pdbx_struct_oper_list.vector[3]            0.0000000000 
# 
_struct_biol.id        1 
_struct_biol.details   ? 
# 
loop_
_struct_conf.conf_type_id 
_struct_conf.id 
_struct_conf.pdbx_PDB_helix_id 
_struct_conf.beg_label_comp_id 
_struct_conf.beg_label_asym_id 
_struct_conf.beg_label_seq_id 
_struct_conf.pdbx_beg_PDB_ins_code 
_struct_conf.end_label_comp_id 
_struct_conf.end_label_asym_id 
_struct_conf.end_label_seq_id 
_struct_conf.pdbx_end_PDB_ins_code 
_struct_conf.beg_auth_comp_id 
_struct_conf.beg_auth_asym_id 
_struct_conf.beg_auth_seq_id 
_struct_conf.end_auth_comp_id 
_struct_conf.end_auth_asym_id 
_struct_conf.end_auth_seq_id 
_struct_conf.pdbx_PDB_helix_class 
_struct_conf.details 
_struct_conf.pdbx_PDB_helix_length 
HELX_P HELX_P1 1 ASP A 42  ? SER A 56  ? ASP A 336 SER A 350 1 ? 15 
HELX_P HELX_P2 2 ASP A 60  ? ALA A 65  ? ASP A 354 ALA A 359 5 ? 6  
HELX_P HELX_P3 3 ASP A 90  ? LYS A 102 ? ASP A 384 LYS A 396 1 ? 13 
HELX_P HELX_P4 4 SER A 111 ? MLY A 119 ? SER A 405 MLY A 413 1 ? 9  
# 
_struct_conf_type.id          HELX_P 
_struct_conf_type.criteria    ? 
_struct_conf_type.reference   ? 
# 
loop_
_struct_conn.id 
_struct_conn.conn_type_id 
_struct_conn.pdbx_leaving_atom_flag 
_struct_conn.pdbx_PDB_id 
_struct_conn.ptnr1_label_asym_id 
_struct_conn.ptnr1_label_comp_id 
_struct_conn.ptnr1_label_seq_id 
_struct_conn.ptnr1_label_atom_id 
_struct_conn.pdbx_ptnr1_label_alt_id 
_struct_conn.pdbx_ptnr1_PDB_ins_code 
_struct_conn.pdbx_ptnr1_standard_comp_id 
_struct_conn.ptnr1_symmetry 
_struct_conn.ptnr2_label_asym_id 
_struct_conn.ptnr2_label_comp_id 
_struct_conn.ptnr2_label_seq_id 
_struct_conn.ptnr2_label_atom_id 
_struct_conn.pdbx_ptnr2_label_alt_id 
_struct_conn.pdbx_ptnr2_PDB_ins_code 
_struct_conn.ptnr1_auth_asym_id 
_struct_conn.ptnr1_auth_comp_id 
_struct_conn.ptnr1_auth_seq_id 
_struct_conn.ptnr2_auth_asym_id 
_struct_conn.ptnr2_auth_comp_id 
_struct_conn.ptnr2_auth_seq_id 
_struct_conn.ptnr2_symmetry 
_struct_conn.pdbx_ptnr3_label_atom_id 
_struct_conn.pdbx_ptnr3_label_seq_id 
_struct_conn.pdbx_ptnr3_label_comp_id 
_struct_conn.pdbx_ptnr3_label_asym_id 
_struct_conn.pdbx_ptnr3_label_alt_id 
_struct_conn.pdbx_ptnr3_PDB_ins_code 
_struct_conn.details 
_struct_conn.pdbx_dist_value 
_struct_conn.pdbx_value_order 
_struct_conn.pdbx_role 
disulf1 disulf ?    ? A CYS 69  SG ? ? ? 1_555 A CYS 94  SG ? ? A CYS 363 A CYS 388 1_555 ? ? ? ? ? ? ? 2.252 ? ? 
covale1 covale both ? A ILE 50  C  ? ? ? 1_555 A MLY 51  N  ? ? A ILE 344 A MLY 345 1_555 ? ? ? ? ? ? ? 1.331 ? ? 
covale2 covale both ? A MLY 51  C  ? ? ? 1_555 A SER 52  N  ? ? A MLY 345 A SER 346 1_555 ? ? ? ? ? ? ? 1.330 ? ? 
covale3 covale both ? A SER 56  C  ? ? ? 1_555 A MLZ 57  N  ? ? A SER 350 A MLZ 351 1_555 ? ? ? ? ? ? ? 1.340 ? ? 
covale4 covale both ? A MLZ 57  C  ? ? ? 1_555 A PHE 58  N  ? ? A MLZ 351 A PHE 352 1_555 ? ? ? ? ? ? ? 1.340 ? ? 
covale5 covale both ? A PHE 118 C  ? ? ? 1_555 A MLY 119 N  ? ? A PHE 412 A MLY 413 1_555 ? ? ? ? ? ? ? 1.344 ? ? 
covale6 covale both ? A MLY 119 C  ? ? ? 1_555 A ASN 120 N  ? ? A MLY 413 A ASN 414 1_555 ? ? ? ? ? ? ? 1.306 ? ? 
# 
loop_
_struct_conn_type.id 
_struct_conn_type.criteria 
_struct_conn_type.reference 
disulf ? ? 
covale ? ? 
# 
loop_
_pdbx_modification_feature.ordinal 
_pdbx_modification_feature.label_comp_id 
_pdbx_modification_feature.label_asym_id 
_pdbx_modification_feature.label_seq_id 
_pdbx_modification_feature.label_alt_id 
_pdbx_modification_feature.modified_residue_label_comp_id 
_pdbx_modification_feature.modified_residue_label_asym_id 
_pdbx_modification_feature.modified_residue_label_seq_id 
_pdbx_modification_feature.modified_residue_label_alt_id 
_pdbx_modification_feature.auth_comp_id 
_pdbx_modification_feature.auth_asym_id 
_pdbx_modification_feature.auth_seq_id 
_pdbx_modification_feature.PDB_ins_code 
_pdbx_modification_feature.symmetry 
_pdbx_modification_feature.modified_residue_auth_comp_id 
_pdbx_modification_feature.modified_residue_auth_asym_id 
_pdbx_modification_feature.modified_residue_auth_seq_id 
_pdbx_modification_feature.modified_residue_PDB_ins_code 
_pdbx_modification_feature.modified_residue_symmetry 
_pdbx_modification_feature.comp_id_linking_atom 
_pdbx_modification_feature.modified_residue_id_linking_atom 
_pdbx_modification_feature.modified_residue_id 
_pdbx_modification_feature.ref_pcm_id 
_pdbx_modification_feature.ref_comp_id 
_pdbx_modification_feature.type 
_pdbx_modification_feature.category 
1 MLY A 51  ? .   . .  . MLY A 345 ? 1_555 .   . .   . .     .  .  LYS 1 MLY Methylation 'Named protein modification' 
2 MLZ A 57  ? .   . .  . MLZ A 351 ? 1_555 .   . .   . .     .  .  LYS 1 MLZ Methylation 'Named protein modification' 
3 MLY A 119 ? .   . .  . MLY A 413 ? 1_555 .   . .   . .     .  .  LYS 1 MLY Methylation 'Named protein modification' 
4 CYS A 69  ? CYS A 94 ? CYS A 363 ? 1_555 CYS A 388 ? 1_555 SG SG .   . .   None        'Disulfide bridge'           
# 
_struct_sheet.id               A 
_struct_sheet.type             ? 
_struct_sheet.number_strands   3 
_struct_sheet.details          ? 
# 
loop_
_struct_sheet_order.sheet_id 
_struct_sheet_order.range_id_1 
_struct_sheet_order.range_id_2 
_struct_sheet_order.offset 
_struct_sheet_order.sense 
A 1 2 ? anti-parallel 
A 2 3 ? anti-parallel 
# 
loop_
_struct_sheet_range.sheet_id 
_struct_sheet_range.id 
_struct_sheet_range.beg_label_comp_id 
_struct_sheet_range.beg_label_asym_id 
_struct_sheet_range.beg_label_seq_id 
_struct_sheet_range.pdbx_beg_PDB_ins_code 
_struct_sheet_range.end_label_comp_id 
_struct_sheet_range.end_label_asym_id 
_struct_sheet_range.end_label_seq_id 
_struct_sheet_range.pdbx_end_PDB_ins_code 
_struct_sheet_range.beg_auth_comp_id 
_struct_sheet_range.beg_auth_asym_id 
_struct_sheet_range.beg_auth_seq_id 
_struct_sheet_range.end_auth_comp_id 
_struct_sheet_range.end_auth_asym_id 
_struct_sheet_range.end_auth_seq_id 
A 1 LEU A 81  ? GLY A 89  ? LEU A 375 GLY A 383 
A 2 CYS A 69  ? LEU A 75  ? CYS A 363 LEU A 369 
A 3 ALA A 121 ? PHE A 125 ? ALA A 415 PHE A 419 
# 
loop_
_pdbx_struct_sheet_hbond.sheet_id 
_pdbx_struct_sheet_hbond.range_id_1 
_pdbx_struct_sheet_hbond.range_id_2 
_pdbx_struct_sheet_hbond.range_1_label_atom_id 
_pdbx_struct_sheet_hbond.range_1_label_comp_id 
_pdbx_struct_sheet_hbond.range_1_label_asym_id 
_pdbx_struct_sheet_hbond.range_1_label_seq_id 
_pdbx_struct_sheet_hbond.range_1_PDB_ins_code 
_pdbx_struct_sheet_hbond.range_1_auth_atom_id 
_pdbx_struct_sheet_hbond.range_1_auth_comp_id 
_pdbx_struct_sheet_hbond.range_1_auth_asym_id 
_pdbx_struct_sheet_hbond.range_1_auth_seq_id 
_pdbx_struct_sheet_hbond.range_2_label_atom_id 
_pdbx_struct_sheet_hbond.range_2_label_comp_id 
_pdbx_struct_sheet_hbond.range_2_label_asym_id 
_pdbx_struct_sheet_hbond.range_2_label_seq_id 
_pdbx_struct_sheet_hbond.range_2_PDB_ins_code 
_pdbx_struct_sheet_hbond.range_2_auth_atom_id 
_pdbx_struct_sheet_hbond.range_2_auth_comp_id 
_pdbx_struct_sheet_hbond.range_2_auth_asym_id 
_pdbx_struct_sheet_hbond.range_2_auth_seq_id 
A 1 2 O LYS A 85 ? O LYS A 379 N ARG A 72  ? N ARG A 366 
A 2 3 N CYS A 69 ? N CYS A 363 O PHE A 125 ? O PHE A 419 
# 
loop_
_struct_site.id 
_struct_site.pdbx_evidence_code 
_struct_site.pdbx_auth_asym_id 
_struct_site.pdbx_auth_comp_id 
_struct_site.pdbx_auth_seq_id 
_struct_site.pdbx_auth_ins_code 
_struct_site.pdbx_num_residues 
_struct_site.details 
AC1 Software A NO3 501 ? 6 'BINDING SITE FOR RESIDUE NO3 A 501' 
AC2 Software A NO3 502 ? 6 'BINDING SITE FOR RESIDUE NO3 A 502' 
# 
loop_
_struct_site_gen.id 
_struct_site_gen.site_id 
_struct_site_gen.pdbx_num_res 
_struct_site_gen.label_comp_id 
_struct_site_gen.label_asym_id 
_struct_site_gen.label_seq_id 
_struct_site_gen.pdbx_auth_ins_code 
_struct_site_gen.auth_comp_id 
_struct_site_gen.auth_asym_id 
_struct_site_gen.auth_seq_id 
_struct_site_gen.label_atom_id 
_struct_site_gen.label_alt_id 
_struct_site_gen.symmetry 
_struct_site_gen.details 
1  AC1 6 HOH D .   ? HOH A 13  . ? 1_555 ? 
2  AC1 6 HOH D .   ? HOH A 38  . ? 1_555 ? 
3  AC1 6 HOH D .   ? HOH A 43  . ? 1_555 ? 
4  AC1 6 ARG A 72  ? ARG A 366 . ? 6_555 ? 
5  AC1 6 MLY A 119 ? MLY A 413 . ? 1_555 ? 
6  AC1 6 PRO A 122 ? PRO A 416 . ? 6_555 ? 
7  AC2 6 MLY A 51  ? MLY A 345 . ? 1_555 ? 
8  AC2 6 PHE A 58  ? PHE A 352 . ? 2_565 ? 
9  AC2 6 TYR A 59  ? TYR A 353 . ? 2_565 ? 
10 AC2 6 ASP A 60  ? ASP A 354 . ? 2_565 ? 
11 AC2 6 LEU A 123 ? LEU A 417 . ? 1_555 ? 
12 AC2 6 ASP A 124 ? ASP A 418 . ? 1_555 ? 
# 
_pdbx_entry_details.entry_id                   3QDP 
_pdbx_entry_details.compound_details           ? 
_pdbx_entry_details.source_details             ? 
_pdbx_entry_details.nonpolymer_details         ? 
_pdbx_entry_details.sequence_details           ? 
_pdbx_entry_details.has_ligand_of_interest     ? 
_pdbx_entry_details.has_protein_modification   Y 
# 
loop_
_pdbx_validate_torsion.id 
_pdbx_validate_torsion.PDB_model_num 
_pdbx_validate_torsion.auth_comp_id 
_pdbx_validate_torsion.auth_asym_id 
_pdbx_validate_torsion.auth_seq_id 
_pdbx_validate_torsion.PDB_ins_code 
_pdbx_validate_torsion.label_alt_id 
_pdbx_validate_torsion.phi 
_pdbx_validate_torsion.psi 
1 1 ASP A 384 ? ? -38.30 123.83 
2 1 ALA A 415 ? ? 177.71 148.26 
# 
loop_
_pdbx_struct_mod_residue.id 
_pdbx_struct_mod_residue.label_asym_id 
_pdbx_struct_mod_residue.label_comp_id 
_pdbx_struct_mod_residue.label_seq_id 
_pdbx_struct_mod_residue.auth_asym_id 
_pdbx_struct_mod_residue.auth_comp_id 
_pdbx_struct_mod_residue.auth_seq_id 
_pdbx_struct_mod_residue.PDB_ins_code 
_pdbx_struct_mod_residue.parent_comp_id 
_pdbx_struct_mod_residue.details 
1 A MLY 51  A MLY 345 ? LYS N-DIMETHYL-LYSINE 
2 A MLZ 57  A MLZ 351 ? LYS N-METHYL-LYSINE   
3 A MLY 119 A MLY 413 ? LYS N-DIMETHYL-LYSINE 
# 
loop_
_pdbx_refine_tls.pdbx_refine_id 
_pdbx_refine_tls.id 
_pdbx_refine_tls.details 
_pdbx_refine_tls.method 
_pdbx_refine_tls.origin_x 
_pdbx_refine_tls.origin_y 
_pdbx_refine_tls.origin_z 
_pdbx_refine_tls.T[1][1] 
_pdbx_refine_tls.T[2][2] 
_pdbx_refine_tls.T[3][3] 
_pdbx_refine_tls.T[1][2] 
_pdbx_refine_tls.T[1][3] 
_pdbx_refine_tls.T[2][3] 
_pdbx_refine_tls.L[1][1] 
_pdbx_refine_tls.L[2][2] 
_pdbx_refine_tls.L[3][3] 
_pdbx_refine_tls.L[1][2] 
_pdbx_refine_tls.L[1][3] 
_pdbx_refine_tls.L[2][3] 
_pdbx_refine_tls.S[1][1] 
_pdbx_refine_tls.S[1][2] 
_pdbx_refine_tls.S[1][3] 
_pdbx_refine_tls.S[2][1] 
_pdbx_refine_tls.S[2][2] 
_pdbx_refine_tls.S[2][3] 
_pdbx_refine_tls.S[3][1] 
_pdbx_refine_tls.S[3][2] 
_pdbx_refine_tls.S[3][3] 
'X-RAY DIFFRACTION' 1 ? refined 5.2709  9.1492  6.6279  0.2268 0.2107 0.2452 0.0345  -0.0945 -0.0788 4.7240 5.7947 2.4726 4.2551  -3.2545 -3.0556 0.0850  -0.4992 0.1726  0.4689  -0.0409 -0.4218 -0.2433 0.4155  -0.0442 
'X-RAY DIFFRACTION' 2 ? refined 5.4223  -2.4270 1.4418  0.1338 0.1567 0.1307 -0.0019 -0.0037 0.0037  3.0395 9.9457 1.1475 -0.7601 -0.1524 0.8690  0.0190  0.0136  -0.0253 -0.0472 0.0399  -0.2740 0.0815  0.1946  -0.0589 
'X-RAY DIFFRACTION' 3 ? refined 1.4014  -3.0652 -6.4828 0.2362 0.2101 0.2136 -0.0003 -0.0212 0.0098  1.1125 2.1855 0.6014 -1.3781 -0.2042 -0.0119 0.2232  0.2650  0.1758  -0.3203 -0.1923 -0.0204 -0.2861 -0.1214 -0.0310 
'X-RAY DIFFRACTION' 4 ? refined -7.0034 -0.5525 1.0972  0.2653 0.2585 0.3058 0.0039  -0.0026 0.0000  1.3596 1.2631 5.3927 0.0934  -0.3459 0.3381  0.0013  0.1209  -0.0012 -0.1045 0.0007  0.0313  0.1414  -0.2225 -0.0021 
'X-RAY DIFFRACTION' 5 ? refined -2.6322 -6.4024 -7.8789 0.3009 0.3103 0.2617 0.0571  -0.0259 -0.0257 0.4374 1.3132 5.3859 0.2876  -0.5394 -2.3859 -0.0311 0.3469  0.0547  -0.2812 0.1366  0.1782  0.0755  -0.4424 -0.1055 
'X-RAY DIFFRACTION' 6 ? refined -2.1108 3.0183  8.7484  0.1051 0.1274 0.1604 -0.0111 -0.0153 0.0104  0.8218 6.5259 1.1729 -1.9990 -0.7289 1.4870  -0.0826 -0.0376 -0.1503 0.1733  0.0390  0.0074  0.2474  0.0495  0.0436  
'X-RAY DIFFRACTION' 7 ? refined -1.4302 4.2353  -2.3563 0.1637 0.1640 0.1644 -0.0252 -0.0346 -0.0005 5.2657 5.5955 4.6126 -3.8517 -2.9767 2.5301  0.2208  0.1132  0.2279  -0.2944 -0.0466 -0.2075 -0.1872 0.1127  -0.1742 
# 
loop_
_pdbx_refine_tls_group.pdbx_refine_id 
_pdbx_refine_tls_group.id 
_pdbx_refine_tls_group.refine_tls_id 
_pdbx_refine_tls_group.beg_auth_asym_id 
_pdbx_refine_tls_group.beg_auth_seq_id 
_pdbx_refine_tls_group.beg_label_asym_id 
_pdbx_refine_tls_group.beg_label_seq_id 
_pdbx_refine_tls_group.end_auth_asym_id 
_pdbx_refine_tls_group.end_auth_seq_id 
_pdbx_refine_tls_group.end_label_asym_id 
_pdbx_refine_tls_group.end_label_seq_id 
_pdbx_refine_tls_group.selection 
_pdbx_refine_tls_group.selection_details 
'X-RAY DIFFRACTION' 1 1 A 334 ? ? A 341 ? ? ? ? 
'X-RAY DIFFRACTION' 2 2 A 342 ? ? A 351 ? ? ? ? 
'X-RAY DIFFRACTION' 3 3 A 352 ? ? A 369 ? ? ? ? 
'X-RAY DIFFRACTION' 4 4 A 370 ? ? A 384 ? ? ? ? 
'X-RAY DIFFRACTION' 5 5 A 385 ? ? A 395 ? ? ? ? 
'X-RAY DIFFRACTION' 6 6 A 396 ? ? A 412 ? ? ? ? 
'X-RAY DIFFRACTION' 7 7 A 413 ? ? A 421 ? ? ? ? 
# 
loop_
_pdbx_unobs_or_zero_occ_residues.id 
_pdbx_unobs_or_zero_occ_residues.PDB_model_num 
_pdbx_unobs_or_zero_occ_residues.polymer_flag 
_pdbx_unobs_or_zero_occ_residues.occupancy_flag 
_pdbx_unobs_or_zero_occ_residues.auth_asym_id 
_pdbx_unobs_or_zero_occ_residues.auth_comp_id 
_pdbx_unobs_or_zero_occ_residues.auth_seq_id 
_pdbx_unobs_or_zero_occ_residues.PDB_ins_code 
_pdbx_unobs_or_zero_occ_residues.label_asym_id 
_pdbx_unobs_or_zero_occ_residues.label_comp_id 
_pdbx_unobs_or_zero_occ_residues.label_seq_id 
1  1 Y 1 A HIS 295 ? A HIS 1  
2  1 Y 1 A HIS 296 ? A HIS 2  
3  1 Y 1 A HIS 297 ? A HIS 3  
4  1 Y 1 A HIS 298 ? A HIS 4  
5  1 Y 1 A HIS 299 ? A HIS 5  
6  1 Y 1 A HIS 300 ? A HIS 6  
7  1 Y 1 A MET 301 ? A MET 7  
8  1 Y 1 A SER 302 ? A SER 8  
9  1 Y 1 A SER 303 ? A SER 9  
10 1 Y 1 A GLY 304 ? A GLY 10 
11 1 Y 1 A LYS 305 ? A LYS 11 
12 1 Y 1 A ASN 306 ? A ASN 12 
13 1 Y 1 A ALA 307 ? A ALA 13 
14 1 Y 1 A PRO 308 ? A PRO 14 
15 1 Y 1 A LYS 309 ? A LYS 15 
16 1 Y 1 A THR 310 ? A THR 16 
17 1 Y 1 A GLY 311 ? A GLY 17 
18 1 Y 1 A GLY 312 ? A GLY 18 
19 1 Y 1 A GLY 313 ? A GLY 19 
20 1 Y 1 A ALA 314 ? A ALA 20 
21 1 Y 1 A LYS 315 ? A LYS 21 
22 1 Y 1 A GLY 316 ? A GLY 22 
23 1 Y 1 A ASN 317 ? A ASN 23 
24 1 Y 1 A ASN 318 ? A ASN 24 
25 1 Y 1 A ALA 319 ? A ALA 25 
26 1 Y 1 A SER 320 ? A SER 26 
27 1 Y 1 A PRO 321 ? A PRO 27 
28 1 Y 1 A ALA 322 ? A ALA 28 
29 1 Y 1 A GLY 323 ? A GLY 29 
30 1 Y 1 A SER 324 ? A SER 30 
31 1 Y 1 A GLY 325 ? A GLY 31 
32 1 Y 1 A ASN 326 ? A ASN 32 
33 1 Y 1 A THR 327 ? A THR 33 
34 1 Y 1 A LYS 328 ? A LYS 34 
35 1 Y 1 A ASN 329 ? A ASN 35 
36 1 Y 1 A ASN 330 ? A ASN 36 
37 1 Y 1 A GLY 331 ? A GLY 37 
38 1 Y 1 A ALA 332 ? A ALA 38 
39 1 Y 1 A SER 333 ? A SER 39 
# 
loop_
_chem_comp_atom.comp_id 
_chem_comp_atom.atom_id 
_chem_comp_atom.type_symbol 
_chem_comp_atom.pdbx_aromatic_flag 
_chem_comp_atom.pdbx_stereo_config 
_chem_comp_atom.pdbx_ordinal 
ALA N    N N N 1   
ALA CA   C N S 2   
ALA C    C N N 3   
ALA O    O N N 4   
ALA CB   C N N 5   
ALA OXT  O N N 6   
ALA H    H N N 7   
ALA H2   H N N 8   
ALA HA   H N N 9   
ALA HB1  H N N 10  
ALA HB2  H N N 11  
ALA HB3  H N N 12  
ALA HXT  H N N 13  
ARG N    N N N 14  
ARG CA   C N S 15  
ARG C    C N N 16  
ARG O    O N N 17  
ARG CB   C N N 18  
ARG CG   C N N 19  
ARG CD   C N N 20  
ARG NE   N N N 21  
ARG CZ   C N N 22  
ARG NH1  N N N 23  
ARG NH2  N N N 24  
ARG OXT  O N N 25  
ARG H    H N N 26  
ARG H2   H N N 27  
ARG HA   H N N 28  
ARG HB2  H N N 29  
ARG HB3  H N N 30  
ARG HG2  H N N 31  
ARG HG3  H N N 32  
ARG HD2  H N N 33  
ARG HD3  H N N 34  
ARG HE   H N N 35  
ARG HH11 H N N 36  
ARG HH12 H N N 37  
ARG HH21 H N N 38  
ARG HH22 H N N 39  
ARG HXT  H N N 40  
ASN N    N N N 41  
ASN CA   C N S 42  
ASN C    C N N 43  
ASN O    O N N 44  
ASN CB   C N N 45  
ASN CG   C N N 46  
ASN OD1  O N N 47  
ASN ND2  N N N 48  
ASN OXT  O N N 49  
ASN H    H N N 50  
ASN H2   H N N 51  
ASN HA   H N N 52  
ASN HB2  H N N 53  
ASN HB3  H N N 54  
ASN HD21 H N N 55  
ASN HD22 H N N 56  
ASN HXT  H N N 57  
ASP N    N N N 58  
ASP CA   C N S 59  
ASP C    C N N 60  
ASP O    O N N 61  
ASP CB   C N N 62  
ASP CG   C N N 63  
ASP OD1  O N N 64  
ASP OD2  O N N 65  
ASP OXT  O N N 66  
ASP H    H N N 67  
ASP H2   H N N 68  
ASP HA   H N N 69  
ASP HB2  H N N 70  
ASP HB3  H N N 71  
ASP HD2  H N N 72  
ASP HXT  H N N 73  
CYS N    N N N 74  
CYS CA   C N R 75  
CYS C    C N N 76  
CYS O    O N N 77  
CYS CB   C N N 78  
CYS SG   S N N 79  
CYS OXT  O N N 80  
CYS H    H N N 81  
CYS H2   H N N 82  
CYS HA   H N N 83  
CYS HB2  H N N 84  
CYS HB3  H N N 85  
CYS HG   H N N 86  
CYS HXT  H N N 87  
GLN N    N N N 88  
GLN CA   C N S 89  
GLN C    C N N 90  
GLN O    O N N 91  
GLN CB   C N N 92  
GLN CG   C N N 93  
GLN CD   C N N 94  
GLN OE1  O N N 95  
GLN NE2  N N N 96  
GLN OXT  O N N 97  
GLN H    H N N 98  
GLN H2   H N N 99  
GLN HA   H N N 100 
GLN HB2  H N N 101 
GLN HB3  H N N 102 
GLN HG2  H N N 103 
GLN HG3  H N N 104 
GLN HE21 H N N 105 
GLN HE22 H N N 106 
GLN HXT  H N N 107 
GLU N    N N N 108 
GLU CA   C N S 109 
GLU C    C N N 110 
GLU O    O N N 111 
GLU CB   C N N 112 
GLU CG   C N N 113 
GLU CD   C N N 114 
GLU OE1  O N N 115 
GLU OE2  O N N 116 
GLU OXT  O N N 117 
GLU H    H N N 118 
GLU H2   H N N 119 
GLU HA   H N N 120 
GLU HB2  H N N 121 
GLU HB3  H N N 122 
GLU HG2  H N N 123 
GLU HG3  H N N 124 
GLU HE2  H N N 125 
GLU HXT  H N N 126 
GLY N    N N N 127 
GLY CA   C N N 128 
GLY C    C N N 129 
GLY O    O N N 130 
GLY OXT  O N N 131 
GLY H    H N N 132 
GLY H2   H N N 133 
GLY HA2  H N N 134 
GLY HA3  H N N 135 
GLY HXT  H N N 136 
HIS N    N N N 137 
HIS CA   C N S 138 
HIS C    C N N 139 
HIS O    O N N 140 
HIS CB   C N N 141 
HIS CG   C Y N 142 
HIS ND1  N Y N 143 
HIS CD2  C Y N 144 
HIS CE1  C Y N 145 
HIS NE2  N Y N 146 
HIS OXT  O N N 147 
HIS H    H N N 148 
HIS H2   H N N 149 
HIS HA   H N N 150 
HIS HB2  H N N 151 
HIS HB3  H N N 152 
HIS HD1  H N N 153 
HIS HD2  H N N 154 
HIS HE1  H N N 155 
HIS HE2  H N N 156 
HIS HXT  H N N 157 
HOH O    O N N 158 
HOH H1   H N N 159 
HOH H2   H N N 160 
ILE N    N N N 161 
ILE CA   C N S 162 
ILE C    C N N 163 
ILE O    O N N 164 
ILE CB   C N S 165 
ILE CG1  C N N 166 
ILE CG2  C N N 167 
ILE CD1  C N N 168 
ILE OXT  O N N 169 
ILE H    H N N 170 
ILE H2   H N N 171 
ILE HA   H N N 172 
ILE HB   H N N 173 
ILE HG12 H N N 174 
ILE HG13 H N N 175 
ILE HG21 H N N 176 
ILE HG22 H N N 177 
ILE HG23 H N N 178 
ILE HD11 H N N 179 
ILE HD12 H N N 180 
ILE HD13 H N N 181 
ILE HXT  H N N 182 
LEU N    N N N 183 
LEU CA   C N S 184 
LEU C    C N N 185 
LEU O    O N N 186 
LEU CB   C N N 187 
LEU CG   C N N 188 
LEU CD1  C N N 189 
LEU CD2  C N N 190 
LEU OXT  O N N 191 
LEU H    H N N 192 
LEU H2   H N N 193 
LEU HA   H N N 194 
LEU HB2  H N N 195 
LEU HB3  H N N 196 
LEU HG   H N N 197 
LEU HD11 H N N 198 
LEU HD12 H N N 199 
LEU HD13 H N N 200 
LEU HD21 H N N 201 
LEU HD22 H N N 202 
LEU HD23 H N N 203 
LEU HXT  H N N 204 
LYS N    N N N 205 
LYS CA   C N S 206 
LYS C    C N N 207 
LYS O    O N N 208 
LYS CB   C N N 209 
LYS CG   C N N 210 
LYS CD   C N N 211 
LYS CE   C N N 212 
LYS NZ   N N N 213 
LYS OXT  O N N 214 
LYS H    H N N 215 
LYS H2   H N N 216 
LYS HA   H N N 217 
LYS HB2  H N N 218 
LYS HB3  H N N 219 
LYS HG2  H N N 220 
LYS HG3  H N N 221 
LYS HD2  H N N 222 
LYS HD3  H N N 223 
LYS HE2  H N N 224 
LYS HE3  H N N 225 
LYS HZ1  H N N 226 
LYS HZ2  H N N 227 
LYS HZ3  H N N 228 
LYS HXT  H N N 229 
MET N    N N N 230 
MET CA   C N S 231 
MET C    C N N 232 
MET O    O N N 233 
MET CB   C N N 234 
MET CG   C N N 235 
MET SD   S N N 236 
MET CE   C N N 237 
MET OXT  O N N 238 
MET H    H N N 239 
MET H2   H N N 240 
MET HA   H N N 241 
MET HB2  H N N 242 
MET HB3  H N N 243 
MET HG2  H N N 244 
MET HG3  H N N 245 
MET HE1  H N N 246 
MET HE2  H N N 247 
MET HE3  H N N 248 
MET HXT  H N N 249 
MLY N    N N N 250 
MLY CA   C N S 251 
MLY CB   C N N 252 
MLY CG   C N N 253 
MLY CD   C N N 254 
MLY CE   C N N 255 
MLY NZ   N N N 256 
MLY CH1  C N N 257 
MLY CH2  C N N 258 
MLY C    C N N 259 
MLY O    O N N 260 
MLY OXT  O N N 261 
MLY H    H N N 262 
MLY H2   H N N 263 
MLY HA   H N N 264 
MLY HB2  H N N 265 
MLY HB3  H N N 266 
MLY HG2  H N N 267 
MLY HG3  H N N 268 
MLY HD2  H N N 269 
MLY HD3  H N N 270 
MLY HE2  H N N 271 
MLY HE3  H N N 272 
MLY HH11 H N N 273 
MLY HH12 H N N 274 
MLY HH13 H N N 275 
MLY HH21 H N N 276 
MLY HH22 H N N 277 
MLY HH23 H N N 278 
MLY HXT  H N N 279 
MLZ N    N N N 280 
MLZ CA   C N S 281 
MLZ CB   C N N 282 
MLZ CG   C N N 283 
MLZ CD   C N N 284 
MLZ CE   C N N 285 
MLZ NZ   N N N 286 
MLZ CM   C N N 287 
MLZ C    C N N 288 
MLZ O    O N N 289 
MLZ OXT  O N N 290 
MLZ H    H N N 291 
MLZ H2   H N N 292 
MLZ HA   H N N 293 
MLZ HB2  H N N 294 
MLZ HB3  H N N 295 
MLZ HG2  H N N 296 
MLZ HG3  H N N 297 
MLZ HD2  H N N 298 
MLZ HD3  H N N 299 
MLZ HE2  H N N 300 
MLZ HE3  H N N 301 
MLZ HZ   H N N 302 
MLZ HCM1 H N N 303 
MLZ HCM2 H N N 304 
MLZ HCM3 H N N 305 
MLZ HXT  H N N 306 
NO3 N    N N N 307 
NO3 O1   O N N 308 
NO3 O2   O N N 309 
NO3 O3   O N N 310 
PHE N    N N N 311 
PHE CA   C N S 312 
PHE C    C N N 313 
PHE O    O N N 314 
PHE CB   C N N 315 
PHE CG   C Y N 316 
PHE CD1  C Y N 317 
PHE CD2  C Y N 318 
PHE CE1  C Y N 319 
PHE CE2  C Y N 320 
PHE CZ   C Y N 321 
PHE OXT  O N N 322 
PHE H    H N N 323 
PHE H2   H N N 324 
PHE HA   H N N 325 
PHE HB2  H N N 326 
PHE HB3  H N N 327 
PHE HD1  H N N 328 
PHE HD2  H N N 329 
PHE HE1  H N N 330 
PHE HE2  H N N 331 
PHE HZ   H N N 332 
PHE HXT  H N N 333 
PRO N    N N N 334 
PRO CA   C N S 335 
PRO C    C N N 336 
PRO O    O N N 337 
PRO CB   C N N 338 
PRO CG   C N N 339 
PRO CD   C N N 340 
PRO OXT  O N N 341 
PRO H    H N N 342 
PRO HA   H N N 343 
PRO HB2  H N N 344 
PRO HB3  H N N 345 
PRO HG2  H N N 346 
PRO HG3  H N N 347 
PRO HD2  H N N 348 
PRO HD3  H N N 349 
PRO HXT  H N N 350 
SER N    N N N 351 
SER CA   C N S 352 
SER C    C N N 353 
SER O    O N N 354 
SER CB   C N N 355 
SER OG   O N N 356 
SER OXT  O N N 357 
SER H    H N N 358 
SER H2   H N N 359 
SER HA   H N N 360 
SER HB2  H N N 361 
SER HB3  H N N 362 
SER HG   H N N 363 
SER HXT  H N N 364 
THR N    N N N 365 
THR CA   C N S 366 
THR C    C N N 367 
THR O    O N N 368 
THR CB   C N R 369 
THR OG1  O N N 370 
THR CG2  C N N 371 
THR OXT  O N N 372 
THR H    H N N 373 
THR H2   H N N 374 
THR HA   H N N 375 
THR HB   H N N 376 
THR HG1  H N N 377 
THR HG21 H N N 378 
THR HG22 H N N 379 
THR HG23 H N N 380 
THR HXT  H N N 381 
TYR N    N N N 382 
TYR CA   C N S 383 
TYR C    C N N 384 
TYR O    O N N 385 
TYR CB   C N N 386 
TYR CG   C Y N 387 
TYR CD1  C Y N 388 
TYR CD2  C Y N 389 
TYR CE1  C Y N 390 
TYR CE2  C Y N 391 
TYR CZ   C Y N 392 
TYR OH   O N N 393 
TYR OXT  O N N 394 
TYR H    H N N 395 
TYR H2   H N N 396 
TYR HA   H N N 397 
TYR HB2  H N N 398 
TYR HB3  H N N 399 
TYR HD1  H N N 400 
TYR HD2  H N N 401 
TYR HE1  H N N 402 
TYR HE2  H N N 403 
TYR HH   H N N 404 
TYR HXT  H N N 405 
VAL N    N N N 406 
VAL CA   C N S 407 
VAL C    C N N 408 
VAL O    O N N 409 
VAL CB   C N N 410 
VAL CG1  C N N 411 
VAL CG2  C N N 412 
VAL OXT  O N N 413 
VAL H    H N N 414 
VAL H2   H N N 415 
VAL HA   H N N 416 
VAL HB   H N N 417 
VAL HG11 H N N 418 
VAL HG12 H N N 419 
VAL HG13 H N N 420 
VAL HG21 H N N 421 
VAL HG22 H N N 422 
VAL HG23 H N N 423 
VAL HXT  H N N 424 
# 
loop_
_chem_comp_bond.comp_id 
_chem_comp_bond.atom_id_1 
_chem_comp_bond.atom_id_2 
_chem_comp_bond.value_order 
_chem_comp_bond.pdbx_aromatic_flag 
_chem_comp_bond.pdbx_stereo_config 
_chem_comp_bond.pdbx_ordinal 
ALA N   CA   sing N N 1   
ALA N   H    sing N N 2   
ALA N   H2   sing N N 3   
ALA CA  C    sing N N 4   
ALA CA  CB   sing N N 5   
ALA CA  HA   sing N N 6   
ALA C   O    doub N N 7   
ALA C   OXT  sing N N 8   
ALA CB  HB1  sing N N 9   
ALA CB  HB2  sing N N 10  
ALA CB  HB3  sing N N 11  
ALA OXT HXT  sing N N 12  
ARG N   CA   sing N N 13  
ARG N   H    sing N N 14  
ARG N   H2   sing N N 15  
ARG CA  C    sing N N 16  
ARG CA  CB   sing N N 17  
ARG CA  HA   sing N N 18  
ARG C   O    doub N N 19  
ARG C   OXT  sing N N 20  
ARG CB  CG   sing N N 21  
ARG CB  HB2  sing N N 22  
ARG CB  HB3  sing N N 23  
ARG CG  CD   sing N N 24  
ARG CG  HG2  sing N N 25  
ARG CG  HG3  sing N N 26  
ARG CD  NE   sing N N 27  
ARG CD  HD2  sing N N 28  
ARG CD  HD3  sing N N 29  
ARG NE  CZ   sing N N 30  
ARG NE  HE   sing N N 31  
ARG CZ  NH1  sing N N 32  
ARG CZ  NH2  doub N N 33  
ARG NH1 HH11 sing N N 34  
ARG NH1 HH12 sing N N 35  
ARG NH2 HH21 sing N N 36  
ARG NH2 HH22 sing N N 37  
ARG OXT HXT  sing N N 38  
ASN N   CA   sing N N 39  
ASN N   H    sing N N 40  
ASN N   H2   sing N N 41  
ASN CA  C    sing N N 42  
ASN CA  CB   sing N N 43  
ASN CA  HA   sing N N 44  
ASN C   O    doub N N 45  
ASN C   OXT  sing N N 46  
ASN CB  CG   sing N N 47  
ASN CB  HB2  sing N N 48  
ASN CB  HB3  sing N N 49  
ASN CG  OD1  doub N N 50  
ASN CG  ND2  sing N N 51  
ASN ND2 HD21 sing N N 52  
ASN ND2 HD22 sing N N 53  
ASN OXT HXT  sing N N 54  
ASP N   CA   sing N N 55  
ASP N   H    sing N N 56  
ASP N   H2   sing N N 57  
ASP CA  C    sing N N 58  
ASP CA  CB   sing N N 59  
ASP CA  HA   sing N N 60  
ASP C   O    doub N N 61  
ASP C   OXT  sing N N 62  
ASP CB  CG   sing N N 63  
ASP CB  HB2  sing N N 64  
ASP CB  HB3  sing N N 65  
ASP CG  OD1  doub N N 66  
ASP CG  OD2  sing N N 67  
ASP OD2 HD2  sing N N 68  
ASP OXT HXT  sing N N 69  
CYS N   CA   sing N N 70  
CYS N   H    sing N N 71  
CYS N   H2   sing N N 72  
CYS CA  C    sing N N 73  
CYS CA  CB   sing N N 74  
CYS CA  HA   sing N N 75  
CYS C   O    doub N N 76  
CYS C   OXT  sing N N 77  
CYS CB  SG   sing N N 78  
CYS CB  HB2  sing N N 79  
CYS CB  HB3  sing N N 80  
CYS SG  HG   sing N N 81  
CYS OXT HXT  sing N N 82  
GLN N   CA   sing N N 83  
GLN N   H    sing N N 84  
GLN N   H2   sing N N 85  
GLN CA  C    sing N N 86  
GLN CA  CB   sing N N 87  
GLN CA  HA   sing N N 88  
GLN C   O    doub N N 89  
GLN C   OXT  sing N N 90  
GLN CB  CG   sing N N 91  
GLN CB  HB2  sing N N 92  
GLN CB  HB3  sing N N 93  
GLN CG  CD   sing N N 94  
GLN CG  HG2  sing N N 95  
GLN CG  HG3  sing N N 96  
GLN CD  OE1  doub N N 97  
GLN CD  NE2  sing N N 98  
GLN NE2 HE21 sing N N 99  
GLN NE2 HE22 sing N N 100 
GLN OXT HXT  sing N N 101 
GLU N   CA   sing N N 102 
GLU N   H    sing N N 103 
GLU N   H2   sing N N 104 
GLU CA  C    sing N N 105 
GLU CA  CB   sing N N 106 
GLU CA  HA   sing N N 107 
GLU C   O    doub N N 108 
GLU C   OXT  sing N N 109 
GLU CB  CG   sing N N 110 
GLU CB  HB2  sing N N 111 
GLU CB  HB3  sing N N 112 
GLU CG  CD   sing N N 113 
GLU CG  HG2  sing N N 114 
GLU CG  HG3  sing N N 115 
GLU CD  OE1  doub N N 116 
GLU CD  OE2  sing N N 117 
GLU OE2 HE2  sing N N 118 
GLU OXT HXT  sing N N 119 
GLY N   CA   sing N N 120 
GLY N   H    sing N N 121 
GLY N   H2   sing N N 122 
GLY CA  C    sing N N 123 
GLY CA  HA2  sing N N 124 
GLY CA  HA3  sing N N 125 
GLY C   O    doub N N 126 
GLY C   OXT  sing N N 127 
GLY OXT HXT  sing N N 128 
HIS N   CA   sing N N 129 
HIS N   H    sing N N 130 
HIS N   H2   sing N N 131 
HIS CA  C    sing N N 132 
HIS CA  CB   sing N N 133 
HIS CA  HA   sing N N 134 
HIS C   O    doub N N 135 
HIS C   OXT  sing N N 136 
HIS CB  CG   sing N N 137 
HIS CB  HB2  sing N N 138 
HIS CB  HB3  sing N N 139 
HIS CG  ND1  sing Y N 140 
HIS CG  CD2  doub Y N 141 
HIS ND1 CE1  doub Y N 142 
HIS ND1 HD1  sing N N 143 
HIS CD2 NE2  sing Y N 144 
HIS CD2 HD2  sing N N 145 
HIS CE1 NE2  sing Y N 146 
HIS CE1 HE1  sing N N 147 
HIS NE2 HE2  sing N N 148 
HIS OXT HXT  sing N N 149 
HOH O   H1   sing N N 150 
HOH O   H2   sing N N 151 
ILE N   CA   sing N N 152 
ILE N   H    sing N N 153 
ILE N   H2   sing N N 154 
ILE CA  C    sing N N 155 
ILE CA  CB   sing N N 156 
ILE CA  HA   sing N N 157 
ILE C   O    doub N N 158 
ILE C   OXT  sing N N 159 
ILE CB  CG1  sing N N 160 
ILE CB  CG2  sing N N 161 
ILE CB  HB   sing N N 162 
ILE CG1 CD1  sing N N 163 
ILE CG1 HG12 sing N N 164 
ILE CG1 HG13 sing N N 165 
ILE CG2 HG21 sing N N 166 
ILE CG2 HG22 sing N N 167 
ILE CG2 HG23 sing N N 168 
ILE CD1 HD11 sing N N 169 
ILE CD1 HD12 sing N N 170 
ILE CD1 HD13 sing N N 171 
ILE OXT HXT  sing N N 172 
LEU N   CA   sing N N 173 
LEU N   H    sing N N 174 
LEU N   H2   sing N N 175 
LEU CA  C    sing N N 176 
LEU CA  CB   sing N N 177 
LEU CA  HA   sing N N 178 
LEU C   O    doub N N 179 
LEU C   OXT  sing N N 180 
LEU CB  CG   sing N N 181 
LEU CB  HB2  sing N N 182 
LEU CB  HB3  sing N N 183 
LEU CG  CD1  sing N N 184 
LEU CG  CD2  sing N N 185 
LEU CG  HG   sing N N 186 
LEU CD1 HD11 sing N N 187 
LEU CD1 HD12 sing N N 188 
LEU CD1 HD13 sing N N 189 
LEU CD2 HD21 sing N N 190 
LEU CD2 HD22 sing N N 191 
LEU CD2 HD23 sing N N 192 
LEU OXT HXT  sing N N 193 
LYS N   CA   sing N N 194 
LYS N   H    sing N N 195 
LYS N   H2   sing N N 196 
LYS CA  C    sing N N 197 
LYS CA  CB   sing N N 198 
LYS CA  HA   sing N N 199 
LYS C   O    doub N N 200 
LYS C   OXT  sing N N 201 
LYS CB  CG   sing N N 202 
LYS CB  HB2  sing N N 203 
LYS CB  HB3  sing N N 204 
LYS CG  CD   sing N N 205 
LYS CG  HG2  sing N N 206 
LYS CG  HG3  sing N N 207 
LYS CD  CE   sing N N 208 
LYS CD  HD2  sing N N 209 
LYS CD  HD3  sing N N 210 
LYS CE  NZ   sing N N 211 
LYS CE  HE2  sing N N 212 
LYS CE  HE3  sing N N 213 
LYS NZ  HZ1  sing N N 214 
LYS NZ  HZ2  sing N N 215 
LYS NZ  HZ3  sing N N 216 
LYS OXT HXT  sing N N 217 
MET N   CA   sing N N 218 
MET N   H    sing N N 219 
MET N   H2   sing N N 220 
MET CA  C    sing N N 221 
MET CA  CB   sing N N 222 
MET CA  HA   sing N N 223 
MET C   O    doub N N 224 
MET C   OXT  sing N N 225 
MET CB  CG   sing N N 226 
MET CB  HB2  sing N N 227 
MET CB  HB3  sing N N 228 
MET CG  SD   sing N N 229 
MET CG  HG2  sing N N 230 
MET CG  HG3  sing N N 231 
MET SD  CE   sing N N 232 
MET CE  HE1  sing N N 233 
MET CE  HE2  sing N N 234 
MET CE  HE3  sing N N 235 
MET OXT HXT  sing N N 236 
MLY N   CA   sing N N 237 
MLY N   H    sing N N 238 
MLY N   H2   sing N N 239 
MLY CA  CB   sing N N 240 
MLY CA  C    sing N N 241 
MLY CA  HA   sing N N 242 
MLY CB  CG   sing N N 243 
MLY CB  HB2  sing N N 244 
MLY CB  HB3  sing N N 245 
MLY CG  CD   sing N N 246 
MLY CG  HG2  sing N N 247 
MLY CG  HG3  sing N N 248 
MLY CD  CE   sing N N 249 
MLY CD  HD2  sing N N 250 
MLY CD  HD3  sing N N 251 
MLY CE  NZ   sing N N 252 
MLY CE  HE2  sing N N 253 
MLY CE  HE3  sing N N 254 
MLY NZ  CH1  sing N N 255 
MLY NZ  CH2  sing N N 256 
MLY CH1 HH11 sing N N 257 
MLY CH1 HH12 sing N N 258 
MLY CH1 HH13 sing N N 259 
MLY CH2 HH21 sing N N 260 
MLY CH2 HH22 sing N N 261 
MLY CH2 HH23 sing N N 262 
MLY C   O    doub N N 263 
MLY C   OXT  sing N N 264 
MLY OXT HXT  sing N N 265 
MLZ N   CA   sing N N 266 
MLZ N   H    sing N N 267 
MLZ N   H2   sing N N 268 
MLZ CA  CB   sing N N 269 
MLZ CA  C    sing N N 270 
MLZ CA  HA   sing N N 271 
MLZ CB  CG   sing N N 272 
MLZ CB  HB2  sing N N 273 
MLZ CB  HB3  sing N N 274 
MLZ CG  CD   sing N N 275 
MLZ CG  HG2  sing N N 276 
MLZ CG  HG3  sing N N 277 
MLZ CD  CE   sing N N 278 
MLZ CD  HD2  sing N N 279 
MLZ CD  HD3  sing N N 280 
MLZ CE  NZ   sing N N 281 
MLZ CE  HE2  sing N N 282 
MLZ CE  HE3  sing N N 283 
MLZ NZ  CM   sing N N 284 
MLZ NZ  HZ   sing N N 285 
MLZ CM  HCM1 sing N N 286 
MLZ CM  HCM2 sing N N 287 
MLZ CM  HCM3 sing N N 288 
MLZ C   O    doub N N 289 
MLZ C   OXT  sing N N 290 
MLZ OXT HXT  sing N N 291 
NO3 N   O1   doub N N 292 
NO3 N   O2   sing N N 293 
NO3 N   O3   sing N N 294 
PHE N   CA   sing N N 295 
PHE N   H    sing N N 296 
PHE N   H2   sing N N 297 
PHE CA  C    sing N N 298 
PHE CA  CB   sing N N 299 
PHE CA  HA   sing N N 300 
PHE C   O    doub N N 301 
PHE C   OXT  sing N N 302 
PHE CB  CG   sing N N 303 
PHE CB  HB2  sing N N 304 
PHE CB  HB3  sing N N 305 
PHE CG  CD1  doub Y N 306 
PHE CG  CD2  sing Y N 307 
PHE CD1 CE1  sing Y N 308 
PHE CD1 HD1  sing N N 309 
PHE CD2 CE2  doub Y N 310 
PHE CD2 HD2  sing N N 311 
PHE CE1 CZ   doub Y N 312 
PHE CE1 HE1  sing N N 313 
PHE CE2 CZ   sing Y N 314 
PHE CE2 HE2  sing N N 315 
PHE CZ  HZ   sing N N 316 
PHE OXT HXT  sing N N 317 
PRO N   CA   sing N N 318 
PRO N   CD   sing N N 319 
PRO N   H    sing N N 320 
PRO CA  C    sing N N 321 
PRO CA  CB   sing N N 322 
PRO CA  HA   sing N N 323 
PRO C   O    doub N N 324 
PRO C   OXT  sing N N 325 
PRO CB  CG   sing N N 326 
PRO CB  HB2  sing N N 327 
PRO CB  HB3  sing N N 328 
PRO CG  CD   sing N N 329 
PRO CG  HG2  sing N N 330 
PRO CG  HG3  sing N N 331 
PRO CD  HD2  sing N N 332 
PRO CD  HD3  sing N N 333 
PRO OXT HXT  sing N N 334 
SER N   CA   sing N N 335 
SER N   H    sing N N 336 
SER N   H2   sing N N 337 
SER CA  C    sing N N 338 
SER CA  CB   sing N N 339 
SER CA  HA   sing N N 340 
SER C   O    doub N N 341 
SER C   OXT  sing N N 342 
SER CB  OG   sing N N 343 
SER CB  HB2  sing N N 344 
SER CB  HB3  sing N N 345 
SER OG  HG   sing N N 346 
SER OXT HXT  sing N N 347 
THR N   CA   sing N N 348 
THR N   H    sing N N 349 
THR N   H2   sing N N 350 
THR CA  C    sing N N 351 
THR CA  CB   sing N N 352 
THR CA  HA   sing N N 353 
THR C   O    doub N N 354 
THR C   OXT  sing N N 355 
THR CB  OG1  sing N N 356 
THR CB  CG2  sing N N 357 
THR CB  HB   sing N N 358 
THR OG1 HG1  sing N N 359 
THR CG2 HG21 sing N N 360 
THR CG2 HG22 sing N N 361 
THR CG2 HG23 sing N N 362 
THR OXT HXT  sing N N 363 
TYR N   CA   sing N N 364 
TYR N   H    sing N N 365 
TYR N   H2   sing N N 366 
TYR CA  C    sing N N 367 
TYR CA  CB   sing N N 368 
TYR CA  HA   sing N N 369 
TYR C   O    doub N N 370 
TYR C   OXT  sing N N 371 
TYR CB  CG   sing N N 372 
TYR CB  HB2  sing N N 373 
TYR CB  HB3  sing N N 374 
TYR CG  CD1  doub Y N 375 
TYR CG  CD2  sing Y N 376 
TYR CD1 CE1  sing Y N 377 
TYR CD1 HD1  sing N N 378 
TYR CD2 CE2  doub Y N 379 
TYR CD2 HD2  sing N N 380 
TYR CE1 CZ   doub Y N 381 
TYR CE1 HE1  sing N N 382 
TYR CE2 CZ   sing Y N 383 
TYR CE2 HE2  sing N N 384 
TYR CZ  OH   sing N N 385 
TYR OH  HH   sing N N 386 
TYR OXT HXT  sing N N 387 
VAL N   CA   sing N N 388 
VAL N   H    sing N N 389 
VAL N   H2   sing N N 390 
VAL CA  C    sing N N 391 
VAL CA  CB   sing N N 392 
VAL CA  HA   sing N N 393 
VAL C   O    doub N N 394 
VAL C   OXT  sing N N 395 
VAL CB  CG1  sing N N 396 
VAL CB  CG2  sing N N 397 
VAL CB  HB   sing N N 398 
VAL CG1 HG11 sing N N 399 
VAL CG1 HG12 sing N N 400 
VAL CG1 HG13 sing N N 401 
VAL CG2 HG21 sing N N 402 
VAL CG2 HG22 sing N N 403 
VAL CG2 HG23 sing N N 404 
VAL OXT HXT  sing N N 405 
# 
_atom_sites.entry_id                    3QDP 
_atom_sites.fract_transf_matrix[1][1]   -0.01069752 
_atom_sites.fract_transf_matrix[1][2]   0.00721473 
_atom_sites.fract_transf_matrix[1][3]   0.01017020 
_atom_sites.fract_transf_matrix[2][1]   0.00541952 
_atom_sites.fract_transf_matrix[2][2]   0.00808778 
_atom_sites.fract_transf_matrix[2][3]   0.01323362 
_atom_sites.fract_transf_matrix[3][1]   0.00105102 
_atom_sites.fract_transf_matrix[3][2]   0.01563367 
_atom_sites.fract_transf_matrix[3][3]   -0.00998500 
_atom_sites.fract_transf_vector[1]      -0.210926 
_atom_sites.fract_transf_vector[2]      0.311248 
_atom_sites.fract_transf_vector[3]      0.023726 
# 
loop_
_atom_type.symbol 
C 
N 
O 
S 
# 
loop_
_atom_site.group_PDB 
_atom_site.id 
_atom_site.type_symbol 
_atom_site.label_atom_id 
_atom_site.label_alt_id 
_atom_site.label_comp_id 
_atom_site.label_asym_id 
_atom_site.label_entity_id 
_atom_site.label_seq_id 
_atom_site.pdbx_PDB_ins_code 
_atom_site.Cartn_x 
_atom_site.Cartn_y 
_atom_site.Cartn_z 
_atom_site.occupancy 
_atom_site.B_iso_or_equiv 
_atom_site.pdbx_formal_charge 
_atom_site.auth_seq_id 
_atom_site.auth_comp_id 
_atom_site.auth_asym_id 
_atom_site.auth_atom_id 
_atom_site.pdbx_PDB_model_num 
ATOM   1   N N   . GLY A 1 40  ? 9.947   10.389  10.877  1.00 32.22 ? 334 GLY A N   1 
ATOM   2   C CA  . GLY A 1 40  ? 9.448   9.388   11.901  1.00 31.10 ? 334 GLY A CA  1 
ATOM   3   C C   . GLY A 1 40  ? 7.914   9.448   11.863  1.00 30.71 ? 334 GLY A C   1 
ATOM   4   O O   . GLY A 1 40  ? 7.224   8.561   11.277  1.00 30.28 ? 334 GLY A O   1 
ATOM   5   N N   . ALA A 1 41  ? 7.381   10.534  12.447  1.00 29.11 ? 335 ALA A N   1 
ATOM   6   C CA  . ALA A 1 41  ? 5.942   10.903  12.257  1.00 27.41 ? 335 ALA A CA  1 
ATOM   7   C C   . ALA A 1 41  ? 5.568   11.246  10.781  1.00 24.49 ? 335 ALA A C   1 
ATOM   8   O O   . ALA A 1 41  ? 4.403   11.397  10.464  1.00 26.74 ? 335 ALA A O   1 
ATOM   9   C CB  . ALA A 1 41  ? 5.530   12.060  13.236  1.00 26.64 ? 335 ALA A CB  1 
ATOM   10  N N   . ASP A 1 42  ? 6.530   11.367  9.873   1.00 19.77 ? 336 ASP A N   1 
ATOM   11  C CA  . ASP A 1 42  ? 6.237   12.117  8.627   1.00 15.03 ? 336 ASP A CA  1 
ATOM   12  C C   . ASP A 1 42  ? 5.285   11.359  7.649   1.00 11.67 ? 336 ASP A C   1 
ATOM   13  O O   . ASP A 1 42  ? 5.442   10.161  7.469   1.00 10.35 ? 336 ASP A O   1 
ATOM   14  C CB  . ASP A 1 42  ? 7.532   12.493  7.927   1.00 14.89 ? 336 ASP A CB  1 
ATOM   15  C CG  . ASP A 1 42  ? 7.260   13.314  6.662   1.00 16.23 ? 336 ASP A CG  1 
ATOM   16  O OD1 . ASP A 1 42  ? 6.812   14.515  6.749   1.00 20.70 ? 336 ASP A OD1 1 
ATOM   17  O OD2 . ASP A 1 42  ? 7.386   12.730  5.621   1.00 11.09 ? 336 ASP A OD2 1 
ATOM   18  N N   . ILE A 1 43  ? 4.355   12.035  6.996   1.00 9.43  ? 337 ILE A N   1 
ATOM   19  C CA  . ILE A 1 43  ? 3.484   11.296  6.056   1.00 8.74  ? 337 ILE A CA  1 
ATOM   20  C C   . ILE A 1 43  ? 4.196   10.590  4.909   1.00 7.82  ? 337 ILE A C   1 
ATOM   21  O O   . ILE A 1 43  ? 3.788   9.503   4.500   1.00 7.79  ? 337 ILE A O   1 
ATOM   22  C CB  . ILE A 1 43  ? 2.438   12.241  5.518   1.00 9.15  ? 337 ILE A CB  1 
ATOM   23  C CG1 . ILE A 1 43  ? 1.399   11.517  4.639   1.00 11.43 ? 337 ILE A CG1 1 
ATOM   24  C CG2 . ILE A 1 43  ? 3.105   13.460  4.947   1.00 8.45  ? 337 ILE A CG2 1 
ATOM   25  C CD1 . ILE A 1 43  ? 0.239   12.534  4.192   1.00 10.29 ? 337 ILE A CD1 1 
ATOM   26  N N   . ASN A 1 44  ? 5.301   11.163  4.424   1.00 6.59  ? 338 ASN A N   1 
ATOM   27  C CA  . ASN A 1 44  ? 6.063   10.508  3.297   1.00 7.34  ? 338 ASN A CA  1 
ATOM   28  C C   . ASN A 1 44  ? 6.724   9.271   3.804   1.00 6.57  ? 338 ASN A C   1 
ATOM   29  O O   . ASN A 1 44  ? 6.772   8.244   3.133   1.00 7.35  ? 338 ASN A O   1 
ATOM   30  C CB  . ASN A 1 44  ? 7.148   11.507  2.774   1.00 5.19  ? 338 ASN A CB  1 
ATOM   31  C CG  . ASN A 1 44  ? 6.527   12.750  2.301   1.00 7.70  ? 338 ASN A CG  1 
ATOM   32  O OD1 . ASN A 1 44  ? 5.811   12.731  1.312   1.00 7.26  ? 338 ASN A OD1 1 
ATOM   33  N ND2 . ASN A 1 44  ? 6.699   13.809  3.038   1.00 2.66  ? 338 ASN A ND2 1 
ATOM   34  N N   . ASN A 1 45  ? 7.244   9.341   5.032   1.00 5.80  ? 339 ASN A N   1 
ATOM   35  C CA  . ASN A 1 45  ? 7.839   8.189   5.655   1.00 6.91  ? 339 ASN A CA  1 
ATOM   36  C C   . ASN A 1 45  ? 6.829   7.028   5.816   1.00 7.81  ? 339 ASN A C   1 
ATOM   37  O O   . ASN A 1 45  ? 7.078   5.828   5.443   1.00 8.47  ? 339 ASN A O   1 
ATOM   38  C CB  . ASN A 1 45  ? 8.457   8.627   6.992   1.00 7.45  ? 339 ASN A CB  1 
ATOM   39  C CG  . ASN A 1 45  ? 9.394   7.590   7.576   1.00 14.22 ? 339 ASN A CG  1 
ATOM   40  O OD1 . ASN A 1 45  ? 9.294   6.408   7.307   1.00 20.23 ? 339 ASN A OD1 1 
ATOM   41  N ND2 . ASN A 1 45  ? 10.316  8.042   8.401   1.00 18.57 ? 339 ASN A ND2 1 
ATOM   42  N N   . TYR A 1 46  ? 5.644   7.396   6.301   1.00 6.98  ? 340 TYR A N   1 
ATOM   43  C CA  . TYR A 1 46  ? 4.604   6.412   6.538   1.00 6.35  ? 340 TYR A CA  1 
ATOM   44  C C   . TYR A 1 46  ? 4.098   5.852   5.233   1.00 7.30  ? 340 TYR A C   1 
ATOM   45  O O   . TYR A 1 46  ? 3.896   4.638   5.117   1.00 9.05  ? 340 TYR A O   1 
ATOM   46  C CB  . TYR A 1 46  ? 3.412   7.022   7.327   1.00 4.45  ? 340 TYR A CB  1 
ATOM   47  C CG  . TYR A 1 46  ? 2.394   5.917   7.727   1.00 6.53  ? 340 TYR A CG  1 
ATOM   48  C CD1 . TYR A 1 46  ? 1.117   5.928   7.248   1.00 5.04  ? 340 TYR A CD1 1 
ATOM   49  C CD2 . TYR A 1 46  ? 2.777   4.855   8.590   1.00 6.28  ? 340 TYR A CD2 1 
ATOM   50  C CE1 . TYR A 1 46  ? 0.199   4.912   7.589   0.70 2.44  ? 340 TYR A CE1 1 
ATOM   51  C CE2 . TYR A 1 46  ? 1.872   3.878   8.914   1.00 7.04  ? 340 TYR A CE2 1 
ATOM   52  C CZ  . TYR A 1 46  ? 0.581   3.960   8.396   0.70 5.00  ? 340 TYR A CZ  1 
ATOM   53  O OH  . TYR A 1 46  ? -0.280  2.987   8.746   0.70 8.53  ? 340 TYR A OH  1 
ATOM   54  N N   . ALA A 1 47  ? 3.817   6.719   4.252   1.00 8.64  ? 341 ALA A N   1 
ATOM   55  C CA  . ALA A 1 47  ? 3.413   6.163   2.929   1.00 7.76  ? 341 ALA A CA  1 
ATOM   56  C C   . ALA A 1 47  ? 4.460   5.129   2.455   1.00 8.47  ? 341 ALA A C   1 
ATOM   57  O O   . ALA A 1 47  ? 4.100   4.090   1.963   1.00 10.00 ? 341 ALA A O   1 
ATOM   58  C CB  . ALA A 1 47  ? 3.293   7.280   1.924   1.00 6.23  ? 341 ALA A CB  1 
ATOM   59  N N   . GLY A 1 48  ? 5.771   5.415   2.590   1.00 10.92 ? 342 GLY A N   1 
ATOM   60  C CA  . GLY A 1 48  ? 6.855   4.465   2.180   1.00 9.49  ? 342 GLY A CA  1 
ATOM   61  C C   . GLY A 1 48  ? 6.751   3.183   2.940   1.00 11.98 ? 342 GLY A C   1 
ATOM   62  O O   . GLY A 1 48  ? 6.989   2.059   2.400   1.00 11.65 ? 342 GLY A O   1 
ATOM   63  N N   . GLN A 1 49  ? 6.372   3.289   4.215   1.00 11.74 ? 343 GLN A N   1 
ATOM   64  C CA  . GLN A 1 49  ? 6.281   2.060   4.998   1.00 11.18 ? 343 GLN A CA  1 
ATOM   65  C C   . GLN A 1 49  ? 5.117   1.215   4.594   1.00 11.96 ? 343 GLN A C   1 
ATOM   66  O O   . GLN A 1 49  ? 5.201   -0.026  4.679   1.00 11.51 ? 343 GLN A O   1 
ATOM   67  C CB  . GLN A 1 49  ? 6.183   2.343   6.496   1.00 11.42 ? 343 GLN A CB  1 
ATOM   68  C CG  . GLN A 1 49  ? 7.460   2.963   7.054   1.00 13.34 ? 343 GLN A CG  1 
ATOM   69  C CD  . GLN A 1 49  ? 7.183   3.421   8.446   1.00 27.12 ? 343 GLN A CD  1 
ATOM   70  O OE1 . GLN A 1 49  ? 6.534   2.708   9.230   1.00 30.52 ? 343 GLN A OE1 1 
ATOM   71  N NE2 . GLN A 1 49  ? 7.619   4.626   8.769   1.00 30.79 ? 343 GLN A NE2 1 
ATOM   72  N N   . ILE A 1 50  ? 4.014   1.849   4.222   1.00 12.20 ? 344 ILE A N   1 
ATOM   73  C CA  . ILE A 1 50  ? 2.917   1.027   3.721   1.00 13.86 ? 344 ILE A CA  1 
ATOM   74  C C   . ILE A 1 50  ? 3.338   0.308   2.378   1.00 14.53 ? 344 ILE A C   1 
ATOM   75  O O   . ILE A 1 50  ? 3.025   -0.851  2.171   1.00 15.97 ? 344 ILE A O   1 
ATOM   76  C CB  . ILE A 1 50  ? 1.654   1.851   3.424   1.00 15.22 ? 344 ILE A CB  1 
ATOM   77  C CG1 . ILE A 1 50  ? 1.153   2.639   4.685   1.00 15.81 ? 344 ILE A CG1 1 
ATOM   78  C CG2 . ILE A 1 50  ? 0.469   0.867   2.924   1.00 12.01 ? 344 ILE A CG2 1 
ATOM   79  C CD1 . ILE A 1 50  ? 0.080   3.783   4.230   1.00 13.08 ? 344 ILE A CD1 1 
HETATM 80  N N   . MLY A 1 51  ? 3.973   1.045   1.470   1.00 13.05 ? 345 MLY A N   1 
HETATM 81  C CA  . MLY A 1 51  ? 4.462   0.430   0.249   1.00 14.22 ? 345 MLY A CA  1 
HETATM 82  C CB  . MLY A 1 51  ? 5.134   1.429   -0.691  1.00 12.47 ? 345 MLY A CB  1 
HETATM 83  C CG  . MLY A 1 51  ? 4.129   2.536   -1.035  1.00 14.18 ? 345 MLY A CG  1 
HETATM 84  C CD  . MLY A 1 51  ? 4.951   3.624   -1.685  1.00 10.94 ? 345 MLY A CD  1 
HETATM 85  C CE  . MLY A 1 51  ? 4.221   4.943   -1.710  1.00 18.50 ? 345 MLY A CE  1 
HETATM 86  N NZ  . MLY A 1 51  ? 4.990   5.910   -2.485  1.00 21.96 ? 345 MLY A NZ  1 
HETATM 87  C CH1 . MLY A 1 51  ? 4.882   7.325   -2.121  1.00 28.76 ? 345 MLY A CH1 1 
HETATM 88  C CH2 . MLY A 1 51  ? 5.782   5.592   -3.665  1.00 29.02 ? 345 MLY A CH2 1 
HETATM 89  C C   . MLY A 1 51  ? 5.409   -0.707  0.530   1.00 14.31 ? 345 MLY A C   1 
HETATM 90  O O   . MLY A 1 51  ? 5.359   -1.733  -0.146  1.00 14.70 ? 345 MLY A O   1 
ATOM   91  N N   . SER A 1 52  ? 6.305   -0.510  1.493   1.00 13.97 ? 346 SER A N   1 
ATOM   92  C CA  A SER A 1 52  ? 7.307   -1.518  1.851   0.50 13.57 ? 346 SER A CA  1 
ATOM   93  C CA  B SER A 1 52  ? 7.310   -1.536  1.862   0.50 13.54 ? 346 SER A CA  1 
ATOM   94  C C   . SER A 1 52  ? 6.604   -2.744  2.407   1.00 14.23 ? 346 SER A C   1 
ATOM   95  O O   . SER A 1 52  ? 7.006   -3.885  2.146   1.00 13.82 ? 346 SER A O   1 
ATOM   96  C CB  A SER A 1 52  ? 8.242   -0.954  2.943   0.50 12.78 ? 346 SER A CB  1 
ATOM   97  C CB  B SER A 1 52  ? 8.258   -1.007  2.966   0.50 12.70 ? 346 SER A CB  1 
ATOM   98  O OG  A SER A 1 52  ? 9.287   -1.859  3.114   0.50 11.16 ? 346 SER A OG  1 
ATOM   99  O OG  B SER A 1 52  ? 9.212   -0.172  2.375   0.50 11.08 ? 346 SER A OG  1 
ATOM   100 N N   . ALA A 1 53  ? 5.552   -2.513  3.191   1.00 13.69 ? 347 ALA A N   1 
ATOM   101 C CA  . ALA A 1 53  ? 4.933   -3.674  3.831   1.00 15.68 ? 347 ALA A CA  1 
ATOM   102 C C   . ALA A 1 53  ? 4.269   -4.506  2.746   1.00 14.70 ? 347 ALA A C   1 
ATOM   103 O O   . ALA A 1 53  ? 4.239   -5.701  2.858   1.00 16.81 ? 347 ALA A O   1 
ATOM   104 C CB  . ALA A 1 53  ? 3.905   -3.270  4.921   1.00 12.64 ? 347 ALA A CB  1 
ATOM   105 N N   . ILE A 1 54  ? 3.616   -3.860  1.783   1.00 15.47 ? 348 ILE A N   1 
ATOM   106 C CA  . ILE A 1 54  ? 2.967   -4.574  0.665   1.00 14.89 ? 348 ILE A CA  1 
ATOM   107 C C   . ILE A 1 54  ? 4.024   -5.344  -0.149  1.00 14.60 ? 348 ILE A C   1 
ATOM   108 O O   . ILE A 1 54  ? 3.899   -6.557  -0.369  1.00 15.25 ? 348 ILE A O   1 
ATOM   109 C CB  . ILE A 1 54  ? 2.265   -3.558  -0.256  1.00 14.72 ? 348 ILE A CB  1 
ATOM   110 C CG1 . ILE A 1 54  ? 1.095   -2.979  0.528   1.00 13.84 ? 348 ILE A CG1 1 
ATOM   111 C CG2 . ILE A 1 54  ? 1.849   -4.281  -1.632  1.00 15.04 ? 348 ILE A CG2 1 
ATOM   112 C CD1 . ILE A 1 54  ? 0.316   -1.861  -0.153  1.00 12.91 ? 348 ILE A CD1 1 
ATOM   113 N N   . GLU A 1 55  ? 5.121   -4.659  -0.480  1.00 13.43 ? 349 GLU A N   1 
ATOM   114 C CA  A GLU A 1 55  ? 6.164   -5.271  -1.297  0.50 14.15 ? 349 GLU A CA  1 
ATOM   115 C CA  B GLU A 1 55  ? 6.217   -5.245  -1.283  0.50 14.54 ? 349 GLU A CA  1 
ATOM   116 C C   . GLU A 1 55  ? 6.796   -6.474  -0.622  1.00 14.19 ? 349 GLU A C   1 
ATOM   117 O O   . GLU A 1 55  ? 7.104   -7.463  -1.300  1.00 13.66 ? 349 GLU A O   1 
ATOM   118 C CB  A GLU A 1 55  ? 7.232   -4.227  -1.746  0.50 14.57 ? 349 GLU A CB  1 
ATOM   119 C CB  B GLU A 1 55  ? 7.344   -4.191  -1.586  0.50 15.04 ? 349 GLU A CB  1 
ATOM   120 C CG  A GLU A 1 55  ? 8.003   -4.712  -2.984  0.50 15.54 ? 349 GLU A CG  1 
ATOM   121 C CG  B GLU A 1 55  ? 8.355   -4.607  -2.711  0.50 17.71 ? 349 GLU A CG  1 
ATOM   122 C CD  A GLU A 1 55  ? 8.914   -3.682  -3.550  0.50 16.46 ? 349 GLU A CD  1 
ATOM   123 C CD  B GLU A 1 55  ? 9.418   -5.589  -2.228  0.50 21.21 ? 349 GLU A CD  1 
ATOM   124 O OE1 A GLU A 1 55  ? 8.566   -2.485  -3.541  0.50 17.48 ? 349 GLU A OE1 1 
ATOM   125 O OE1 B GLU A 1 55  ? 9.666   -5.634  -1.005  0.50 23.41 ? 349 GLU A OE1 1 
ATOM   126 O OE2 A GLU A 1 55  ? 9.992   -4.083  -3.993  0.50 16.66 ? 349 GLU A OE2 1 
ATOM   127 O OE2 B GLU A 1 55  ? 10.015  -6.326  -3.060  0.50 22.13 ? 349 GLU A OE2 1 
ATOM   128 N N   . SER A 1 56  ? 6.933   -6.448  0.716   1.00 12.12 ? 350 SER A N   1 
ATOM   129 C CA  A SER A 1 56  ? 7.478   -7.594  1.420   0.50 11.76 ? 350 SER A CA  1 
ATOM   130 C CA  B SER A 1 56  ? 7.463   -7.597  1.423   0.50 12.32 ? 350 SER A CA  1 
ATOM   131 C C   . SER A 1 56  ? 6.627   -8.852  1.275   1.00 12.04 ? 350 SER A C   1 
ATOM   132 O O   . SER A 1 56  ? 7.140   -9.922  1.538   1.00 10.68 ? 350 SER A O   1 
ATOM   133 C CB  A SER A 1 56  ? 7.675   -7.344  2.931   0.50 11.30 ? 350 SER A CB  1 
ATOM   134 C CB  B SER A 1 56  ? 7.630   -7.332  2.923   0.50 11.96 ? 350 SER A CB  1 
ATOM   135 O OG  A SER A 1 56  ? 6.433   -7.103  3.564   0.50 8.54  ? 350 SER A OG  1 
ATOM   136 O OG  B SER A 1 56  ? 8.454   -6.202  3.082   0.50 12.47 ? 350 SER A OG  1 
HETATM 137 N N   . MLZ A 1 57  ? 5.342   -8.714  0.923   1.00 11.43 ? 351 MLZ A N   1 
HETATM 138 C CA  . MLZ A 1 57  ? 4.471   -9.924  0.790   1.00 13.25 ? 351 MLZ A CA  1 
HETATM 139 C CB  . MLZ A 1 57  ? 3.057   -9.769  1.415   1.00 13.31 ? 351 MLZ A CB  1 
HETATM 140 C CG  . MLZ A 1 57  ? 3.120   -9.436  2.918   1.00 14.76 ? 351 MLZ A CG  1 
HETATM 141 C CD  . MLZ A 1 57  ? 4.003   -10.489 3.661   1.00 18.23 ? 351 MLZ A CD  1 
HETATM 142 C CE  . MLZ A 1 57  ? 3.873   -10.264 5.187   1.00 20.16 ? 351 MLZ A CE  1 
HETATM 143 N NZ  . MLZ A 1 57  ? 5.039   -10.610 5.946   1.00 25.18 ? 351 MLZ A NZ  1 
HETATM 144 C CM  . MLZ A 1 57  ? 6.323   -10.032 5.520   1.00 28.22 ? 351 MLZ A CM  1 
HETATM 145 C C   . MLZ A 1 57  ? 4.204   -10.220 -0.690  1.00 13.27 ? 351 MLZ A C   1 
HETATM 146 O O   . MLZ A 1 57  ? 3.419   -11.109 -0.999  1.00 13.37 ? 351 MLZ A O   1 
ATOM   147 N N   . PHE A 1 58  ? 4.833   -9.448  -1.587  1.00 12.62 ? 352 PHE A N   1 
ATOM   148 C CA  . PHE A 1 58  ? 4.539   -9.527  -3.010  1.00 12.83 ? 352 PHE A CA  1 
ATOM   149 C C   . PHE A 1 58  ? 5.616   -10.453 -3.695  1.00 12.85 ? 352 PHE A C   1 
ATOM   150 O O   . PHE A 1 58  ? 6.791   -10.090 -3.787  1.00 11.54 ? 352 PHE A O   1 
ATOM   151 C CB  . PHE A 1 58  ? 4.621   -8.114  -3.543  1.00 13.40 ? 352 PHE A CB  1 
ATOM   152 C CG  . PHE A 1 58  ? 4.130   -7.940  -4.947  1.00 12.59 ? 352 PHE A CG  1 
ATOM   153 C CD1 . PHE A 1 58  ? 4.536   -8.813  -5.979  1.00 10.76 ? 352 PHE A CD1 1 
ATOM   154 C CD2 . PHE A 1 58  ? 3.339   -6.855  -5.270  1.00 13.72 ? 352 PHE A CD2 1 
ATOM   155 C CE1 . PHE A 1 58  ? 4.148   -8.629  -7.269  1.00 7.93  ? 352 PHE A CE1 1 
ATOM   156 C CE2 . PHE A 1 58  ? 2.882   -6.685  -6.639  1.00 13.48 ? 352 PHE A CE2 1 
ATOM   157 C CZ  . PHE A 1 58  ? 3.316   -7.575  -7.618  1.00 9.72  ? 352 PHE A CZ  1 
ATOM   158 N N   . TYR A 1 59  ? 5.210   -11.641 -4.108  1.00 10.89 ? 353 TYR A N   1 
ATOM   159 C CA  . TYR A 1 59  ? 6.162   -12.567 -4.757  1.00 10.98 ? 353 TYR A CA  1 
ATOM   160 C C   . TYR A 1 59  ? 6.690   -11.941 -6.064  1.00 9.36  ? 353 TYR A C   1 
ATOM   161 O O   . TYR A 1 59  ? 5.932   -11.550 -6.937  1.00 11.49 ? 353 TYR A O   1 
ATOM   162 C CB  . TYR A 1 59  ? 5.488   -13.907 -4.992  1.00 7.99  ? 353 TYR A CB  1 
ATOM   163 C CG  . TYR A 1 59  ? 6.440   -14.868 -5.707  1.00 13.11 ? 353 TYR A CG  1 
ATOM   164 C CD1 . TYR A 1 59  ? 7.616   -15.380 -5.025  1.00 8.54  ? 353 TYR A CD1 1 
ATOM   165 C CD2 . TYR A 1 59  ? 6.238   -15.195 -7.062  1.00 10.87 ? 353 TYR A CD2 1 
ATOM   166 C CE1 . TYR A 1 59  ? 8.548   -16.200 -5.710  1.00 10.97 ? 353 TYR A CE1 1 
ATOM   167 C CE2 . TYR A 1 59  ? 7.139   -16.059 -7.759  1.00 13.12 ? 353 TYR A CE2 1 
ATOM   168 C CZ  . TYR A 1 59  ? 8.277   -16.534 -7.062  1.00 13.06 ? 353 TYR A CZ  1 
ATOM   169 O OH  . TYR A 1 59  ? 9.113   -17.339 -7.707  1.00 15.61 ? 353 TYR A OH  1 
ATOM   170 N N   . ASP A 1 60  ? 8.016   -11.853 -6.174  1.00 10.51 ? 354 ASP A N   1 
ATOM   171 C CA  . ASP A 1 60  ? 8.676   -11.400 -7.404  1.00 9.87  ? 354 ASP A CA  1 
ATOM   172 C C   . ASP A 1 60  ? 8.182   -10.054 -7.936  1.00 10.90 ? 354 ASP A C   1 
ATOM   173 O O   . ASP A 1 60  ? 7.899   -9.924  -9.126  1.00 9.91  ? 354 ASP A O   1 
ATOM   174 C CB  . ASP A 1 60  ? 8.552   -12.466 -8.495  1.00 11.13 ? 354 ASP A CB  1 
ATOM   175 C CG  . ASP A 1 60  ? 9.230   -12.058 -9.788  1.00 16.23 ? 354 ASP A CG  1 
ATOM   176 O OD1 . ASP A 1 60  ? 9.828   -10.962 -9.828  1.00 19.18 ? 354 ASP A OD1 1 
ATOM   177 O OD2 . ASP A 1 60  ? 9.165   -12.833 -10.766 1.00 14.34 ? 354 ASP A OD2 1 
ATOM   178 N N   . ALA A 1 61  ? 8.062   -9.063  -7.060  1.00 11.84 ? 355 ALA A N   1 
ATOM   179 C CA  . ALA A 1 61  ? 7.475   -7.749  -7.459  1.00 12.85 ? 355 ALA A CA  1 
ATOM   180 C C   . ALA A 1 61  ? 8.316   -7.080  -8.565  1.00 13.07 ? 355 ALA A C   1 
ATOM   181 O O   . ALA A 1 61  ? 7.806   -6.280  -9.338  1.00 13.08 ? 355 ALA A O   1 
ATOM   182 C CB  . ALA A 1 61  ? 7.376   -6.769  -6.233  1.00 11.83 ? 355 ALA A CB  1 
ATOM   183 N N   . SER A 1 62  ? 9.598   -7.395  -8.623  1.00 14.21 ? 356 SER A N   1 
ATOM   184 C CA  . SER A 1 62  ? 10.447  -6.693  -9.625  1.00 18.35 ? 356 SER A CA  1 
ATOM   185 C C   . SER A 1 62  ? 10.029  -7.039  -11.079 1.00 18.31 ? 356 SER A C   1 
ATOM   186 O O   . SER A 1 62  ? 10.166  -6.191  -11.975 1.00 20.25 ? 356 SER A O   1 
ATOM   187 C CB  . SER A 1 62  ? 11.950  -6.894  -9.346  1.00 18.52 ? 356 SER A CB  1 
ATOM   188 O OG  . SER A 1 62  ? 12.315  -8.248  -9.553  1.00 23.94 ? 356 SER A OG  1 
ATOM   189 N N   . SER A 1 63  ? 9.371   -8.179  -11.301 1.00 16.54 ? 357 SER A N   1 
ATOM   190 C CA  A SER A 1 63  ? 8.939   -8.510  -12.664 0.50 15.47 ? 357 SER A CA  1 
ATOM   191 C CA  B SER A 1 63  ? 8.884   -8.529  -12.643 0.50 16.35 ? 357 SER A CA  1 
ATOM   192 C C   . SER A 1 63  ? 8.016   -7.412  -13.140 1.00 15.91 ? 357 SER A C   1 
ATOM   193 O O   . SER A 1 63  ? 7.762   -7.326  -14.288 1.00 13.59 ? 357 SER A O   1 
ATOM   194 C CB  A SER A 1 63  ? 8.230   -9.882  -12.738 0.50 15.88 ? 357 SER A CB  1 
ATOM   195 C CB  B SER A 1 63  ? 8.033   -9.809  -12.610 0.50 16.88 ? 357 SER A CB  1 
ATOM   196 O OG  A SER A 1 63  ? 9.141   -10.968 -12.818 0.50 10.57 ? 357 SER A OG  1 
ATOM   197 O OG  B SER A 1 63  ? 6.696   -9.505  -12.220 0.50 16.66 ? 357 SER A OG  1 
ATOM   198 N N   . TYR A 1 64  ? 7.512   -6.576  -12.209 1.00 16.61 ? 358 TYR A N   1 
ATOM   199 C CA  . TYR A 1 64  ? 6.631   -5.408  -12.604 1.00 16.99 ? 358 TYR A CA  1 
ATOM   200 C C   . TYR A 1 64  ? 7.311   -4.049  -12.541 1.00 17.20 ? 358 TYR A C   1 
ATOM   201 O O   . TYR A 1 64  ? 6.653   -3.045  -12.687 1.00 16.15 ? 358 TYR A O   1 
ATOM   202 C CB  . TYR A 1 64  ? 5.371   -5.312  -11.721 1.00 17.24 ? 358 TYR A CB  1 
ATOM   203 C CG  . TYR A 1 64  ? 4.481   -6.524  -11.883 1.00 21.17 ? 358 TYR A CG  1 
ATOM   204 C CD1 . TYR A 1 64  ? 3.424   -6.500  -12.809 1.00 18.74 ? 358 TYR A CD1 1 
ATOM   205 C CD2 . TYR A 1 64  ? 4.749   -7.700  -11.171 1.00 23.68 ? 358 TYR A CD2 1 
ATOM   206 C CE1 . TYR A 1 64  ? 2.650   -7.578  -13.010 1.00 24.02 ? 358 TYR A CE1 1 
ATOM   207 C CE2 . TYR A 1 64  ? 3.968   -8.826  -11.355 1.00 25.79 ? 358 TYR A CE2 1 
ATOM   208 C CZ  . TYR A 1 64  ? 2.912   -8.747  -12.265 1.00 27.57 ? 358 TYR A CZ  1 
ATOM   209 O OH  . TYR A 1 64  ? 2.116   -9.839  -12.470 1.00 31.83 ? 358 TYR A OH  1 
ATOM   210 N N   . ALA A 1 65  ? 8.611   -4.033  -12.244 1.00 20.51 ? 359 ALA A N   1 
ATOM   211 C CA  . ALA A 1 65  ? 9.457   -2.781  -12.213 1.00 23.06 ? 359 ALA A CA  1 
ATOM   212 C C   . ALA A 1 65  ? 9.064   -1.943  -13.365 1.00 24.37 ? 359 ALA A C   1 
ATOM   213 O O   . ALA A 1 65  ? 9.043   -2.426  -14.508 1.00 25.49 ? 359 ALA A O   1 
ATOM   214 C CB  . ALA A 1 65  ? 10.955  -3.125  -12.303 1.00 23.59 ? 359 ALA A CB  1 
ATOM   215 N N   . GLY A 1 66  ? 8.668   -0.708  -13.110 1.00 24.96 ? 360 GLY A N   1 
ATOM   216 C CA  . GLY A 1 66  ? 8.222   0.086   -14.227 1.00 25.40 ? 360 GLY A CA  1 
ATOM   217 C C   . GLY A 1 66  ? 6.739   0.325   -14.338 1.00 26.00 ? 360 GLY A C   1 
ATOM   218 O O   . GLY A 1 66  ? 6.343   1.282   -14.947 1.00 27.03 ? 360 GLY A O   1 
ATOM   219 N N   . LYS A 1 67  ? 5.820   -0.540  -13.865 1.00 25.78 ? 361 LYS A N   1 
ATOM   220 C CA  . LYS A 1 67  ? 4.416   -0.183  -13.886 1.00 25.65 ? 361 LYS A CA  1 
ATOM   221 C C   . LYS A 1 67  ? 3.995   0.432   -12.504 1.00 25.52 ? 361 LYS A C   1 
ATOM   222 O O   . LYS A 1 67  ? 4.784   0.466   -11.541 1.00 22.95 ? 361 LYS A O   1 
ATOM   223 C CB  . LYS A 1 67  ? 3.588   -1.405  -14.309 1.00 26.73 ? 361 LYS A CB  1 
ATOM   224 C CG  . LYS A 1 67  ? 3.844   -1.936  -15.816 1.00 29.50 ? 361 LYS A CG  1 
ATOM   225 C CD  . LYS A 1 67  ? 3.689   -3.496  -15.933 1.00 35.63 ? 361 LYS A CD  1 
ATOM   226 C CE  . LYS A 1 67  ? 3.308   -4.056  -17.375 1.00 37.24 ? 361 LYS A CE  1 
ATOM   227 N NZ  . LYS A 1 67  ? 2.648   -5.446  -17.287 1.00 35.85 ? 361 LYS A NZ  1 
ATOM   228 N N   . THR A 1 68  ? 2.803   0.874   -12.356 1.00 25.17 ? 362 THR A N   1 
ATOM   229 C CA  . THR A 1 68  ? 2.274   1.596   -11.218 1.00 25.79 ? 362 THR A CA  1 
ATOM   230 C C   . THR A 1 68  ? 0.884   1.104   -11.125 1.00 25.32 ? 362 THR A C   1 
ATOM   231 O O   . THR A 1 68  ? 0.250   0.881   -12.141 1.00 25.47 ? 362 THR A O   1 
ATOM   232 C CB  . THR A 1 68  ? 2.227   3.116   -11.494 1.00 25.75 ? 362 THR A CB  1 
ATOM   233 O OG1 . THR A 1 68  ? 3.569   3.600   -11.466 1.00 28.59 ? 362 THR A OG1 1 
ATOM   234 C CG2 . THR A 1 68  ? 1.380   3.906   -10.464 1.00 27.43 ? 362 THR A CG2 1 
ATOM   235 N N   . CYS A 1 69  ? 0.449   0.853   -9.897  1.00 23.69 ? 363 CYS A N   1 
ATOM   236 C CA  . CYS A 1 69  ? -0.909  0.735   -9.576  1.00 22.30 ? 363 CYS A CA  1 
ATOM   237 C C   . CYS A 1 69  ? -1.210  1.785   -8.459  1.00 23.38 ? 363 CYS A C   1 
ATOM   238 O O   . CYS A 1 69  ? -0.496  1.842   -7.433  1.00 24.08 ? 363 CYS A O   1 
ATOM   239 C CB  . CYS A 1 69  ? -1.149  -0.619  -9.039  1.00 21.34 ? 363 CYS A CB  1 
ATOM   240 S SG  . CYS A 1 69  ? -2.859  -0.751  -8.549  1.00 25.84 ? 363 CYS A SG  1 
ATOM   241 N N   . THR A 1 70  ? -2.243  2.601   -8.651  1.00 21.66 ? 364 THR A N   1 
ATOM   242 C CA  . THR A 1 70  ? -2.852  3.404   -7.594  1.00 19.55 ? 364 THR A CA  1 
ATOM   243 C C   . THR A 1 70  ? -3.918  2.629   -6.863  1.00 18.98 ? 364 THR A C   1 
ATOM   244 O O   . THR A 1 70  ? -4.911  2.263   -7.460  1.00 18.14 ? 364 THR A O   1 
ATOM   245 C CB  . THR A 1 70  ? -3.402  4.665   -8.225  1.00 20.31 ? 364 THR A CB  1 
ATOM   246 O OG1 . THR A 1 70  ? -2.298  5.324   -8.873  1.00 19.74 ? 364 THR A OG1 1 
ATOM   247 C CG2 . THR A 1 70  ? -4.029  5.652   -7.181  1.00 18.85 ? 364 THR A CG2 1 
ATOM   248 N N   . LEU A 1 71  ? -3.713  2.368   -5.564  1.00 17.26 ? 365 LEU A N   1 
ATOM   249 C CA  . LEU A 1 71  ? -4.667  1.679   -4.751  1.00 17.47 ? 365 LEU A CA  1 
ATOM   250 C C   . LEU A 1 71  ? -5.417  2.668   -3.858  1.00 17.99 ? 365 LEU A C   1 
ATOM   251 O O   . LEU A 1 71  ? -4.887  3.676   -3.469  1.00 19.18 ? 365 LEU A O   1 
ATOM   252 C CB  . LEU A 1 71  ? -3.967  0.654   -3.890  1.00 16.48 ? 365 LEU A CB  1 
ATOM   253 C CG  . LEU A 1 71  ? -3.059  -0.415  -4.587  1.00 18.51 ? 365 LEU A CG  1 
ATOM   254 C CD1 . LEU A 1 71  ? -1.921  -0.921  -3.587  1.00 18.93 ? 365 LEU A CD1 1 
ATOM   255 C CD2 . LEU A 1 71  ? -3.877  -1.571  -5.045  1.00 15.78 ? 365 LEU A CD2 1 
ATOM   256 N N   . ARG A 1 72  ? -6.633  2.340   -3.515  1.00 17.86 ? 366 ARG A N   1 
ATOM   257 C CA  . ARG A 1 72  ? -7.374  3.129   -2.595  1.00 17.31 ? 366 ARG A CA  1 
ATOM   258 C C   . ARG A 1 72  ? -7.448  2.306   -1.397  1.00 15.70 ? 366 ARG A C   1 
ATOM   259 O O   . ARG A 1 72  ? -8.006  1.275   -1.429  1.00 17.52 ? 366 ARG A O   1 
ATOM   260 C CB  . ARG A 1 72  ? -8.786  3.304   -3.066  1.00 18.69 ? 366 ARG A CB  1 
ATOM   261 C CG  . ARG A 1 72  ? -9.543  4.303   -2.281  1.00 20.54 ? 366 ARG A CG  1 
ATOM   262 C CD  . ARG A 1 72  ? -9.485  5.561   -3.024  1.00 22.78 ? 366 ARG A CD  1 
ATOM   263 N NE  . ARG A 1 72  ? -9.661  6.669   -2.160  1.00 26.95 ? 366 ARG A NE  1 
ATOM   264 C CZ  . ARG A 1 72  ? -9.337  7.896   -2.468  1.00 25.44 ? 366 ARG A CZ  1 
ATOM   265 N NH1 . ARG A 1 72  ? -8.820  8.183   -3.635  1.00 25.56 ? 366 ARG A NH1 1 
ATOM   266 N NH2 . ARG A 1 72  ? -9.534  8.826   -1.583  1.00 21.18 ? 366 ARG A NH2 1 
ATOM   267 N N   . ILE A 1 73  ? -6.922  2.798   -0.314  1.00 13.80 ? 367 ILE A N   1 
ATOM   268 C CA  A ILE A 1 73  ? -6.833  1.999   0.891   0.50 12.94 ? 367 ILE A CA  1 
ATOM   269 C CA  B ILE A 1 73  ? -6.804  2.017   0.877   0.50 13.60 ? 367 ILE A CA  1 
ATOM   270 C C   . ILE A 1 73  ? -7.539  2.723   2.059   1.00 13.62 ? 367 ILE A C   1 
ATOM   271 O O   . ILE A 1 73  ? -7.655  3.971   2.090   1.00 14.96 ? 367 ILE A O   1 
ATOM   272 C CB  A ILE A 1 73  ? -5.342  1.676   1.256   0.50 11.76 ? 367 ILE A CB  1 
ATOM   273 C CB  B ILE A 1 73  ? -5.298  1.861   1.154   0.50 13.01 ? 367 ILE A CB  1 
ATOM   274 C CG1 A ILE A 1 73  ? -4.586  2.893   1.839   0.50 10.40 ? 367 ILE A CG1 1 
ATOM   275 C CG1 B ILE A 1 73  ? -5.043  0.896   2.279   0.50 13.94 ? 367 ILE A CG1 1 
ATOM   276 C CG2 A ILE A 1 73  ? -4.597  1.124   0.035   0.50 10.94 ? 367 ILE A CG2 1 
ATOM   277 C CG2 B ILE A 1 73  ? -4.580  3.244   1.395   0.50 11.89 ? 367 ILE A CG2 1 
ATOM   278 C CD1 A ILE A 1 73  ? -3.147  2.563   2.282   0.50 5.43  ? 367 ILE A CD1 1 
ATOM   279 C CD1 B ILE A 1 73  ? -3.608  0.643   2.441   0.50 14.42 ? 367 ILE A CD1 1 
ATOM   280 N N   . LYS A 1 74  ? -8.002  1.941   3.018   1.00 15.25 ? 368 LYS A N   1 
ATOM   281 C CA  . LYS A 1 74  ? -8.657  2.435   4.199   1.00 16.35 ? 368 LYS A CA  1 
ATOM   282 C C   . LYS A 1 74  ? -8.055  1.675   5.321   1.00 16.06 ? 368 LYS A C   1 
ATOM   283 O O   . LYS A 1 74  ? -8.206  0.469   5.341   1.00 17.41 ? 368 LYS A O   1 
ATOM   284 C CB  . LYS A 1 74  ? -10.160 2.160   4.111   1.00 16.85 ? 368 LYS A CB  1 
ATOM   285 C CG  . LYS A 1 74  ? -10.850 3.037   3.054   1.00 17.44 ? 368 LYS A CG  1 
ATOM   286 C CD  . LYS A 1 74  ? -12.424 2.965   3.185   1.00 20.67 ? 368 LYS A CD  1 
ATOM   287 C CE  . LYS A 1 74  ? -13.064 3.358   1.828   1.00 25.51 ? 368 LYS A CE  1 
ATOM   288 N NZ  . LYS A 1 74  ? -14.590 3.392   1.830   1.00 26.31 ? 368 LYS A NZ  1 
ATOM   289 N N   . LEU A 1 75  ? -7.318  2.337   6.224   1.00 15.71 ? 369 LEU A N   1 
ATOM   290 C CA  . LEU A 1 75  ? -6.743  1.666   7.378   1.00 17.20 ? 369 LEU A CA  1 
ATOM   291 C C   . LEU A 1 75  ? -7.475  2.085   8.675   1.00 19.97 ? 369 LEU A C   1 
ATOM   292 O O   . LEU A 1 75  ? -8.097  3.144   8.711   1.00 21.00 ? 369 LEU A O   1 
ATOM   293 C CB  . LEU A 1 75  ? -5.259  2.054   7.540   1.00 17.47 ? 369 LEU A CB  1 
ATOM   294 C CG  . LEU A 1 75  ? -4.287  1.884   6.352   1.00 17.85 ? 369 LEU A CG  1 
ATOM   295 C CD1 . LEU A 1 75  ? -2.869  2.480   6.615   1.00 11.15 ? 369 LEU A CD1 1 
ATOM   296 C CD2 . LEU A 1 75  ? -4.225  0.369   6.046   1.00 14.19 ? 369 LEU A CD2 1 
ATOM   297 N N   . ALA A 1 76  ? -7.325  1.291   9.728   1.00 21.20 ? 370 ALA A N   1 
ATOM   298 C CA  . ALA A 1 76  ? -7.861  1.530   11.038  1.00 22.90 ? 370 ALA A CA  1 
ATOM   299 C C   . ALA A 1 76  ? -6.751  2.240   11.801  1.00 24.68 ? 370 ALA A C   1 
ATOM   300 O O   . ALA A 1 76  ? -5.618  2.261   11.346  1.00 24.71 ? 370 ALA A O   1 
ATOM   301 C CB  . ALA A 1 76  ? -8.130  0.183   11.683  1.00 23.85 ? 370 ALA A CB  1 
ATOM   302 N N   . PRO A 1 77  ? -7.049  2.810   13.004  1.00 25.22 ? 371 PRO A N   1 
ATOM   303 C CA  . PRO A 1 77  ? -5.972  3.577   13.685  1.00 24.28 ? 371 PRO A CA  1 
ATOM   304 C C   . PRO A 1 77  ? -4.826  2.771   14.162  1.00 24.18 ? 371 PRO A C   1 
ATOM   305 O O   . PRO A 1 77  ? -3.749  3.328   14.498  1.00 24.80 ? 371 PRO A O   1 
ATOM   306 C CB  . PRO A 1 77  ? -6.701  4.263   14.872  1.00 25.82 ? 371 PRO A CB  1 
ATOM   307 C CG  . PRO A 1 77  ? -8.155  4.362   14.399  1.00 23.22 ? 371 PRO A CG  1 
ATOM   308 C CD  . PRO A 1 77  ? -8.403  3.133   13.529  1.00 24.16 ? 371 PRO A CD  1 
ATOM   309 N N   . ASP A 1 78  ? -5.012  1.457   14.191  1.00 25.23 ? 372 ASP A N   1 
ATOM   310 C CA  . ASP A 1 78  ? -3.886  0.503   14.517  1.00 25.63 ? 372 ASP A CA  1 
ATOM   311 C C   . ASP A 1 78  ? -3.091  -0.038  13.244  1.00 25.81 ? 372 ASP A C   1 
ATOM   312 O O   . ASP A 1 78  ? -2.051  -0.693  13.377  1.00 25.22 ? 372 ASP A O   1 
ATOM   313 C CB  . ASP A 1 78  ? -4.445  -0.687  15.310  1.00 25.52 ? 372 ASP A CB  1 
ATOM   314 C CG  . ASP A 1 78  ? -5.435  -1.497  14.494  1.00 25.61 ? 372 ASP A CG  1 
ATOM   315 O OD1 . ASP A 1 78  ? -5.909  -1.016  13.458  1.00 30.22 ? 372 ASP A OD1 1 
ATOM   316 O OD2 . ASP A 1 78  ? -5.758  -2.636  14.858  1.00 30.78 ? 372 ASP A OD2 1 
ATOM   317 N N   . GLY A 1 79  ? -3.587  0.250   12.041  1.00 25.40 ? 373 GLY A N   1 
ATOM   318 C CA  . GLY A 1 79  ? -2.864  -0.123  10.828  1.00 25.44 ? 373 GLY A CA  1 
ATOM   319 C C   . GLY A 1 79  ? -3.593  -1.215  10.056  1.00 26.17 ? 373 GLY A C   1 
ATOM   320 O O   . GLY A 1 79  ? -3.252  -1.462  8.877   1.00 25.71 ? 373 GLY A O   1 
ATOM   321 N N   . MET A 1 80  ? -4.606  -1.857  10.654  1.00 24.75 ? 374 MET A N   1 
ATOM   322 C CA  . MET A 1 80  ? -5.280  -2.941  9.949   1.00 25.43 ? 374 MET A CA  1 
ATOM   323 C C   . MET A 1 80  ? -5.816  -2.472  8.625   1.00 24.56 ? 374 MET A C   1 
ATOM   324 O O   . MET A 1 80  ? -6.368  -1.353  8.571   1.00 23.99 ? 374 MET A O   1 
ATOM   325 C CB  . MET A 1 80  ? -6.408  -3.549  10.782  1.00 27.23 ? 374 MET A CB  1 
ATOM   326 C CG  . MET A 1 80  ? -6.699  -5.024  10.424  1.00 33.11 ? 374 MET A CG  1 
ATOM   327 S SD  . MET A 1 80  ? -8.201  -5.563  11.290  0.70 44.38 ? 374 MET A SD  1 
ATOM   328 C CE  . MET A 1 80  ? -9.416  -5.573  9.946   1.00 42.33 ? 374 MET A CE  1 
ATOM   329 N N   . LEU A 1 81  ? -5.646  -3.261  7.570   1.00 22.66 ? 375 LEU A N   1 
ATOM   330 C CA  . LEU A 1 81  ? -6.252  -2.923  6.297   1.00 23.61 ? 375 LEU A CA  1 
ATOM   331 C C   . LEU A 1 81  ? -7.740  -3.119  6.523   1.00 25.50 ? 375 LEU A C   1 
ATOM   332 O O   . LEU A 1 81  ? -8.142  -4.090  7.164   1.00 27.21 ? 375 LEU A O   1 
ATOM   333 C CB  . LEU A 1 81  ? -5.750  -3.853  5.194   1.00 23.63 ? 375 LEU A CB  1 
ATOM   334 C CG  . LEU A 1 81  ? -6.304  -3.599  3.791   1.00 22.16 ? 375 LEU A CG  1 
ATOM   335 C CD1 . LEU A 1 81  ? -5.956  -2.195  3.320   1.00 20.79 ? 375 LEU A CD1 1 
ATOM   336 C CD2 . LEU A 1 81  ? -5.786  -4.640  2.812   1.00 20.64 ? 375 LEU A CD2 1 
ATOM   337 N N   . LEU A 1 82  ? -8.564  -2.213  6.015   1.00 25.65 ? 376 LEU A N   1 
ATOM   338 C CA  . LEU A 1 82  ? -10.004 -2.353  6.235   1.00 25.18 ? 376 LEU A CA  1 
ATOM   339 C C   . LEU A 1 82  ? -10.595 -2.601  4.905   1.00 24.93 ? 376 LEU A C   1 
ATOM   340 O O   . LEU A 1 82  ? -11.555 -3.293  4.796   1.00 24.50 ? 376 LEU A O   1 
ATOM   341 C CB  . LEU A 1 82  ? -10.614 -1.071  6.855   1.00 25.75 ? 376 LEU A CB  1 
ATOM   342 C CG  . LEU A 1 82  ? -10.859 -1.003  8.361   1.00 26.36 ? 376 LEU A CG  1 
ATOM   343 C CD1 . LEU A 1 82  ? -10.104 -2.037  9.157   1.00 28.70 ? 376 LEU A CD1 1 
ATOM   344 C CD2 . LEU A 1 82  ? -10.617 0.385   8.936   1.00 30.43 ? 376 LEU A CD2 1 
ATOM   345 N N   . ASP A 1 83  ? -9.991  -2.049  3.864   1.00 24.68 ? 377 ASP A N   1 
ATOM   346 C CA  . ASP A 1 83  ? -10.539 -2.132  2.530   1.00 24.05 ? 377 ASP A CA  1 
ATOM   347 C C   . ASP A 1 83  ? -9.460  -1.649  1.534   1.00 23.07 ? 377 ASP A C   1 
ATOM   348 O O   . ASP A 1 83  ? -8.660  -0.755  1.869   1.00 21.95 ? 377 ASP A O   1 
ATOM   349 C CB  . ASP A 1 83  ? -11.758 -1.216  2.491   1.00 24.87 ? 377 ASP A CB  1 
ATOM   350 C CG  . ASP A 1 83  ? -12.503 -1.266  1.189   1.00 28.66 ? 377 ASP A CG  1 
ATOM   351 O OD1 . ASP A 1 83  ? -13.415 -2.088  1.064   1.00 37.11 ? 377 ASP A OD1 1 
ATOM   352 O OD2 . ASP A 1 83  ? -12.241 -0.447  0.282   1.00 35.98 ? 377 ASP A OD2 1 
ATOM   353 N N   . ILE A 1 84  ? -9.460  -2.205  0.318   1.00 21.91 ? 378 ILE A N   1 
ATOM   354 C CA  . ILE A 1 84  ? -8.535  -1.794  -0.734  1.00 21.70 ? 378 ILE A CA  1 
ATOM   355 C C   . ILE A 1 84  ? -9.123  -2.060  -2.107  1.00 22.20 ? 378 ILE A C   1 
ATOM   356 O O   . ILE A 1 84  ? -9.708  -3.061  -2.306  1.00 22.36 ? 378 ILE A O   1 
ATOM   357 C CB  . ILE A 1 84  ? -7.141  -2.516  -0.553  1.00 21.96 ? 378 ILE A CB  1 
ATOM   358 C CG1 . ILE A 1 84  ? -6.171  -2.175  -1.678  1.00 20.22 ? 378 ILE A CG1 1 
ATOM   359 C CG2 . ILE A 1 84  ? -7.284  -4.055  -0.393  1.00 21.86 ? 378 ILE A CG2 1 
ATOM   360 C CD1 . ILE A 1 84  ? -4.773  -2.271  -1.191  1.00 19.05 ? 378 ILE A CD1 1 
ATOM   361 N N   . LYS A 1 85  ? -8.965  -1.159  -3.057  1.00 23.20 ? 379 LYS A N   1 
ATOM   362 C CA  . LYS A 1 85  ? -9.535  -1.332  -4.345  1.00 24.80 ? 379 LYS A CA  1 
ATOM   363 C C   . LYS A 1 85  ? -8.529  -0.721  -5.245  1.00 24.86 ? 379 LYS A C   1 
ATOM   364 O O   . LYS A 1 85  ? -7.829  0.211   -4.850  1.00 25.07 ? 379 LYS A O   1 
ATOM   365 C CB  . LYS A 1 85  ? -10.809 -0.472  -4.488  1.00 26.24 ? 379 LYS A CB  1 
ATOM   366 C CG  . LYS A 1 85  ? -12.170 -1.180  -4.338  1.00 32.74 ? 379 LYS A CG  1 
ATOM   367 C CD  . LYS A 1 85  ? -12.528 -1.630  -2.901  1.00 38.90 ? 379 LYS A CD  1 
ATOM   368 C CE  . LYS A 1 85  ? -13.833 -2.454  -2.897  1.00 37.91 ? 379 LYS A CE  1 
ATOM   369 N NZ  . LYS A 1 85  ? -13.757 -3.415  -1.771  1.00 39.45 ? 379 LYS A NZ  1 
ATOM   370 N N   . PRO A 1 86  ? -8.467  -1.196  -6.484  1.00 25.19 ? 380 PRO A N   1 
ATOM   371 C CA  . PRO A 1 86  ? -7.675  -0.499  -7.521  1.00 25.61 ? 380 PRO A CA  1 
ATOM   372 C C   . PRO A 1 86  ? -8.307  0.839   -7.930  1.00 26.14 ? 380 PRO A C   1 
ATOM   373 O O   . PRO A 1 86  ? -9.483  0.986   -7.732  1.00 26.71 ? 380 PRO A O   1 
ATOM   374 C CB  . PRO A 1 86  ? -7.654  -1.488  -8.720  1.00 25.27 ? 380 PRO A CB  1 
ATOM   375 C CG  . PRO A 1 86  ? -8.526  -2.694  -8.316  1.00 25.40 ? 380 PRO A CG  1 
ATOM   376 C CD  . PRO A 1 86  ? -9.103  -2.459  -6.931  1.00 25.68 ? 380 PRO A CD  1 
ATOM   377 N N   . GLU A 1 87  ? -7.523  1.787   -8.473  1.00 26.70 ? 381 GLU A N   1 
ATOM   378 C CA  . GLU A 1 87  ? -7.987  3.017   -9.105  1.00 27.70 ? 381 GLU A CA  1 
ATOM   379 C C   . GLU A 1 87  ? -7.373  3.142   -10.477 1.00 29.13 ? 381 GLU A C   1 
ATOM   380 O O   . GLU A 1 87  ? -7.748  4.040   -11.200 1.00 30.43 ? 381 GLU A O   1 
ATOM   381 C CB  . GLU A 1 87  ? -7.859  4.269   -8.202  1.00 28.16 ? 381 GLU A CB  1 
ATOM   382 C CG  . GLU A 1 87  ? -8.414  4.192   -6.759  1.00 27.48 ? 381 GLU A CG  1 
ATOM   383 C CD  . GLU A 1 87  ? -8.873  5.570   -6.201  1.00 27.88 ? 381 GLU A CD  1 
ATOM   384 O OE1 . GLU A 1 87  ? -8.149  6.609   -6.317  1.00 25.59 ? 381 GLU A OE1 1 
ATOM   385 O OE2 . GLU A 1 87  ? -9.997  5.584   -5.646  1.00 25.31 ? 381 GLU A OE2 1 
ATOM   386 N N   . GLY A 1 88  ? -6.335  2.445   -10.841 1.00 30.57 ? 382 GLY A N   1 
ATOM   387 C CA  . GLY A 1 88  ? -5.745  2.645   -12.194 1.00 31.22 ? 382 GLY A CA  1 
ATOM   388 C C   . GLY A 1 88  ? -4.234  2.525   -12.187 1.00 31.10 ? 382 GLY A C   1 
ATOM   389 O O   . GLY A 1 88  ? -3.681  2.178   -11.159 1.00 30.43 ? 382 GLY A O   1 
ATOM   390 N N   . GLY A 1 89  ? -3.584  2.886   -13.311 1.00 31.11 ? 383 GLY A N   1 
ATOM   391 C CA  . GLY A 1 89  ? -2.233  2.385   -13.698 1.00 31.15 ? 383 GLY A CA  1 
ATOM   392 C C   . GLY A 1 89  ? -2.337  0.892   -14.082 1.00 31.62 ? 383 GLY A C   1 
ATOM   393 O O   . GLY A 1 89  ? -3.471  0.289   -13.941 1.00 31.14 ? 383 GLY A O   1 
ATOM   394 N N   . ASP A 1 90  ? -1.199  0.266   -14.488 1.00 31.21 ? 384 ASP A N   1 
ATOM   395 C CA  . ASP A 1 90  ? -1.212  -1.157  -14.998 1.00 31.65 ? 384 ASP A CA  1 
ATOM   396 C C   . ASP A 1 90  ? -2.158  -2.158  -14.293 1.00 29.66 ? 384 ASP A C   1 
ATOM   397 O O   . ASP A 1 90  ? -2.020  -2.375  -13.116 1.00 29.51 ? 384 ASP A O   1 
ATOM   398 C CB  . ASP A 1 90  ? 0.189   -1.761  -15.192 1.00 32.52 ? 384 ASP A CB  1 
ATOM   399 C CG  . ASP A 1 90  ? 0.127   -3.261  -15.598 0.70 35.81 ? 384 ASP A CG  1 
ATOM   400 O OD1 . ASP A 1 90  ? 1.192   -3.898  -15.551 0.70 39.81 ? 384 ASP A OD1 1 
ATOM   401 O OD2 . ASP A 1 90  ? -0.970  -3.825  -15.951 1.00 39.72 ? 384 ASP A OD2 1 
ATOM   402 N N   . PRO A 1 91  ? -3.071  -2.824  -15.042 1.00 29.53 ? 385 PRO A N   1 
ATOM   403 C CA  . PRO A 1 91  ? -4.102  -3.665  -14.352 1.00 28.43 ? 385 PRO A CA  1 
ATOM   404 C C   . PRO A 1 91  ? -3.477  -4.977  -13.903 1.00 27.21 ? 385 PRO A C   1 
ATOM   405 O O   . PRO A 1 91  ? -4.024  -5.675  -12.998 1.00 27.66 ? 385 PRO A O   1 
ATOM   406 C CB  . PRO A 1 91  ? -5.191  -3.940  -15.437 1.00 28.08 ? 385 PRO A CB  1 
ATOM   407 C CG  . PRO A 1 91  ? -4.766  -3.057  -16.696 1.00 29.80 ? 385 PRO A CG  1 
ATOM   408 C CD  . PRO A 1 91  ? -3.281  -2.765  -16.527 1.00 30.15 ? 385 PRO A CD  1 
ATOM   409 N N   . ALA A 1 92  ? -2.378  -5.339  -14.591 1.00 26.21 ? 386 ALA A N   1 
ATOM   410 C CA  . ALA A 1 92  ? -1.579  -6.557  -14.261 1.00 25.20 ? 386 ALA A CA  1 
ATOM   411 C C   . ALA A 1 92  ? -1.010  -6.384  -12.793 1.00 23.94 ? 386 ALA A C   1 
ATOM   412 O O   . ALA A 1 92  ? -1.337  -7.139  -11.816 1.00 21.88 ? 386 ALA A O   1 
ATOM   413 C CB  . ALA A 1 92  ? -0.456  -6.832  -15.365 1.00 23.32 ? 386 ALA A CB  1 
ATOM   414 N N   . LEU A 1 93  ? -0.225  -5.313  -12.642 1.00 23.28 ? 387 LEU A N   1 
ATOM   415 C CA  . LEU A 1 93  ? 0.239   -4.894  -11.330 1.00 21.05 ? 387 LEU A CA  1 
ATOM   416 C C   . LEU A 1 93  ? -0.867  -4.793  -10.265 1.00 21.24 ? 387 LEU A C   1 
ATOM   417 O O   . LEU A 1 93  ? -0.761  -5.428  -9.194  1.00 20.11 ? 387 LEU A O   1 
ATOM   418 C CB  . LEU A 1 93  ? 1.032   -3.611  -11.474 1.00 21.24 ? 387 LEU A CB  1 
ATOM   419 C CG  . LEU A 1 93  ? 1.636   -3.125  -10.174 1.00 18.11 ? 387 LEU A CG  1 
ATOM   420 C CD1 . LEU A 1 93  ? 2.300   -4.283  -9.334  1.00 12.59 ? 387 LEU A CD1 1 
ATOM   421 C CD2 . LEU A 1 93  ? 2.612   -2.106  -10.620 1.00 17.05 ? 387 LEU A CD2 1 
ATOM   422 N N   . CYS A 1 94  ? -2.059  -4.250  -10.536 1.00 21.69 ? 388 CYS A N   1 
ATOM   423 C CA  . CYS A 1 94  ? -3.158  -4.108  -9.583  1.00 21.89 ? 388 CYS A CA  1 
ATOM   424 C C   . CYS A 1 94  ? -3.644  -5.366  -8.968  1.00 21.42 ? 388 CYS A C   1 
ATOM   425 O O   . CYS A 1 94  ? -3.830  -5.424  -7.730  1.00 19.76 ? 388 CYS A O   1 
ATOM   426 C CB  . CYS A 1 94  ? -4.368  -3.294  -10.139 1.00 23.47 ? 388 CYS A CB  1 
ATOM   427 S SG  . CYS A 1 94  ? -4.030  -1.497  -10.323 1.00 27.05 ? 388 CYS A SG  1 
ATOM   428 N N   . GLN A 1 95  ? -3.908  -6.390  -9.735  1.00 22.17 ? 389 GLN A N   1 
ATOM   429 C CA  A GLN A 1 95  ? -4.458  -7.544  -9.024  0.50 21.48 ? 389 GLN A CA  1 
ATOM   430 C CA  B GLN A 1 95  ? -4.460  -7.527  -9.062  0.50 21.19 ? 389 GLN A CA  1 
ATOM   431 C C   . GLN A 1 95  ? -3.362  -8.094  -8.181  1.00 20.45 ? 389 GLN A C   1 
ATOM   432 O O   . GLN A 1 95  ? -3.628  -8.501  -7.089  1.00 19.84 ? 389 GLN A O   1 
ATOM   433 C CB  A GLN A 1 95  ? -5.096  -8.594  -9.939  0.50 22.84 ? 389 GLN A CB  1 
ATOM   434 C CB  B GLN A 1 95  ? -5.038  -8.531  -10.047 0.50 22.17 ? 389 GLN A CB  1 
ATOM   435 C CG  A GLN A 1 95  ? -4.165  -9.291  -10.878 0.50 21.45 ? 389 GLN A CG  1 
ATOM   436 C CG  B GLN A 1 95  ? -6.391  -9.116  -9.625  0.50 19.73 ? 389 GLN A CG  1 
ATOM   437 C CD  A GLN A 1 95  ? -3.630  -10.608 -10.342 0.50 21.39 ? 389 GLN A CD  1 
ATOM   438 C CD  B GLN A 1 95  ? -7.504  -8.089  -9.328  0.50 14.30 ? 389 GLN A CD  1 
ATOM   439 O OE1 A GLN A 1 95  ? -4.180  -11.187 -9.420  0.50 20.46 ? 389 GLN A OE1 1 
ATOM   440 O OE1 B GLN A 1 95  ? -7.688  -7.096  -10.032 0.50 7.99  ? 389 GLN A OE1 1 
ATOM   441 N NE2 A GLN A 1 95  ? -2.552  -11.052 -10.900 0.50 19.22 ? 389 GLN A NE2 1 
ATOM   442 N NE2 B GLN A 1 95  ? -8.244  -8.354  -8.268  0.50 11.72 ? 389 GLN A NE2 1 
ATOM   443 N N   . ALA A 1 96  ? -2.129  -8.085  -8.653  1.00 20.24 ? 390 ALA A N   1 
ATOM   444 C CA  . ALA A 1 96  ? -1.021  -8.620  -7.832  1.00 19.38 ? 390 ALA A CA  1 
ATOM   445 C C   . ALA A 1 96  ? -0.879  -7.809  -6.519  1.00 18.03 ? 390 ALA A C   1 
ATOM   446 O O   . ALA A 1 96  ? -0.836  -8.375  -5.424  1.00 17.16 ? 390 ALA A O   1 
ATOM   447 C CB  . ALA A 1 96  ? 0.312   -8.563  -8.669  1.00 18.24 ? 390 ALA A CB  1 
ATOM   448 N N   . ALA A 1 97  ? -0.826  -6.472  -6.651  1.00 17.93 ? 391 ALA A N   1 
ATOM   449 C CA  . ALA A 1 97  ? -0.599  -5.587  -5.459  1.00 18.38 ? 391 ALA A CA  1 
ATOM   450 C C   . ALA A 1 97  ? -1.725  -5.714  -4.469  1.00 18.41 ? 391 ALA A C   1 
ATOM   451 O O   . ALA A 1 97  ? -1.539  -5.820  -3.242  1.00 18.69 ? 391 ALA A O   1 
ATOM   452 C CB  . ALA A 1 97  ? -0.403  -4.146  -5.890  1.00 17.94 ? 391 ALA A CB  1 
ATOM   453 N N   . LEU A 1 98  ? -2.895  -5.853  -5.011  1.00 20.02 ? 392 LEU A N   1 
ATOM   454 C CA  . LEU A 1 98  ? -4.061  -6.049  -4.239  1.00 20.53 ? 392 LEU A CA  1 
ATOM   455 C C   . LEU A 1 98  ? -4.011  -7.315  -3.433  1.00 19.73 ? 392 LEU A C   1 
ATOM   456 O O   . LEU A 1 98  ? -4.312  -7.305  -2.250  1.00 19.67 ? 392 LEU A O   1 
ATOM   457 C CB  . LEU A 1 98  ? -5.184  -6.130  -5.228  1.00 22.49 ? 392 LEU A CB  1 
ATOM   458 C CG  . LEU A 1 98  ? -6.320  -5.263  -4.834  1.00 25.33 ? 392 LEU A CG  1 
ATOM   459 C CD1 . LEU A 1 98  ? -6.923  -4.802  -6.094  1.00 29.76 ? 392 LEU A CD1 1 
ATOM   460 C CD2 . LEU A 1 98  ? -7.173  -6.186  -4.096  1.00 29.02 ? 392 LEU A CD2 1 
ATOM   461 N N   . ALA A 1 99  ? -3.581  -8.406  -4.063  1.00 19.76 ? 393 ALA A N   1 
ATOM   462 C CA  . ALA A 1 99  ? -3.429  -9.674  -3.328  1.00 17.94 ? 393 ALA A CA  1 
ATOM   463 C C   . ALA A 1 99  ? -2.374  -9.546  -2.253  1.00 17.75 ? 393 ALA A C   1 
ATOM   464 O O   . ALA A 1 99  ? -2.552  -10.060 -1.141  1.00 16.07 ? 393 ALA A O   1 
ATOM   465 C CB  . ALA A 1 99  ? -3.087  -10.818 -4.296  1.00 19.47 ? 393 ALA A CB  1 
ATOM   466 N N   . ALA A 1 100 ? -1.238  -8.910  -2.596  1.00 16.34 ? 394 ALA A N   1 
ATOM   467 C CA  . ALA A 1 100 ? -0.144  -8.767  -1.604  1.00 16.31 ? 394 ALA A CA  1 
ATOM   468 C C   . ALA A 1 100 ? -0.541  -7.920  -0.416  1.00 16.31 ? 394 ALA A C   1 
ATOM   469 O O   . ALA A 1 100 ? -0.218  -8.238  0.734   1.00 16.66 ? 394 ALA A O   1 
ATOM   470 C CB  . ALA A 1 100 ? 1.146   -8.142  -2.288  1.00 14.04 ? 394 ALA A CB  1 
ATOM   471 N N   . ALA A 1 101 ? -1.185  -6.779  -0.677  1.00 17.93 ? 395 ALA A N   1 
ATOM   472 C CA  . ALA A 1 101 ? -1.585  -5.870  0.415   1.00 18.98 ? 395 ALA A CA  1 
ATOM   473 C C   . ALA A 1 101 ? -2.427  -6.596  1.442   1.00 20.76 ? 395 ALA A C   1 
ATOM   474 O O   . ALA A 1 101 ? -2.305  -6.348  2.649   1.00 21.71 ? 395 ALA A O   1 
ATOM   475 C CB  . ALA A 1 101 ? -2.383  -4.664  -0.183  1.00 18.81 ? 395 ALA A CB  1 
ATOM   476 N N   . LYS A 1 102 ? -3.282  -7.531  0.988   1.00 21.23 ? 396 LYS A N   1 
ATOM   477 C CA  . LYS A 1 102 ? -4.086  -8.338  1.971   1.00 21.51 ? 396 LYS A CA  1 
ATOM   478 C C   . LYS A 1 102 ? -3.228  -9.122  2.955   1.00 21.06 ? 396 LYS A C   1 
ATOM   479 O O   . LYS A 1 102 ? -3.693  -9.527  3.988   1.00 22.76 ? 396 LYS A O   1 
ATOM   480 C CB  . LYS A 1 102 ? -5.137  -9.237  1.246   1.00 21.32 ? 396 LYS A CB  1 
ATOM   481 C CG  . LYS A 1 102 ? -6.332  -8.362  0.716   1.00 25.10 ? 396 LYS A CG  1 
ATOM   482 C CD  . LYS A 1 102 ? -7.290  -9.059  -0.324  1.00 31.15 ? 396 LYS A CD  1 
ATOM   483 C CE  . LYS A 1 102 ? -8.439  -8.073  -0.740  1.00 34.72 ? 396 LYS A CE  1 
ATOM   484 N NZ  . LYS A 1 102 ? -9.294  -8.571  -1.921  1.00 30.82 ? 396 LYS A NZ  1 
ATOM   485 N N   . LEU A 1 103 ? -1.967  -9.393  2.659   1.00 19.53 ? 397 LEU A N   1 
ATOM   486 C CA  . LEU A 1 103 ? -1.181  -10.170 3.586   1.00 17.46 ? 397 LEU A CA  1 
ATOM   487 C C   . LEU A 1 103 ? -0.317  -9.219  4.393   1.00 17.58 ? 397 LEU A C   1 
ATOM   488 O O   . LEU A 1 103 ? 0.379   -9.658  5.289   1.00 19.15 ? 397 LEU A O   1 
ATOM   489 C CB  . LEU A 1 103 ? -0.239  -11.116 2.784   1.00 18.23 ? 397 LEU A CB  1 
ATOM   490 C CG  . LEU A 1 103 ? -0.945  -12.129 1.901   1.00 19.87 ? 397 LEU A CG  1 
ATOM   491 C CD1 . LEU A 1 103 ? -0.048  -12.696 0.834   1.00 19.97 ? 397 LEU A CD1 1 
ATOM   492 C CD2 . LEU A 1 103 ? -1.567  -13.253 2.804   1.00 14.62 ? 397 LEU A CD2 1 
ATOM   493 N N   . ALA A 1 104 ? -0.259  -7.941  4.012   1.00 18.81 ? 398 ALA A N   1 
ATOM   494 C CA  . ALA A 1 104 ? 0.821   -7.057  4.507   1.00 19.84 ? 398 ALA A CA  1 
ATOM   495 C C   . ALA A 1 104 ? 0.592   -6.854  6.015   1.00 22.16 ? 398 ALA A C   1 
ATOM   496 O O   . ALA A 1 104 ? -0.578  -6.837  6.446   1.00 21.57 ? 398 ALA A O   1 
ATOM   497 C CB  . ALA A 1 104 ? 0.812   -5.723  3.743   1.00 18.20 ? 398 ALA A CB  1 
ATOM   498 N N   . LYS A 1 105 ? 1.679   -6.773  6.801   1.00 23.21 ? 399 LYS A N   1 
ATOM   499 C CA  . LYS A 1 105 ? 1.644   -6.277  8.187   1.00 23.68 ? 399 LYS A CA  1 
ATOM   500 C C   . LYS A 1 105 ? 1.895   -4.750  8.185   1.00 22.72 ? 399 LYS A C   1 
ATOM   501 O O   . LYS A 1 105 ? 3.063   -4.343  8.195   1.00 22.42 ? 399 LYS A O   1 
ATOM   502 C CB  . LYS A 1 105 ? 2.783   -6.947  8.993   1.00 24.53 ? 399 LYS A CB  1 
ATOM   503 C CG  . LYS A 1 105 ? 2.323   -7.663  10.239  0.70 29.89 ? 399 LYS A CG  1 
ATOM   504 C CD  . LYS A 1 105 ? 2.038   -6.703  11.431  0.70 34.33 ? 399 LYS A CD  1 
ATOM   505 C CE  . LYS A 1 105 ? 1.418   -7.500  12.615  0.70 35.37 ? 399 LYS A CE  1 
ATOM   506 N NZ  . LYS A 1 105 ? 2.126   -7.173  13.846  0.70 37.70 ? 399 LYS A NZ  1 
ATOM   507 N N   . ILE A 1 106 ? 0.846   -3.908  8.089   1.00 22.14 ? 400 ILE A N   1 
ATOM   508 C CA  . ILE A 1 106 ? 1.038   -2.465  7.947   1.00 21.86 ? 400 ILE A CA  1 
ATOM   509 C C   . ILE A 1 106 ? 1.265   -1.820  9.324   1.00 23.15 ? 400 ILE A C   1 
ATOM   510 O O   . ILE A 1 106 ? 0.458   -2.036  10.227  1.00 21.99 ? 400 ILE A O   1 
ATOM   511 C CB  . ILE A 1 106 ? -0.183  -1.841  7.261   1.00 22.90 ? 400 ILE A CB  1 
ATOM   512 C CG1 . ILE A 1 106 ? -0.318  -2.475  5.863   1.00 22.74 ? 400 ILE A CG1 1 
ATOM   513 C CG2 . ILE A 1 106 ? -0.045  -0.328  7.131   1.00 19.07 ? 400 ILE A CG2 1 
ATOM   514 C CD1 . ILE A 1 106 ? -1.571  -2.172  5.204   1.00 23.71 ? 400 ILE A CD1 1 
ATOM   515 N N   . PRO A 1 107 ? 2.363   -1.055  9.514   1.00 22.90 ? 401 PRO A N   1 
ATOM   516 C CA  . PRO A 1 107 ? 2.432   -0.535  10.918  1.00 22.18 ? 401 PRO A CA  1 
ATOM   517 C C   . PRO A 1 107 ? 1.379   0.561   11.210  1.00 21.64 ? 401 PRO A C   1 
ATOM   518 O O   . PRO A 1 107 ? 0.716   1.119   10.287  1.00 20.27 ? 401 PRO A O   1 
ATOM   519 C CB  . PRO A 1 107 ? 3.855   0.022   11.033  1.00 22.96 ? 401 PRO A CB  1 
ATOM   520 C CG  . PRO A 1 107 ? 4.299   0.303   9.586   1.00 22.26 ? 401 PRO A CG  1 
ATOM   521 C CD  . PRO A 1 107 ? 3.378   -0.461  8.615   1.00 22.24 ? 401 PRO A CD  1 
ATOM   522 N N   . LYS A 1 108 ? 1.183   0.863   12.497  1.00 23.31 ? 402 LYS A N   1 
ATOM   523 C CA  . LYS A 1 108 ? 0.087   1.819   12.892  1.00 23.04 ? 402 LYS A CA  1 
ATOM   524 C C   . LYS A 1 108 ? 0.481   3.179   12.427  1.00 20.23 ? 402 LYS A C   1 
ATOM   525 O O   . LYS A 1 108 ? 1.675   3.515   12.460  1.00 18.71 ? 402 LYS A O   1 
ATOM   526 C CB  . LYS A 1 108 ? -0.274  1.803   14.423  1.00 24.17 ? 402 LYS A CB  1 
ATOM   527 C CG  . LYS A 1 108 ? 0.868   2.160   15.409  1.00 29.18 ? 402 LYS A CG  1 
ATOM   528 C CD  . LYS A 1 108 ? 0.419   1.894   16.897  0.70 32.64 ? 402 LYS A CD  1 
ATOM   529 C CE  . LYS A 1 108 ? 1.547   2.159   17.882  0.70 34.65 ? 402 LYS A CE  1 
ATOM   530 N NZ  . LYS A 1 108 ? 1.089   1.786   19.290  1.00 37.02 ? 402 LYS A NZ  1 
ATOM   531 N N   . PRO A 1 109 ? -0.506  3.988   11.975  1.00 20.07 ? 403 PRO A N   1 
ATOM   532 C CA  . PRO A 1 109 ? -0.118  5.343   11.556  1.00 19.98 ? 403 PRO A CA  1 
ATOM   533 C C   . PRO A 1 109 ? 0.603   6.074   12.714  1.00 21.39 ? 403 PRO A C   1 
ATOM   534 O O   . PRO A 1 109 ? 0.301   5.845   13.875  1.00 22.00 ? 403 PRO A O   1 
ATOM   535 C CB  . PRO A 1 109 ? -1.456  5.996   11.207  1.00 20.11 ? 403 PRO A CB  1 
ATOM   536 C CG  . PRO A 1 109 ? -2.377  4.930   10.972  1.00 18.58 ? 403 PRO A CG  1 
ATOM   537 C CD  . PRO A 1 109 ? -1.932  3.736   11.765  1.00 19.15 ? 403 PRO A CD  1 
ATOM   538 N N   . PRO A 1 110 ? 1.630   6.844   12.427  1.00 21.23 ? 404 PRO A N   1 
ATOM   539 C CA  . PRO A 1 110 ? 2.352   7.307   13.642  1.00 21.73 ? 404 PRO A CA  1 
ATOM   540 C C   . PRO A 1 110 ? 1.787   8.644   14.245  1.00 23.20 ? 404 PRO A C   1 
ATOM   541 O O   . PRO A 1 110 ? 2.507   9.358   14.990  1.00 24.41 ? 404 PRO A O   1 
ATOM   542 C CB  . PRO A 1 110 ? 3.772   7.583   13.112  1.00 21.53 ? 404 PRO A CB  1 
ATOM   543 C CG  . PRO A 1 110 ? 3.491   8.097   11.587  1.00 21.76 ? 404 PRO A CG  1 
ATOM   544 C CD  . PRO A 1 110 ? 2.317   7.134   11.157  1.00 18.91 ? 404 PRO A CD  1 
ATOM   545 N N   . SER A 1 111 ? 0.603   9.057   13.853  1.00 22.96 ? 405 SER A N   1 
ATOM   546 C CA  . SER A 1 111 ? 0.118   10.339  14.340  1.00 21.93 ? 405 SER A CA  1 
ATOM   547 C C   . SER A 1 111 ? -1.318  10.411  13.889  1.00 22.64 ? 405 SER A C   1 
ATOM   548 O O   . SER A 1 111 ? -1.729  9.709   12.948  1.00 22.94 ? 405 SER A O   1 
ATOM   549 C CB  . SER A 1 111 ? 0.955   11.461  13.813  1.00 21.39 ? 405 SER A CB  1 
ATOM   550 O OG  . SER A 1 111 ? 0.558   11.832  12.487  1.00 20.70 ? 405 SER A OG  1 
ATOM   551 N N   . GLN A 1 112 ? -2.107  11.208  14.595  1.00 19.60 ? 406 GLN A N   1 
ATOM   552 C CA  . GLN A 1 112 ? -3.508  11.433  14.240  1.00 16.22 ? 406 GLN A CA  1 
ATOM   553 C C   . GLN A 1 112 ? -3.656  11.934  12.753  1.00 15.46 ? 406 GLN A C   1 
ATOM   554 O O   . GLN A 1 112 ? -4.552  11.460  12.058  1.00 15.70 ? 406 GLN A O   1 
ATOM   555 C CB  . GLN A 1 112 ? -4.074  12.534  15.195  1.00 15.03 ? 406 GLN A CB  1 
ATOM   556 C CG  . GLN A 1 112 ? -5.485  12.899  14.856  1.00 15.36 ? 406 GLN A CG  1 
ATOM   557 C CD  . GLN A 1 112 ? -6.025  14.092  15.697  1.00 17.13 ? 406 GLN A CD  1 
ATOM   558 O OE1 . GLN A 1 112 ? -7.242  14.391  15.673  1.00 20.23 ? 406 GLN A OE1 1 
ATOM   559 N NE2 . GLN A 1 112 ? -5.143  14.765  16.410  1.00 10.14 ? 406 GLN A NE2 1 
ATOM   560 N N   . ALA A 1 113 ? -2.852  12.919  12.325  1.00 13.58 ? 407 ALA A N   1 
ATOM   561 C CA  . ALA A 1 113 ? -2.960  13.527  10.996  1.00 15.95 ? 407 ALA A CA  1 
ATOM   562 C C   . ALA A 1 113 ? -2.687  12.431  9.914   1.00 16.60 ? 407 ALA A C   1 
ATOM   563 O O   . ALA A 1 113 ? -3.385  12.377  8.911   1.00 18.63 ? 407 ALA A O   1 
ATOM   564 C CB  . ALA A 1 113 ? -1.972  14.690  10.808  1.00 13.63 ? 407 ALA A CB  1 
ATOM   565 N N   . VAL A 1 114 ? -1.701  11.568  10.139  1.00 16.99 ? 408 VAL A N   1 
ATOM   566 C CA  . VAL A 1 114 ? -1.353  10.542  9.153   1.00 16.60 ? 408 VAL A CA  1 
ATOM   567 C C   . VAL A 1 114 ? -2.414  9.467   9.124   1.00 16.97 ? 408 VAL A C   1 
ATOM   568 O O   . VAL A 1 114 ? -2.784  8.971   8.030   1.00 18.00 ? 408 VAL A O   1 
ATOM   569 C CB  . VAL A 1 114 ? 0.093   10.025  9.400   1.00 17.44 ? 408 VAL A CB  1 
ATOM   570 C CG1 . VAL A 1 114 ? 0.366   8.754   8.650   1.00 19.51 ? 408 VAL A CG1 1 
ATOM   571 C CG2 . VAL A 1 114 ? 1.086   11.194  9.005   1.00 15.67 ? 408 VAL A CG2 1 
ATOM   572 N N   . TYR A 1 115 ? -2.954  9.110   10.296  1.00 16.84 ? 409 TYR A N   1 
ATOM   573 C CA  . TYR A 1 115 ? -4.200  8.307   10.359  1.00 17.39 ? 409 TYR A CA  1 
ATOM   574 C C   . TYR A 1 115 ? -5.350  8.859   9.548   1.00 18.03 ? 409 TYR A C   1 
ATOM   575 O O   . TYR A 1 115 ? -6.067  8.141   8.786   1.00 19.85 ? 409 TYR A O   1 
ATOM   576 C CB  . TYR A 1 115 ? -4.631  7.959   11.818  1.00 19.75 ? 409 TYR A CB  1 
ATOM   577 C CG  . TYR A 1 115 ? -6.048  7.419   11.775  1.00 18.74 ? 409 TYR A CG  1 
ATOM   578 C CD1 . TYR A 1 115 ? -6.315  6.172   11.193  1.00 19.26 ? 409 TYR A CD1 1 
ATOM   579 C CD2 . TYR A 1 115 ? -7.146  8.225   12.149  1.00 22.00 ? 409 TYR A CD2 1 
ATOM   580 C CE1 . TYR A 1 115 ? -7.669  5.721   11.038  1.00 21.79 ? 409 TYR A CE1 1 
ATOM   581 C CE2 . TYR A 1 115 ? -8.502  7.761   12.029  1.00 21.45 ? 409 TYR A CE2 1 
ATOM   582 C CZ  . TYR A 1 115 ? -8.740  6.519   11.498  1.00 22.67 ? 409 TYR A CZ  1 
ATOM   583 O OH  . TYR A 1 115 ? -10.026 6.099   11.365  1.00 25.01 ? 409 TYR A OH  1 
ATOM   584 N N   . GLU A 1 116 ? -5.557  10.152  9.660   1.00 18.57 ? 410 GLU A N   1 
ATOM   585 C CA  . GLU A 1 116 ? -6.718  10.782  9.014   1.00 18.74 ? 410 GLU A CA  1 
ATOM   586 C C   . GLU A 1 116 ? -6.547  10.797  7.474   1.00 19.38 ? 410 GLU A C   1 
ATOM   587 O O   . GLU A 1 116 ? -7.570  10.875  6.712   1.00 18.94 ? 410 GLU A O   1 
ATOM   588 C CB  . GLU A 1 116 ? -6.924  12.214  9.594   1.00 18.58 ? 410 GLU A CB  1 
ATOM   589 C CG  . GLU A 1 116 ? -7.413  12.170  11.051  1.00 18.49 ? 410 GLU A CG  1 
ATOM   590 C CD  . GLU A 1 116 ? -8.838  11.617  11.146  1.00 17.55 ? 410 GLU A CD  1 
ATOM   591 O OE1 . GLU A 1 116 ? -9.217  11.088  12.206  1.00 16.18 ? 410 GLU A OE1 1 
ATOM   592 O OE2 . GLU A 1 116 ? -9.591  11.661  10.166  1.00 17.92 ? 410 GLU A OE2 1 
ATOM   593 N N   . VAL A 1 117 ? -5.269  10.803  7.013   1.00 18.31 ? 411 VAL A N   1 
ATOM   594 C CA  . VAL A 1 117 ? -5.015  10.597  5.567   1.00 16.98 ? 411 VAL A CA  1 
ATOM   595 C C   . VAL A 1 117 ? -5.405  9.136   5.215   1.00 17.84 ? 411 VAL A C   1 
ATOM   596 O O   . VAL A 1 117 ? -6.327  8.932   4.431   1.00 19.40 ? 411 VAL A O   1 
ATOM   597 C CB  . VAL A 1 117 ? -3.585  10.912  5.183   1.00 16.81 ? 411 VAL A CB  1 
ATOM   598 C CG1 . VAL A 1 117 ? -3.367  10.790  3.592   1.00 14.99 ? 411 VAL A CG1 1 
ATOM   599 C CG2 . VAL A 1 117 ? -3.288  12.364  5.557   1.00 14.41 ? 411 VAL A CG2 1 
ATOM   600 N N   . PHE A 1 118 ? -4.737  8.139   5.802   1.00 16.11 ? 412 PHE A N   1 
ATOM   601 C CA  . PHE A 1 118 ? -4.750  6.764   5.296   1.00 17.40 ? 412 PHE A CA  1 
ATOM   602 C C   . PHE A 1 118 ? -5.993  5.930   5.708   1.00 18.88 ? 412 PHE A C   1 
ATOM   603 O O   . PHE A 1 118 ? -6.141  4.760   5.342   1.00 19.00 ? 412 PHE A O   1 
ATOM   604 C CB  . PHE A 1 118 ? -3.382  6.052   5.508   1.00 16.06 ? 412 PHE A CB  1 
ATOM   605 C CG  . PHE A 1 118 ? -2.318  6.617   4.625   1.00 14.08 ? 412 PHE A CG  1 
ATOM   606 C CD1 . PHE A 1 118 ? -2.368  6.403   3.245   1.00 12.20 ? 412 PHE A CD1 1 
ATOM   607 C CD2 . PHE A 1 118 ? -1.382  7.486   5.129   1.00 11.76 ? 412 PHE A CD2 1 
ATOM   608 C CE1 . PHE A 1 118 ? -1.477  7.012   2.398   1.00 5.45  ? 412 PHE A CE1 1 
ATOM   609 C CE2 . PHE A 1 118 ? -0.411  8.089   4.311   1.00 10.76 ? 412 PHE A CE2 1 
ATOM   610 C CZ  . PHE A 1 118 ? -0.460  7.863   2.922   1.00 15.34 ? 412 PHE A CZ  1 
HETATM 611 N N   . MLY A 1 119 ? -6.925  6.563   6.441   1.00 18.40 ? 413 MLY A N   1 
HETATM 612 C CA  . MLY A 1 119 ? -8.205  5.936   6.737   1.00 17.29 ? 413 MLY A CA  1 
HETATM 613 C CB  . MLY A 1 119 ? -9.046  6.631   7.862   1.00 17.44 ? 413 MLY A CB  1 
HETATM 614 C CG  . MLY A 1 119 ? -9.629  7.997   7.416   1.00 18.84 ? 413 MLY A CG  1 
HETATM 615 C CD  . MLY A 1 119 ? -10.620 8.540   8.485   1.00 17.54 ? 413 MLY A CD  1 
HETATM 616 C CE  . MLY A 1 119 ? -10.955 9.983   8.232   1.00 19.83 ? 413 MLY A CE  1 
HETATM 617 N NZ  . MLY A 1 119 ? -12.211 10.375  8.929   1.00 23.45 ? 413 MLY A NZ  1 
HETATM 618 C CH1 . MLY A 1 119 ? -13.215 9.427   9.462   1.00 16.42 ? 413 MLY A CH1 1 
HETATM 619 C CH2 . MLY A 1 119 ? -12.372 11.811  8.963   1.00 23.65 ? 413 MLY A CH2 1 
HETATM 620 C C   . MLY A 1 119 ? -8.958  5.954   5.438   1.00 16.60 ? 413 MLY A C   1 
HETATM 621 O O   . MLY A 1 119 ? -9.934  5.273   5.284   1.00 18.18 ? 413 MLY A O   1 
ATOM   622 N N   . ASN A 1 120 ? -8.569  6.771   4.496   1.00 16.98 ? 414 ASN A N   1 
ATOM   623 C CA  . ASN A 1 120 ? -9.116  6.621   3.155   1.00 17.11 ? 414 ASN A CA  1 
ATOM   624 C C   . ASN A 1 120 ? -8.140  7.393   2.368   1.00 16.24 ? 414 ASN A C   1 
ATOM   625 O O   . ASN A 1 120 ? -7.879  8.558   2.690   1.00 17.26 ? 414 ASN A O   1 
ATOM   626 C CB  . ASN A 1 120 ? -10.565 7.114   3.079   1.00 19.15 ? 414 ASN A CB  1 
ATOM   627 C CG  . ASN A 1 120 ? -11.175 6.942   1.682   1.00 22.46 ? 414 ASN A CG  1 
ATOM   628 O OD1 . ASN A 1 120 ? -10.569 7.166   0.621   1.00 26.83 ? 414 ASN A OD1 1 
ATOM   629 N ND2 . ASN A 1 120 ? -12.411 6.537   1.699   1.00 35.78 ? 414 ASN A ND2 1 
ATOM   630 N N   . ALA A 1 121 ? -7.599  6.826   1.299   1.00 14.78 ? 415 ALA A N   1 
ATOM   631 C CA  . ALA A 1 121 ? -6.590  7.601   0.553   1.00 15.20 ? 415 ALA A CA  1 
ATOM   632 C C   . ALA A 1 121 ? -6.051  6.751   -0.606  1.00 16.25 ? 415 ALA A C   1 
ATOM   633 O O   . ALA A 1 121 ? -5.903  5.550   -0.443  1.00 17.85 ? 415 ALA A O   1 
ATOM   634 C CB  . ALA A 1 121 ? -5.397  8.174   1.348   1.00 13.79 ? 415 ALA A CB  1 
ATOM   635 N N   . PRO A 1 122 ? -5.669  7.372   -1.731  1.00 17.26 ? 416 PRO A N   1 
ATOM   636 C CA  . PRO A 1 122 ? -4.995  6.595   -2.775  1.00 17.53 ? 416 PRO A CA  1 
ATOM   637 C C   . PRO A 1 122 ? -3.493  6.449   -2.451  1.00 19.13 ? 416 PRO A C   1 
ATOM   638 O O   . PRO A 1 122 ? -2.899  7.336   -1.784  1.00 18.47 ? 416 PRO A O   1 
ATOM   639 C CB  . PRO A 1 122 ? -5.153  7.490   -4.013  1.00 17.95 ? 416 PRO A CB  1 
ATOM   640 C CG  . PRO A 1 122 ? -5.113  8.907   -3.458  1.00 17.54 ? 416 PRO A CG  1 
ATOM   641 C CD  . PRO A 1 122 ? -5.698  8.816   -2.042  1.00 16.69 ? 416 PRO A CD  1 
ATOM   642 N N   . LEU A 1 123 ? -2.864  5.377   -2.933  1.00 16.63 ? 417 LEU A N   1 
ATOM   643 C CA  . LEU A 1 123 ? -1.451  5.165   -2.671  1.00 15.24 ? 417 LEU A CA  1 
ATOM   644 C C   . LEU A 1 123 ? -0.896  4.552   -3.952  1.00 15.59 ? 417 LEU A C   1 
ATOM   645 O O   . LEU A 1 123 ? -1.396  3.523   -4.359  1.00 14.07 ? 417 LEU A O   1 
ATOM   646 C CB  . LEU A 1 123 ? -1.287  4.136   -1.540  1.00 15.14 ? 417 LEU A CB  1 
ATOM   647 C CG  . LEU A 1 123 ? 0.190   3.809   -1.212  1.00 14.69 ? 417 LEU A CG  1 
ATOM   648 C CD1 . LEU A 1 123 ? 0.888   4.992   -0.533  1.00 10.36 ? 417 LEU A CD1 1 
ATOM   649 C CD2 . LEU A 1 123 ? 0.279   2.566   -0.364  1.00 15.49 ? 417 LEU A CD2 1 
ATOM   650 N N   . ASP A 1 124 ? 0.127   5.142   -4.558  1.00 14.05 ? 418 ASP A N   1 
ATOM   651 C CA  . ASP A 1 124 ? 0.746   4.551   -5.738  1.00 16.55 ? 418 ASP A CA  1 
ATOM   652 C C   . ASP A 1 124 ? 1.750   3.467   -5.297  1.00 16.35 ? 418 ASP A C   1 
ATOM   653 O O   . ASP A 1 124 ? 2.699   3.765   -4.578  1.00 18.26 ? 418 ASP A O   1 
ATOM   654 C CB  . ASP A 1 124 ? 1.594   5.581   -6.465  1.00 15.98 ? 418 ASP A CB  1 
ATOM   655 C CG  . ASP A 1 124 ? 0.778   6.682   -7.095  1.00 21.23 ? 418 ASP A CG  1 
ATOM   656 O OD1 . ASP A 1 124 ? 1.438   7.704   -7.462  1.00 22.69 ? 418 ASP A OD1 1 
ATOM   657 O OD2 . ASP A 1 124 ? -0.459  6.516   -7.249  1.00 18.80 ? 418 ASP A OD2 1 
ATOM   658 N N   . PHE A 1 125 ? 1.548   2.234   -5.723  1.00 16.04 ? 419 PHE A N   1 
ATOM   659 C CA  . PHE A 1 125 ? 2.493   1.168   -5.534  1.00 14.68 ? 419 PHE A CA  1 
ATOM   660 C C   . PHE A 1 125 ? 3.390   1.060   -6.813  1.00 16.91 ? 419 PHE A C   1 
ATOM   661 O O   . PHE A 1 125 ? 2.881   0.756   -7.911  1.00 17.00 ? 419 PHE A O   1 
ATOM   662 C CB  . PHE A 1 125 ? 1.737   -0.122  -5.345  1.00 12.30 ? 419 PHE A CB  1 
ATOM   663 C CG  . PHE A 1 125 ? 2.652   -1.283  -5.011  1.00 14.76 ? 419 PHE A CG  1 
ATOM   664 C CD1 . PHE A 1 125 ? 3.399   -1.275  -3.808  1.00 13.38 ? 419 PHE A CD1 1 
ATOM   665 C CD2 . PHE A 1 125 ? 2.814   -2.351  -5.890  1.00 16.33 ? 419 PHE A CD2 1 
ATOM   666 C CE1 . PHE A 1 125 ? 4.269   -2.340  -3.489  1.00 14.33 ? 419 PHE A CE1 1 
ATOM   667 C CE2 . PHE A 1 125 ? 3.668   -3.400  -5.583  1.00 15.36 ? 419 PHE A CE2 1 
ATOM   668 C CZ  . PHE A 1 125 ? 4.407   -3.397  -4.392  1.00 17.34 ? 419 PHE A CZ  1 
ATOM   669 N N   . LYS A 1 126 ? 4.698   1.283   -6.700  1.00 17.14 ? 420 LYS A N   1 
ATOM   670 C CA  . LYS A 1 126 ? 5.544   1.295   -7.881  1.00 18.53 ? 420 LYS A CA  1 
ATOM   671 C C   . LYS A 1 126 ? 6.719   0.396   -7.649  1.00 18.51 ? 420 LYS A C   1 
ATOM   672 O O   . LYS A 1 126 ? 7.743   0.902   -7.187  1.00 19.33 ? 420 LYS A O   1 
ATOM   673 C CB  . LYS A 1 126 ? 6.152   2.684   -8.133  1.00 20.29 ? 420 LYS A CB  1 
ATOM   674 C CG  . LYS A 1 126 ? 5.145   3.813   -8.196  1.00 24.56 ? 420 LYS A CG  1 
ATOM   675 C CD  . LYS A 1 126 ? 5.861   5.163   -8.471  0.70 31.94 ? 420 LYS A CD  1 
ATOM   676 C CE  . LYS A 1 126 ? 5.078   6.344   -7.821  1.00 37.05 ? 420 LYS A CE  1 
ATOM   677 N NZ  . LYS A 1 126 ? 5.954   7.597   -7.633  1.00 40.30 ? 420 LYS A NZ  1 
ATOM   678 N N   . PRO A 1 127 ? 6.632   -0.928  -7.984  1.00 18.19 ? 421 PRO A N   1 
ATOM   679 C CA  . PRO A 1 127 ? 7.769   -1.814  -7.635  1.00 18.49 ? 421 PRO A CA  1 
ATOM   680 C C   . PRO A 1 127 ? 9.076   -1.555  -8.433  1.00 20.48 ? 421 PRO A C   1 
ATOM   681 O O   . PRO A 1 127 ? 9.126   -0.745  -9.416  1.00 20.10 ? 421 PRO A O   1 
ATOM   682 C CB  . PRO A 1 127 ? 7.214   -3.216  -7.859  1.00 17.48 ? 421 PRO A CB  1 
ATOM   683 C CG  . PRO A 1 127 ? 6.033   -3.074  -8.738  1.00 17.07 ? 421 PRO A CG  1 
ATOM   684 C CD  . PRO A 1 127 ? 5.553   -1.635  -8.690  1.00 18.08 ? 421 PRO A CD  1 
ATOM   685 O OXT . PRO A 1 127 ? 10.165  -2.134  -8.123  1.00 22.77 ? 421 PRO A OXT 1 
HETATM 686 N N   . NO3 B 2 .   ? -13.616 9.386   4.898   1.00 47.87 ? 501 NO3 A N   1 
HETATM 687 O O1  . NO3 B 2 .   ? -13.630 8.007   4.979   1.00 49.15 ? 501 NO3 A O1  1 
HETATM 688 O O2  . NO3 B 2 .   ? -13.125 10.076  3.822   1.00 46.01 ? 501 NO3 A O2  1 
HETATM 689 O O3  . NO3 B 2 .   ? -14.152 10.123  5.929   1.00 51.47 ? 501 NO3 A O3  1 
HETATM 690 N N   . NO3 C 2 .   ? 1.565   8.232   -3.695  1.00 44.98 ? 502 NO3 A N   1 
HETATM 691 O O1  . NO3 C 2 .   ? 1.909   7.015   -3.139  1.00 44.63 ? 502 NO3 A O1  1 
HETATM 692 O O2  . NO3 C 2 .   ? 0.267   8.532   -4.034  1.00 49.11 ? 502 NO3 A O2  1 
HETATM 693 O O3  . NO3 C 2 .   ? 2.523   9.193   -3.965  1.00 46.41 ? 502 NO3 A O3  1 
HETATM 694 O O   . HOH D 3 .   ? 9.609   4.922   4.429   1.00 7.75  ? 1   HOH A O   1 
HETATM 695 O O   . HOH D 3 .   ? 10.382  5.762   1.848   1.00 26.31 ? 2   HOH A O   1 
HETATM 696 O O   . HOH D 3 .   ? 6.726   -1.181  6.470   1.00 26.60 ? 3   HOH A O   1 
HETATM 697 O O   . HOH D 3 .   ? 8.948   2.186   0.120   1.00 25.96 ? 4   HOH A O   1 
HETATM 698 O O   . HOH D 3 .   ? 6.082   1.410   -4.189  1.00 17.11 ? 5   HOH A O   1 
HETATM 699 O O   . HOH D 3 .   ? 4.242   -6.860  5.456   1.00 19.31 ? 6   HOH A O   1 
HETATM 700 O O   . HOH D 3 .   ? -1.746  -4.402  9.048   1.00 23.02 ? 7   HOH A O   1 
HETATM 701 O O   . HOH D 3 .   ? 9.556   -4.294  1.186   1.00 30.63 ? 8   HOH A O   1 
HETATM 702 O O   . HOH D 3 .   ? 11.238  -8.963  -6.662  1.00 31.59 ? 9   HOH A O   1 
HETATM 703 O O   . HOH D 3 .   ? 9.446   -9.335  -4.469  1.00 25.73 ? 10  HOH A O   1 
HETATM 704 O O   . HOH D 3 .   ? 5.148   -11.454 -9.671  1.00 26.44 ? 11  HOH A O   1 
HETATM 705 O O   . HOH D 3 .   ? 3.992   3.530   13.117  1.00 33.84 ? 12  HOH A O   1 
HETATM 706 O O   . HOH D 3 .   ? -11.250 11.732  5.217   1.00 18.39 ? 13  HOH A O   1 
HETATM 707 O O   . HOH D 3 .   ? -8.531  10.922  4.131   1.00 25.94 ? 14  HOH A O   1 
HETATM 708 O O   . HOH D 3 .   ? 7.385   7.900   0.642   1.00 33.63 ? 15  HOH A O   1 
HETATM 709 O O   . HOH D 3 .   ? -10.881 1.545   -0.707  1.00 30.91 ? 16  HOH A O   1 
HETATM 710 O O   . HOH D 3 .   ? -2.939  -6.118  5.203   1.00 27.80 ? 17  HOH A O   1 
HETATM 711 O O   . HOH D 3 .   ? 3.284   -0.401  14.421  1.00 24.13 ? 18  HOH A O   1 
HETATM 712 O O   . HOH D 3 .   ? 7.129   -6.267  6.409   1.00 41.47 ? 19  HOH A O   1 
HETATM 713 O O   . HOH D 3 .   ? 7.196   0.508   -11.104 1.00 29.88 ? 20  HOH A O   1 
HETATM 714 O O   . HOH D 3 .   ? -11.744 4.262   6.726   1.00 35.57 ? 21  HOH A O   1 
HETATM 715 O O   . HOH D 3 .   ? -10.582 3.902   9.206   1.00 25.96 ? 22  HOH A O   1 
HETATM 716 O O   . HOH D 3 .   ? -5.067  4.667   -15.498 1.00 18.78 ? 23  HOH A O   1 
HETATM 717 O O   . HOH D 3 .   ? 8.191   -3.958  5.489   1.00 40.98 ? 24  HOH A O   1 
HETATM 718 O O   . HOH D 3 .   ? 2.288   13.516  11.376  1.00 24.13 ? 25  HOH A O   1 
HETATM 719 O O   . HOH D 3 .   ? 3.471   14.375  8.313   1.00 5.31  ? 26  HOH A O   1 
HETATM 720 O O   . HOH D 3 .   ? 3.193   16.935  7.111   1.00 9.48  ? 27  HOH A O   1 
HETATM 721 O O   . HOH D 3 .   ? 5.347   16.680  5.282   1.00 11.09 ? 28  HOH A O   1 
HETATM 722 O O   . HOH D 3 .   ? 8.211   -0.571  -2.069  1.00 37.74 ? 29  HOH A O   1 
HETATM 723 O O   . HOH D 3 .   ? 7.842   3.216   -4.074  1.00 27.08 ? 30  HOH A O   1 
HETATM 724 O O   . HOH D 3 .   ? 9.396   12.783  11.752  1.00 27.41 ? 31  HOH A O   1 
HETATM 725 O O   . HOH D 3 .   ? 12.742  10.830  10.247  1.00 27.62 ? 32  HOH A O   1 
HETATM 726 O O   . HOH D 3 .   ? 0.704   -10.199 -14.251 1.00 20.84 ? 33  HOH A O   1 
HETATM 727 O O   . HOH D 3 .   ? -1.606  9.526   17.377  1.00 35.90 ? 34  HOH A O   1 
HETATM 728 O O   . HOH D 3 .   ? 6.501   15.856  9.272   1.00 21.97 ? 35  HOH A O   1 
HETATM 729 O O   . HOH D 3 .   ? 4.389   18.032  9.444   1.00 17.80 ? 36  HOH A O   1 
HETATM 730 O O   . HOH D 3 .   ? 9.755   2.081   4.418   1.00 28.73 ? 37  HOH A O   1 
HETATM 731 O O   . HOH D 3 .   ? -13.259 6.562   7.385   1.00 41.75 ? 38  HOH A O   1 
HETATM 732 O O   . HOH D 3 .   ? 10.168  -1.549  -0.664  1.00 36.59 ? 39  HOH A O   1 
HETATM 733 O O   . HOH D 3 .   ? -3.100  -12.638 -1.312  1.00 32.48 ? 40  HOH A O   1 
HETATM 734 O O   . HOH D 3 .   ? 8.341   5.283   -5.672  1.00 30.35 ? 41  HOH A O   1 
HETATM 735 O O   . HOH D 3 .   ? 11.490  -10.561 -11.902 1.00 39.97 ? 42  HOH A O   1 
HETATM 736 O O   . HOH D 3 .   ? -16.151 9.518   7.803   1.00 38.39 ? 43  HOH A O   1 
# 
